data_5GYK
#
_entry.id   5GYK
#
_cell.length_a   109.239
_cell.length_b   148.243
_cell.length_c   212.394
_cell.angle_alpha   90.00
_cell.angle_beta   90.00
_cell.angle_gamma   90.00
#
_symmetry.space_group_name_H-M   'P 21 21 21'
#
loop_
_entity.id
_entity.type
_entity.pdbx_description
1 polymer 'Mitochondrial distribution and morphology protein 12'
2 non-polymer 1,2-dioleoyl-sn-glycero-3-phosphoethanolamine
#
_entity_poly.entity_id   1
_entity_poly.type   'polypeptide(L)'
_entity_poly.pdbx_seq_one_letter_code
;GMSFDINWSTLESDNRLNDLIRKHLNSYLQNTQLPSYVSNLRVLDFDLGKVGPAITLKEITDPLDEFYDSIREEGGSGGS
PNDIQFLLEVEYKGDLLVTIGADLVLNYPVEKFMTLPVKLSISDIGLHSLCIVACLSKQLFLSFLCDVSDPALDDNQTVL
DPKGPILAATKPLERISIVRSMKIETEIGEQYQGQGSVLRSVGELEQFLFTIFKDFLRKELAWPSWINLDFNDGDE
;
_entity_poly.pdbx_strand_id   A,B,C,D,E,F
#
loop_
_chem_comp.id
_chem_comp.type
_chem_comp.name
_chem_comp.formula
PEE non-polymer 1,2-dioleoyl-sn-glycero-3-phosphoethanolamine 'C41 H78 N O8 P'
#
# COMPACT_ATOMS: atom_id res chain seq x y z
N GLY A 1 18.58 -63.91 9.53
CA GLY A 1 17.37 -63.48 10.19
C GLY A 1 17.11 -62.00 9.99
N MET A 2 16.65 -61.33 11.05
CA MET A 2 16.42 -59.88 11.03
C MET A 2 16.52 -59.31 12.43
N SER A 3 17.23 -58.20 12.56
CA SER A 3 17.57 -57.64 13.88
C SER A 3 16.45 -56.80 14.50
N PHE A 4 15.96 -57.25 15.66
CA PHE A 4 14.96 -56.51 16.42
C PHE A 4 15.50 -56.01 17.75
N ASP A 5 15.00 -54.86 18.19
CA ASP A 5 15.19 -54.39 19.56
C ASP A 5 13.84 -54.33 20.25
N ILE A 6 13.59 -55.24 21.17
CA ILE A 6 12.30 -55.28 21.87
C ILE A 6 12.40 -54.66 23.26
N ASN A 7 11.45 -53.78 23.56
CA ASN A 7 11.42 -53.08 24.84
C ASN A 7 10.04 -53.16 25.50
N TRP A 8 10.00 -53.66 26.72
CA TRP A 8 8.73 -53.82 27.44
C TRP A 8 8.72 -53.02 28.74
N SER A 9 9.26 -51.81 28.67
CA SER A 9 9.35 -50.87 29.78
C SER A 9 7.98 -50.45 30.30
N THR A 10 7.03 -50.27 29.39
CA THR A 10 5.70 -49.78 29.75
C THR A 10 5.11 -50.78 30.74
N LEU A 11 5.41 -52.06 30.51
CA LEU A 11 5.08 -53.11 31.46
C LEU A 11 6.38 -53.46 32.17
N GLU A 12 6.37 -53.35 33.50
CA GLU A 12 7.57 -53.54 34.29
C GLU A 12 8.07 -54.98 34.31
N SER A 13 9.38 -55.15 34.45
CA SER A 13 10.32 -54.03 34.42
C SER A 13 11.74 -54.53 34.17
N ASP A 14 12.65 -53.63 33.76
CA ASP A 14 14.06 -54.00 33.77
C ASP A 14 14.55 -54.19 35.20
N ASN A 15 14.11 -53.29 36.08
CA ASN A 15 14.28 -53.40 37.51
C ASN A 15 13.45 -54.51 38.16
N ARG A 16 12.14 -54.47 37.95
CA ARG A 16 11.23 -55.39 38.63
C ARG A 16 11.30 -56.82 38.09
N LEU A 17 11.53 -56.97 36.80
CA LEU A 17 11.74 -58.31 36.24
C LEU A 17 13.02 -58.90 36.81
N ASN A 18 14.11 -58.12 36.76
CA ASN A 18 15.38 -58.55 37.32
C ASN A 18 15.24 -58.94 38.79
N ASP A 19 14.49 -58.15 39.55
CA ASP A 19 14.33 -58.40 40.97
C ASP A 19 13.40 -59.58 41.25
N LEU A 20 12.50 -59.87 40.33
CA LEU A 20 11.64 -61.04 40.45
C LEU A 20 12.48 -62.29 40.30
N ILE A 21 13.23 -62.33 39.20
CA ILE A 21 14.15 -63.43 38.94
C ILE A 21 15.13 -63.60 40.10
N ARG A 22 15.64 -62.48 40.60
CA ARG A 22 16.55 -62.50 41.74
C ARG A 22 15.90 -63.10 42.97
N LYS A 23 14.67 -62.70 43.25
CA LYS A 23 13.96 -63.18 44.44
C LYS A 23 13.73 -64.68 44.37
N HIS A 24 13.38 -65.18 43.18
CA HIS A 24 13.10 -66.62 43.08
C HIS A 24 14.38 -67.46 42.99
N LEU A 25 15.46 -66.87 42.48
CA LEU A 25 16.75 -67.56 42.47
C LEU A 25 17.28 -67.66 43.89
N ASN A 26 17.13 -66.58 44.65
CA ASN A 26 17.43 -66.59 46.07
C ASN A 26 16.56 -67.61 46.78
N SER A 27 15.31 -67.70 46.34
CA SER A 27 14.37 -68.66 46.90
C SER A 27 14.86 -70.09 46.67
N TYR A 28 15.49 -70.30 45.52
CA TYR A 28 16.04 -71.61 45.19
C TYR A 28 17.29 -71.91 46.00
N LEU A 29 18.19 -70.93 46.09
CA LEU A 29 19.45 -71.07 46.81
C LEU A 29 19.24 -71.32 48.30
N GLN A 30 18.41 -70.49 48.92
CA GLN A 30 18.14 -70.62 50.34
C GLN A 30 17.40 -71.92 50.65
N ASN A 31 16.84 -72.55 49.62
CA ASN A 31 16.12 -73.80 49.84
C ASN A 31 16.88 -75.01 49.30
N THR A 32 18.16 -74.83 48.99
CA THR A 32 18.98 -75.97 48.60
C THR A 32 19.98 -76.30 49.70
N GLN A 33 20.20 -77.59 49.93
CA GLN A 33 21.10 -78.05 50.98
C GLN A 33 22.54 -77.78 50.59
N LEU A 34 23.34 -77.32 51.55
CA LEU A 34 24.69 -76.87 51.26
C LEU A 34 25.77 -77.81 51.77
N PRO A 35 26.89 -77.92 51.02
CA PRO A 35 28.09 -78.64 51.41
C PRO A 35 28.71 -78.09 52.70
N SER A 36 29.74 -78.78 53.17
CA SER A 36 30.44 -78.36 54.39
C SER A 36 31.29 -77.11 54.16
N TYR A 37 31.77 -76.93 52.94
CA TYR A 37 32.70 -75.84 52.65
C TYR A 37 32.01 -74.51 52.32
N VAL A 38 30.69 -74.54 52.08
CA VAL A 38 29.97 -73.30 51.87
C VAL A 38 28.81 -73.17 52.87
N SER A 39 28.83 -72.06 53.60
CA SER A 39 27.91 -71.79 54.69
C SER A 39 26.63 -71.10 54.24
N ASN A 40 26.75 -70.24 53.24
CA ASN A 40 25.66 -69.36 52.87
C ASN A 40 25.72 -68.95 51.40
N LEU A 41 24.62 -69.17 50.69
CA LEU A 41 24.51 -68.75 49.29
C LEU A 41 23.37 -67.75 49.11
N ARG A 42 23.66 -66.65 48.44
CA ARG A 42 22.69 -65.57 48.27
C ARG A 42 22.91 -64.87 46.94
N VAL A 43 21.85 -64.28 46.41
CA VAL A 43 21.94 -63.56 45.13
C VAL A 43 22.11 -62.07 45.37
N LEU A 44 23.29 -61.54 45.04
CA LEU A 44 23.57 -60.13 45.22
C LEU A 44 22.85 -59.30 44.17
N ASP A 45 23.03 -59.64 42.90
CA ASP A 45 22.35 -58.93 41.83
C ASP A 45 22.06 -59.80 40.62
N PHE A 46 20.98 -59.51 39.92
CA PHE A 46 20.67 -60.21 38.69
C PHE A 46 20.41 -59.22 37.57
N ASP A 47 20.88 -59.56 36.36
CA ASP A 47 20.71 -58.69 35.21
C ASP A 47 20.50 -59.51 33.94
N LEU A 48 19.29 -59.47 33.40
CA LEU A 48 18.94 -60.28 32.23
C LEU A 48 19.77 -59.88 31.02
N GLY A 49 20.09 -58.59 30.93
CA GLY A 49 20.99 -58.11 29.89
C GLY A 49 20.33 -57.28 28.80
N LYS A 50 21.16 -56.74 27.91
CA LYS A 50 20.70 -55.95 26.77
C LYS A 50 20.77 -56.79 25.48
N VAL A 51 21.26 -58.01 25.59
CA VAL A 51 21.38 -58.90 24.45
C VAL A 51 20.50 -60.13 24.61
N GLY A 52 19.67 -60.40 23.60
CA GLY A 52 18.76 -61.54 23.63
C GLY A 52 19.26 -62.70 22.79
N PRO A 53 18.36 -63.67 22.53
CA PRO A 53 18.69 -64.89 21.80
C PRO A 53 18.43 -64.78 20.30
N ALA A 54 19.04 -65.70 19.54
CA ALA A 54 18.72 -65.83 18.11
C ALA A 54 17.61 -66.86 17.96
N ILE A 55 16.44 -66.40 17.53
CA ILE A 55 15.27 -67.27 17.43
C ILE A 55 15.00 -67.67 15.98
N THR A 56 14.87 -68.96 15.73
CA THR A 56 14.55 -69.43 14.39
C THR A 56 13.21 -70.14 14.42
N LEU A 57 12.30 -69.74 13.54
CA LEU A 57 11.01 -70.40 13.51
C LEU A 57 11.22 -71.83 13.06
N LYS A 58 10.63 -72.76 13.79
CA LYS A 58 10.71 -74.17 13.44
C LYS A 58 9.33 -74.79 13.43
N GLU A 59 8.55 -74.44 12.41
CA GLU A 59 7.20 -74.95 12.27
C GLU A 59 6.21 -74.17 13.13
N ILE A 60 4.96 -74.61 13.12
CA ILE A 60 3.91 -74.01 13.91
C ILE A 60 2.76 -75.00 14.06
N THR A 61 2.04 -74.93 15.16
CA THR A 61 0.90 -75.83 15.35
C THR A 61 -0.10 -75.28 16.38
N ASP A 62 -1.20 -75.99 16.55
CA ASP A 62 -2.10 -75.71 17.66
C ASP A 62 -1.46 -76.23 18.94
N PRO A 63 -1.74 -75.58 20.07
CA PRO A 63 -1.12 -75.94 21.35
C PRO A 63 -1.41 -77.37 21.79
N LEU A 64 -0.46 -77.96 22.53
CA LEU A 64 -0.61 -79.30 23.06
C LEU A 64 -1.81 -79.35 24.00
N ASP A 65 -2.47 -80.49 24.09
CA ASP A 65 -3.69 -80.62 24.89
C ASP A 65 -3.42 -80.49 26.38
N GLU A 66 -2.14 -80.67 26.75
CA GLU A 66 -1.70 -80.53 28.12
C GLU A 66 -1.98 -79.12 28.62
N PHE A 67 -1.88 -78.15 27.72
CA PHE A 67 -2.26 -76.78 28.04
C PHE A 67 -3.74 -76.70 28.36
N TYR A 68 -4.55 -77.35 27.54
CA TYR A 68 -6.00 -77.25 27.65
C TYR A 68 -6.57 -77.94 28.89
N ASP A 69 -5.87 -78.94 29.42
CA ASP A 69 -6.30 -79.51 30.70
C ASP A 69 -5.64 -78.70 31.81
N SER A 70 -4.46 -78.15 31.52
CA SER A 70 -3.85 -77.16 32.42
C SER A 70 -4.65 -75.86 32.33
N ILE A 71 -5.80 -75.93 31.68
CA ILE A 71 -6.78 -74.86 31.69
C ILE A 71 -8.18 -75.48 31.96
N ARG A 72 -8.27 -76.80 32.07
CA ARG A 72 -9.51 -77.38 32.59
C ARG A 72 -9.37 -77.25 34.09
N GLU A 73 -8.11 -77.30 34.55
CA GLU A 73 -7.59 -76.46 35.62
C GLU A 73 -8.59 -75.59 36.38
N GLU A 74 -9.28 -74.77 35.58
CA GLU A 74 -9.71 -73.43 35.95
C GLU A 74 -10.98 -73.29 36.81
N SER A 80 -10.67 -72.79 22.90
CA SER A 80 -10.68 -71.33 22.77
C SER A 80 -10.06 -70.84 21.45
N PRO A 81 -10.59 -71.29 20.31
CA PRO A 81 -9.95 -70.99 19.02
C PRO A 81 -10.03 -69.50 18.63
N ASN A 82 -8.99 -69.00 17.97
CA ASN A 82 -7.82 -69.82 17.66
C ASN A 82 -6.58 -69.44 18.46
N ASP A 83 -6.27 -70.28 19.45
CA ASP A 83 -4.99 -70.22 20.16
C ASP A 83 -3.90 -70.71 19.21
N ILE A 84 -2.62 -70.49 19.54
CA ILE A 84 -1.56 -70.97 18.64
C ILE A 84 -0.22 -71.23 19.34
N GLN A 85 0.58 -72.16 18.80
CA GLN A 85 1.82 -72.46 19.49
C GLN A 85 2.95 -72.30 18.46
N PHE A 86 4.04 -71.67 18.85
CA PHE A 86 5.23 -71.62 18.00
C PHE A 86 6.26 -72.62 18.51
N LEU A 87 6.92 -73.32 17.59
CA LEU A 87 8.04 -74.19 17.95
C LEU A 87 9.34 -73.53 17.48
N LEU A 88 10.14 -73.10 18.45
CA LEU A 88 11.29 -72.22 18.20
C LEU A 88 12.63 -72.88 18.45
N GLU A 89 13.57 -72.69 17.54
CA GLU A 89 14.96 -73.01 17.79
C GLU A 89 15.65 -71.78 18.39
N VAL A 90 15.88 -71.81 19.70
CA VAL A 90 16.44 -70.67 20.40
C VAL A 90 17.92 -70.86 20.69
N GLU A 91 18.73 -69.89 20.28
CA GLU A 91 20.17 -69.92 20.53
C GLU A 91 20.61 -68.69 21.32
N TYR A 92 20.72 -68.85 22.63
CA TYR A 92 21.15 -67.77 23.50
C TYR A 92 22.63 -67.85 23.86
N LYS A 93 23.36 -66.78 23.55
CA LYS A 93 24.70 -66.59 24.04
C LYS A 93 24.82 -65.11 24.32
N GLY A 94 23.90 -64.61 25.14
CA GLY A 94 23.83 -63.21 25.46
C GLY A 94 24.54 -62.87 26.75
N ASP A 95 24.20 -61.70 27.29
CA ASP A 95 24.92 -61.12 28.41
C ASP A 95 24.16 -61.24 29.73
N LEU A 96 23.57 -62.40 29.98
CA LEU A 96 22.93 -62.64 31.26
C LEU A 96 24.02 -62.59 32.32
N LEU A 97 23.75 -61.89 33.42
CA LEU A 97 24.74 -61.77 34.48
C LEU A 97 24.16 -61.98 35.87
N VAL A 98 24.72 -62.96 36.58
CA VAL A 98 24.32 -63.23 37.96
C VAL A 98 25.48 -62.98 38.91
N THR A 99 25.26 -62.11 39.88
CA THR A 99 26.24 -61.84 40.92
C THR A 99 25.78 -62.47 42.23
N ILE A 100 26.53 -63.47 42.68
CA ILE A 100 26.14 -64.32 43.80
C ILE A 100 27.13 -64.24 44.96
N GLY A 101 26.62 -63.95 46.15
CA GLY A 101 27.46 -63.94 47.33
C GLY A 101 27.56 -65.32 47.95
N ALA A 102 28.74 -65.66 48.45
CA ALA A 102 28.94 -66.94 49.11
C ALA A 102 29.79 -66.78 50.37
N ASP A 103 29.54 -67.63 51.36
CA ASP A 103 30.39 -67.69 52.54
C ASP A 103 31.20 -68.97 52.52
N LEU A 104 32.50 -68.84 52.34
CA LEU A 104 33.39 -69.98 52.18
C LEU A 104 33.79 -70.55 53.53
N VAL A 105 33.71 -71.86 53.72
CA VAL A 105 34.18 -72.45 54.96
C VAL A 105 35.53 -73.12 54.80
N LEU A 106 36.50 -72.65 55.58
CA LEU A 106 37.84 -73.21 55.61
C LEU A 106 38.14 -73.78 57.00
N ASN A 107 38.51 -75.05 57.09
CA ASN A 107 39.00 -75.59 58.36
C ASN A 107 40.24 -76.45 58.18
N TYR A 108 41.36 -75.80 57.93
CA TYR A 108 42.61 -76.47 57.61
C TYR A 108 43.35 -76.90 58.92
N PRO A 109 44.05 -75.99 59.58
CA PRO A 109 44.45 -76.22 60.98
C PRO A 109 43.20 -76.19 61.87
N VAL A 110 43.16 -77.04 62.88
CA VAL A 110 42.03 -77.09 63.84
C VAL A 110 40.65 -77.39 63.22
N GLU A 111 39.66 -76.58 63.59
CA GLU A 111 38.27 -76.82 63.22
C GLU A 111 37.57 -75.56 62.71
N LYS A 112 36.50 -75.73 61.94
CA LYS A 112 35.85 -74.58 61.27
C LYS A 112 36.66 -73.28 61.24
N PHE A 113 37.97 -73.40 61.00
CA PHE A 113 38.93 -72.32 61.29
C PHE A 113 38.49 -70.91 60.90
N MET A 114 37.94 -70.75 59.71
CA MET A 114 37.64 -69.43 59.18
C MET A 114 36.50 -69.49 58.17
N THR A 115 35.72 -68.41 58.09
CA THR A 115 34.77 -68.27 56.99
C THR A 115 35.08 -67.00 56.21
N LEU A 116 34.87 -67.07 54.90
CA LEU A 116 35.35 -66.06 53.97
C LEU A 116 34.22 -65.51 53.11
N PRO A 117 33.83 -64.26 53.34
CA PRO A 117 32.98 -63.58 52.36
C PRO A 117 33.61 -63.62 50.97
N VAL A 118 32.86 -64.10 49.98
CA VAL A 118 33.37 -64.37 48.65
C VAL A 118 32.32 -63.98 47.60
N LYS A 119 32.76 -63.46 46.46
CA LYS A 119 31.80 -62.98 45.47
C LYS A 119 31.97 -63.63 44.09
N LEU A 120 30.92 -64.27 43.58
CA LEU A 120 31.01 -64.99 42.31
C LEU A 120 30.19 -64.35 41.19
N SER A 121 30.68 -64.51 39.96
CA SER A 121 30.05 -63.92 38.79
C SER A 121 29.78 -64.95 37.71
N ILE A 122 28.50 -65.31 37.57
CA ILE A 122 28.03 -66.19 36.50
C ILE A 122 27.71 -65.36 35.27
N SER A 123 28.27 -65.77 34.13
CA SER A 123 28.10 -65.02 32.89
C SER A 123 28.26 -65.91 31.67
N ASP A 124 27.97 -65.34 30.51
CA ASP A 124 28.18 -66.00 29.22
C ASP A 124 27.49 -67.36 29.16
N ILE A 125 26.21 -67.39 29.52
CA ILE A 125 25.46 -68.62 29.53
C ILE A 125 25.13 -69.07 28.12
N GLY A 126 25.76 -70.16 27.68
CA GLY A 126 25.49 -70.73 26.38
C GLY A 126 24.21 -71.54 26.39
N LEU A 127 23.49 -71.52 25.28
CA LEU A 127 22.19 -72.17 25.19
C LEU A 127 21.78 -72.38 23.74
N HIS A 128 21.37 -73.60 23.43
CA HIS A 128 20.84 -73.94 22.12
C HIS A 128 19.79 -75.02 22.31
N SER A 129 18.53 -74.64 22.15
CA SER A 129 17.44 -75.50 22.57
C SER A 129 16.17 -75.34 21.75
N LEU A 130 15.26 -76.28 21.92
CA LEU A 130 13.92 -76.18 21.33
C LEU A 130 12.92 -75.77 22.39
N CYS A 131 12.26 -74.65 22.12
CA CYS A 131 11.24 -74.10 23.02
C CYS A 131 9.90 -74.08 22.31
N ILE A 132 8.84 -74.05 23.10
CA ILE A 132 7.52 -73.83 22.54
C ILE A 132 6.85 -72.66 23.23
N VAL A 133 6.29 -71.74 22.44
CA VAL A 133 5.57 -70.61 23.01
C VAL A 133 4.10 -70.68 22.62
N ALA A 134 3.25 -71.05 23.59
CA ALA A 134 1.81 -71.16 23.42
C ALA A 134 1.08 -69.91 23.86
N CYS A 135 0.14 -69.46 23.03
CA CYS A 135 -0.74 -68.40 23.46
C CYS A 135 -2.19 -68.85 23.35
N LEU A 136 -2.85 -68.86 24.52
CA LEU A 136 -4.27 -69.12 24.65
C LEU A 136 -4.88 -67.92 25.36
N SER A 137 -6.14 -67.61 25.07
CA SER A 137 -6.86 -66.56 25.79
C SER A 137 -6.88 -66.82 27.31
N LYS A 138 -6.23 -65.95 28.08
CA LYS A 138 -5.62 -64.73 27.55
C LYS A 138 -4.10 -64.86 27.72
N GLN A 139 -3.68 -66.08 28.06
CA GLN A 139 -2.37 -66.35 28.63
C GLN A 139 -1.29 -66.79 27.63
N LEU A 140 -0.06 -66.41 27.93
CA LEU A 140 1.08 -66.77 27.09
C LEU A 140 1.99 -67.70 27.86
N PHE A 141 2.29 -68.85 27.26
CA PHE A 141 3.06 -69.89 27.93
C PHE A 141 4.36 -70.17 27.21
N LEU A 142 5.48 -70.01 27.91
CA LEU A 142 6.76 -70.40 27.31
C LEU A 142 7.38 -71.54 28.09
N SER A 143 7.94 -72.51 27.37
CA SER A 143 8.65 -73.61 27.99
C SER A 143 9.77 -74.11 27.08
N PHE A 144 10.91 -74.44 27.69
CA PHE A 144 12.01 -75.07 26.97
C PHE A 144 11.80 -76.56 26.95
N LEU A 145 11.56 -77.11 25.77
CA LEU A 145 11.36 -78.55 25.63
C LEU A 145 12.68 -79.30 25.69
N CYS A 146 13.54 -79.02 24.72
CA CYS A 146 14.63 -79.93 24.43
C CYS A 146 15.94 -79.21 24.20
N ASP A 147 17.04 -79.96 24.16
CA ASP A 147 18.29 -79.43 23.64
C ASP A 147 18.38 -79.88 22.19
N VAL A 148 18.91 -79.01 21.33
CA VAL A 148 18.95 -79.29 19.90
C VAL A 148 19.66 -80.62 19.58
N SER A 149 20.72 -80.92 20.32
CA SER A 149 21.53 -82.11 20.05
C SER A 149 21.18 -83.24 21.00
N ASP A 150 19.94 -83.29 21.45
CA ASP A 150 19.55 -84.37 22.36
C ASP A 150 19.34 -85.65 21.56
N PRO A 151 19.80 -86.79 22.10
CA PRO A 151 19.76 -88.05 21.35
C PRO A 151 18.37 -88.54 20.95
N ALA A 152 17.32 -88.06 21.60
CA ALA A 152 15.97 -88.53 21.27
C ALA A 152 15.37 -87.70 20.14
N LEU A 153 16.22 -86.93 19.47
CA LEU A 153 15.82 -86.12 18.31
C LEU A 153 16.37 -86.66 16.99
N ASP A 154 17.30 -87.60 17.08
CA ASP A 154 17.70 -88.41 15.93
C ASP A 154 16.44 -89.13 15.43
N ASP A 155 16.51 -89.81 14.28
CA ASP A 155 15.33 -90.51 13.72
C ASP A 155 14.47 -89.40 13.07
N ASN A 156 14.82 -88.15 13.39
CA ASN A 156 13.99 -86.97 13.12
C ASN A 156 12.56 -87.23 13.59
N GLN A 157 12.46 -87.81 14.79
CA GLN A 157 11.16 -87.93 15.46
C GLN A 157 10.75 -86.54 15.88
N THR A 158 9.55 -86.14 15.46
CA THR A 158 9.02 -84.83 15.76
C THR A 158 8.86 -84.66 17.25
N VAL A 159 9.34 -83.52 17.74
CA VAL A 159 9.36 -83.22 19.16
C VAL A 159 7.96 -83.16 19.76
N LEU A 160 7.01 -82.68 18.98
CA LEU A 160 5.66 -82.42 19.46
C LEU A 160 4.85 -83.69 19.68
N ASP A 161 5.45 -84.85 19.39
CA ASP A 161 4.81 -86.13 19.68
C ASP A 161 4.73 -86.32 21.19
N PRO A 162 3.49 -86.32 21.73
CA PRO A 162 3.28 -86.43 23.17
C PRO A 162 3.68 -87.79 23.73
N LYS A 163 3.59 -88.82 22.88
CA LYS A 163 4.02 -90.17 23.27
C LYS A 163 5.54 -90.27 23.22
N GLY A 164 6.16 -89.38 22.45
CA GLY A 164 7.60 -89.33 22.35
C GLY A 164 8.24 -89.04 23.70
N PRO A 165 9.54 -89.32 23.83
CA PRO A 165 10.22 -89.14 25.12
C PRO A 165 10.14 -87.69 25.59
N ILE A 166 10.63 -86.74 24.78
CA ILE A 166 10.67 -85.31 25.14
C ILE A 166 9.55 -84.88 26.07
N LEU A 167 8.35 -84.98 25.50
CA LEU A 167 7.15 -84.35 26.03
C LEU A 167 6.54 -85.14 27.18
N ALA A 168 6.69 -86.45 27.11
CA ALA A 168 6.18 -87.32 28.14
C ALA A 168 7.21 -87.55 29.25
N ALA A 169 8.41 -87.97 28.86
CA ALA A 169 9.42 -88.52 29.79
C ALA A 169 9.78 -87.59 30.97
N THR A 170 10.61 -86.59 30.67
CA THR A 170 11.01 -85.56 31.63
C THR A 170 11.77 -86.09 32.83
N LYS A 171 12.05 -87.39 32.79
CA LYS A 171 13.16 -88.02 33.50
C LYS A 171 14.32 -87.04 33.82
N PRO A 172 14.87 -87.07 35.05
CA PRO A 172 15.90 -86.07 35.41
C PRO A 172 17.22 -86.11 34.60
N LEU A 173 17.69 -87.28 34.18
CA LEU A 173 19.01 -87.35 33.54
C LEU A 173 18.98 -87.95 32.14
N GLU A 174 17.80 -87.98 31.53
CA GLU A 174 17.64 -88.67 30.27
C GLU A 174 17.54 -87.71 29.10
N ARG A 175 17.55 -86.42 29.42
CA ARG A 175 17.75 -85.36 28.43
C ARG A 175 18.92 -84.47 28.79
N ILE A 176 19.86 -84.35 27.86
CA ILE A 176 20.96 -83.40 27.95
C ILE A 176 20.47 -82.06 28.49
N SER A 177 21.19 -81.47 29.43
CA SER A 177 20.75 -80.25 30.08
C SER A 177 20.55 -79.12 29.08
N ILE A 178 19.44 -78.43 29.23
CA ILE A 178 19.12 -77.21 28.50
C ILE A 178 20.35 -76.29 28.41
N VAL A 179 21.05 -76.13 29.52
CA VAL A 179 22.23 -75.26 29.57
C VAL A 179 23.49 -75.98 29.10
N ARG A 180 24.14 -75.43 28.08
CA ARG A 180 25.35 -76.04 27.53
C ARG A 180 26.61 -75.51 28.18
N SER A 181 26.72 -74.19 28.25
CA SER A 181 27.92 -73.54 28.76
C SER A 181 27.61 -72.48 29.81
N MET A 182 28.65 -72.09 30.54
CA MET A 182 28.53 -71.14 31.63
C MET A 182 29.93 -70.75 32.05
N LYS A 183 30.15 -69.51 32.47
CA LYS A 183 31.46 -69.19 33.00
C LYS A 183 31.33 -68.44 34.32
N ILE A 184 32.05 -68.96 35.31
CA ILE A 184 31.95 -68.49 36.68
C ILE A 184 33.29 -67.91 37.12
N GLU A 185 33.29 -66.64 37.51
CA GLU A 185 34.51 -66.03 38.02
C GLU A 185 34.35 -65.85 39.51
N THR A 186 35.45 -65.72 40.24
CA THR A 186 35.37 -65.58 41.68
C THR A 186 36.36 -64.57 42.23
N GLU A 187 35.82 -63.62 42.99
CA GLU A 187 36.60 -62.57 43.63
C GLU A 187 36.67 -62.80 45.13
N ILE A 188 37.91 -62.81 45.62
CA ILE A 188 38.23 -62.97 47.03
C ILE A 188 39.28 -61.93 47.41
N GLY A 189 39.43 -61.67 48.70
CA GLY A 189 40.45 -60.76 49.17
C GLY A 189 41.82 -61.16 48.66
N GLU A 190 42.59 -60.21 48.14
CA GLU A 190 43.86 -60.52 47.49
C GLU A 190 44.89 -61.05 48.49
N GLN A 191 44.61 -60.92 49.78
CA GLN A 191 45.48 -61.49 50.80
C GLN A 191 45.40 -63.00 50.80
N TYR A 192 44.31 -63.53 50.26
CA TYR A 192 44.07 -64.97 50.26
C TYR A 192 44.47 -65.64 48.94
N GLN A 193 44.93 -64.84 47.99
CA GLN A 193 45.31 -65.38 46.68
C GLN A 193 46.55 -66.27 46.76
N GLY A 194 47.25 -66.21 47.90
CA GLY A 194 48.44 -67.02 48.09
C GLY A 194 48.14 -68.47 48.39
N GLN A 195 47.20 -68.70 49.31
CA GLN A 195 46.91 -70.06 49.77
C GLN A 195 46.22 -70.90 48.71
N GLY A 196 46.69 -72.14 48.55
CA GLY A 196 46.11 -73.06 47.58
C GLY A 196 44.81 -73.68 48.05
N SER A 197 44.70 -73.87 49.36
CA SER A 197 43.50 -74.45 49.95
C SER A 197 42.29 -73.58 49.64
N VAL A 198 42.45 -72.28 49.82
CA VAL A 198 41.42 -71.30 49.50
C VAL A 198 40.98 -71.43 48.04
N LEU A 199 41.97 -71.51 47.15
CA LEU A 199 41.72 -71.62 45.72
C LEU A 199 40.97 -72.91 45.36
N ARG A 200 41.30 -74.00 46.04
CA ARG A 200 40.65 -75.28 45.79
C ARG A 200 39.21 -75.27 46.28
N SER A 201 38.99 -74.71 47.47
CA SER A 201 37.65 -74.57 48.01
C SER A 201 36.81 -73.71 47.07
N VAL A 202 37.45 -72.67 46.54
CA VAL A 202 36.83 -71.78 45.56
C VAL A 202 36.45 -72.55 44.30
N GLY A 203 37.31 -73.47 43.88
CA GLY A 203 37.03 -74.30 42.71
C GLY A 203 35.82 -75.20 42.91
N GLU A 204 35.83 -75.94 44.02
CA GLU A 204 34.68 -76.77 44.39
C GLU A 204 33.41 -75.95 44.44
N LEU A 205 33.51 -74.75 44.97
CA LEU A 205 32.36 -73.84 45.06
C LEU A 205 31.86 -73.43 43.68
N GLU A 206 32.79 -73.12 42.78
CA GLU A 206 32.44 -72.71 41.42
C GLU A 206 31.69 -73.83 40.72
N GLN A 207 32.18 -75.06 40.88
CA GLN A 207 31.52 -76.22 40.27
C GLN A 207 30.12 -76.45 40.86
N PHE A 208 30.04 -76.45 42.19
CA PHE A 208 28.77 -76.63 42.89
C PHE A 208 27.73 -75.59 42.47
N LEU A 209 28.19 -74.34 42.33
CA LEU A 209 27.34 -73.24 41.94
C LEU A 209 26.84 -73.41 40.53
N PHE A 210 27.78 -73.76 39.64
CA PHE A 210 27.47 -74.15 38.27
C PHE A 210 26.29 -75.12 38.23
N THR A 211 26.50 -76.30 38.81
CA THR A 211 25.45 -77.31 38.94
C THR A 211 24.11 -76.76 39.44
N ILE A 212 24.16 -76.10 40.59
CA ILE A 212 23.00 -75.50 41.21
C ILE A 212 22.21 -74.63 40.25
N PHE A 213 22.92 -73.76 39.52
CA PHE A 213 22.30 -72.83 38.60
C PHE A 213 21.65 -73.58 37.44
N LYS A 214 22.33 -74.60 36.94
CA LYS A 214 21.76 -75.41 35.87
C LYS A 214 20.44 -76.02 36.28
N ASP A 215 20.42 -76.68 37.44
CA ASP A 215 19.17 -77.33 37.85
C ASP A 215 18.10 -76.30 38.18
N PHE A 216 18.52 -75.11 38.58
CA PHE A 216 17.57 -74.00 38.76
C PHE A 216 16.86 -73.71 37.44
N LEU A 217 17.65 -73.50 36.39
CA LEU A 217 17.09 -73.22 35.07
C LEU A 217 16.26 -74.39 34.53
N ARG A 218 16.63 -75.61 34.92
CA ARG A 218 15.86 -76.80 34.57
C ARG A 218 14.50 -76.76 35.24
N LYS A 219 14.50 -76.40 36.51
CA LYS A 219 13.32 -76.44 37.35
C LYS A 219 12.41 -75.25 37.07
N GLU A 220 12.92 -74.24 36.38
CA GLU A 220 12.13 -73.06 36.06
C GLU A 220 11.69 -72.96 34.60
N LEU A 221 12.52 -73.47 33.69
CA LEU A 221 12.31 -73.27 32.26
C LEU A 221 12.01 -74.55 31.48
N ALA A 222 12.67 -75.63 31.86
CA ALA A 222 12.60 -76.87 31.09
C ALA A 222 11.29 -77.62 31.30
N TRP A 223 10.66 -78.00 30.20
CA TRP A 223 9.45 -78.81 30.19
C TRP A 223 9.63 -80.02 31.11
N PRO A 224 8.60 -80.33 31.93
CA PRO A 224 7.27 -79.72 31.94
C PRO A 224 7.11 -78.51 32.85
N SER A 225 8.21 -77.94 33.31
CA SER A 225 8.15 -76.67 34.02
C SER A 225 7.95 -75.59 32.97
N TRP A 226 7.31 -74.49 33.34
CA TRP A 226 7.07 -73.44 32.35
C TRP A 226 6.80 -72.06 32.94
N ILE A 227 6.89 -71.03 32.11
CA ILE A 227 6.69 -69.64 32.57
C ILE A 227 5.39 -69.05 32.01
N ASN A 228 4.67 -68.31 32.85
CA ASN A 228 3.35 -67.77 32.50
C ASN A 228 3.29 -66.26 32.50
N LEU A 229 2.84 -65.69 31.38
CA LEU A 229 2.60 -64.26 31.34
C LEU A 229 1.14 -64.03 30.97
N ASP A 230 0.39 -63.38 31.86
CA ASP A 230 -1.05 -63.23 31.69
C ASP A 230 -1.44 -61.80 31.35
N PHE A 231 -2.51 -61.67 30.57
CA PHE A 231 -3.13 -60.40 30.20
C PHE A 231 -4.58 -60.38 30.65
N ASN A 232 -4.90 -59.66 31.71
CA ASN A 232 -6.26 -59.76 32.23
C ASN A 232 -6.88 -58.39 32.52
N GLY B 1 16.35 -51.52 25.09
CA GLY B 1 15.62 -52.72 24.78
C GLY B 1 16.47 -53.97 24.94
N MET B 2 16.21 -54.96 24.09
CA MET B 2 16.98 -56.19 24.08
C MET B 2 17.11 -56.71 22.65
N SER B 3 18.31 -57.17 22.28
CA SER B 3 18.60 -57.50 20.89
C SER B 3 18.17 -58.91 20.50
N PHE B 4 17.20 -59.00 19.60
CA PHE B 4 16.76 -60.28 19.05
C PHE B 4 17.14 -60.43 17.58
N ASP B 5 17.50 -61.64 17.18
CA ASP B 5 17.67 -61.97 15.76
C ASP B 5 16.64 -63.01 15.37
N ILE B 6 15.61 -62.58 14.64
CA ILE B 6 14.48 -63.46 14.33
C ILE B 6 14.56 -64.01 12.91
N ASN B 7 14.46 -65.34 12.80
CA ASN B 7 14.48 -66.02 11.51
C ASN B 7 13.20 -66.83 11.28
N TRP B 8 12.52 -66.55 10.17
CA TRP B 8 11.28 -67.24 9.85
C TRP B 8 11.35 -67.93 8.49
N SER B 9 12.50 -68.54 8.21
CA SER B 9 12.75 -69.18 6.92
C SER B 9 11.68 -70.22 6.55
N THR B 10 11.21 -70.96 7.55
CA THR B 10 10.31 -72.08 7.31
C THR B 10 8.84 -71.66 7.23
N LEU B 11 8.52 -70.46 7.72
CA LEU B 11 7.16 -69.94 7.56
C LEU B 11 6.97 -69.48 6.13
N GLU B 12 7.75 -68.47 5.73
CA GLU B 12 7.84 -68.08 4.34
C GLU B 12 9.22 -67.51 4.05
N SER B 13 9.78 -67.89 2.91
CA SER B 13 11.14 -67.52 2.55
C SER B 13 11.28 -66.01 2.42
N ASP B 14 12.49 -65.50 2.61
CA ASP B 14 12.76 -64.08 2.42
C ASP B 14 12.49 -63.73 0.96
N ASN B 15 12.86 -64.64 0.06
CA ASN B 15 12.55 -64.53 -1.35
C ASN B 15 11.05 -64.39 -1.60
N ARG B 16 10.31 -65.34 -1.04
CA ARG B 16 8.85 -65.39 -1.16
C ARG B 16 8.19 -64.11 -0.69
N LEU B 17 8.53 -63.70 0.53
CA LEU B 17 7.96 -62.51 1.15
C LEU B 17 8.30 -61.24 0.36
N ASN B 18 9.58 -61.08 0.04
CA ASN B 18 10.04 -59.96 -0.77
C ASN B 18 9.29 -59.86 -2.09
N ASP B 19 9.02 -61.01 -2.70
CA ASP B 19 8.30 -61.02 -3.98
C ASP B 19 6.80 -60.77 -3.79
N LEU B 20 6.26 -61.12 -2.62
CA LEU B 20 4.88 -60.79 -2.31
C LEU B 20 4.71 -59.28 -2.22
N ILE B 21 5.59 -58.65 -1.44
CA ILE B 21 5.59 -57.20 -1.30
C ILE B 21 5.82 -56.52 -2.67
N ARG B 22 6.77 -57.06 -3.41
CA ARG B 22 7.09 -56.57 -4.76
C ARG B 22 5.86 -56.61 -5.65
N LYS B 23 5.09 -57.68 -5.55
CA LYS B 23 3.90 -57.83 -6.36
C LYS B 23 2.81 -56.89 -5.89
N HIS B 24 2.69 -56.65 -4.59
CA HIS B 24 1.68 -55.67 -4.15
C HIS B 24 1.99 -54.37 -4.82
N LEU B 25 3.24 -53.98 -4.63
CA LEU B 25 3.69 -52.64 -4.94
C LEU B 25 3.59 -52.39 -6.43
N ASN B 26 3.94 -53.41 -7.19
CA ASN B 26 3.74 -53.40 -8.63
C ASN B 26 2.26 -53.23 -8.94
N SER B 27 1.41 -53.86 -8.14
CA SER B 27 -0.03 -53.74 -8.30
C SER B 27 -0.49 -52.30 -8.08
N TYR B 28 0.13 -51.60 -7.14
CA TYR B 28 -0.18 -50.19 -6.95
C TYR B 28 0.34 -49.36 -8.12
N LEU B 29 1.53 -49.67 -8.60
CA LEU B 29 2.18 -48.89 -9.65
C LEU B 29 1.49 -48.97 -11.00
N GLN B 30 1.17 -50.18 -11.45
CA GLN B 30 0.55 -50.33 -12.76
C GLN B 30 -0.95 -50.01 -12.71
N ASN B 31 -1.42 -49.59 -11.53
CA ASN B 31 -2.80 -49.14 -11.38
C ASN B 31 -2.87 -47.66 -11.05
N THR B 32 -1.74 -46.96 -11.20
CA THR B 32 -1.75 -45.50 -11.09
C THR B 32 -1.39 -44.90 -12.45
N GLN B 33 -1.99 -43.76 -12.77
CA GLN B 33 -1.75 -43.16 -14.09
C GLN B 33 -0.40 -42.46 -14.16
N LEU B 34 0.22 -42.55 -15.33
CA LEU B 34 1.57 -42.05 -15.54
C LEU B 34 1.62 -40.76 -16.35
N PRO B 35 2.58 -39.88 -16.02
CA PRO B 35 2.83 -38.60 -16.68
C PRO B 35 3.35 -38.66 -18.12
N SER B 36 3.53 -37.46 -18.68
CA SER B 36 4.13 -37.22 -19.97
C SER B 36 5.42 -38.02 -20.17
N TYR B 37 6.32 -37.85 -19.20
CA TYR B 37 7.73 -38.16 -19.36
C TYR B 37 8.13 -39.56 -18.88
N VAL B 38 7.20 -40.28 -18.26
CA VAL B 38 7.48 -41.67 -17.87
C VAL B 38 6.42 -42.58 -18.49
N SER B 39 6.90 -43.60 -19.21
CA SER B 39 6.02 -44.48 -19.97
C SER B 39 5.76 -45.79 -19.25
N ASN B 40 6.72 -46.21 -18.43
CA ASN B 40 6.63 -47.52 -17.80
C ASN B 40 7.29 -47.54 -16.42
N LEU B 41 6.48 -47.77 -15.39
CA LEU B 41 6.97 -47.91 -14.01
C LEU B 41 6.74 -49.32 -13.48
N ARG B 42 7.81 -49.98 -13.04
CA ARG B 42 7.71 -51.31 -12.42
C ARG B 42 8.75 -51.54 -11.34
N VAL B 43 8.38 -52.37 -10.35
CA VAL B 43 9.28 -52.75 -9.26
C VAL B 43 10.14 -53.93 -9.65
N LEU B 44 11.42 -53.68 -9.87
CA LEU B 44 12.34 -54.72 -10.31
C LEU B 44 12.70 -55.65 -9.18
N ASP B 45 13.07 -55.08 -8.04
CA ASP B 45 13.35 -55.93 -6.90
C ASP B 45 12.97 -55.26 -5.59
N PHE B 46 12.50 -56.07 -4.65
CA PHE B 46 12.24 -55.57 -3.32
C PHE B 46 13.04 -56.40 -2.32
N ASP B 47 13.59 -55.73 -1.31
CA ASP B 47 14.34 -56.43 -0.28
C ASP B 47 14.05 -55.82 1.09
N LEU B 48 13.39 -56.59 1.96
CA LEU B 48 13.01 -56.10 3.28
C LEU B 48 14.23 -55.83 4.14
N GLY B 49 15.30 -56.60 3.91
CA GLY B 49 16.56 -56.36 4.57
C GLY B 49 16.88 -57.30 5.73
N LYS B 50 18.10 -57.16 6.25
CA LYS B 50 18.53 -57.97 7.38
C LYS B 50 18.48 -57.17 8.67
N VAL B 51 18.03 -55.92 8.57
CA VAL B 51 17.93 -55.04 9.74
C VAL B 51 16.48 -54.61 9.97
N GLY B 52 15.97 -54.92 11.17
CA GLY B 52 14.61 -54.59 11.52
C GLY B 52 14.49 -53.38 12.42
N PRO B 53 13.28 -53.13 12.94
CA PRO B 53 12.95 -51.93 13.72
C PRO B 53 13.15 -52.11 15.23
N ALA B 54 13.19 -50.98 15.94
CA ALA B 54 13.19 -50.99 17.40
C ALA B 54 11.77 -50.85 17.90
N ILE B 55 11.24 -51.92 18.48
CA ILE B 55 9.84 -51.96 18.88
C ILE B 55 9.68 -51.78 20.40
N THR B 56 8.81 -50.85 20.79
CA THR B 56 8.57 -50.59 22.19
C THR B 56 7.09 -50.72 22.53
N LEU B 57 6.73 -51.86 23.11
CA LEU B 57 5.35 -52.11 23.54
C LEU B 57 4.94 -51.09 24.60
N LYS B 58 3.96 -50.26 24.30
CA LYS B 58 3.60 -49.16 25.19
C LYS B 58 2.25 -49.38 25.89
N GLU B 59 1.33 -50.04 25.19
CA GLU B 59 0.05 -50.41 25.78
C GLU B 59 -0.50 -51.68 25.14
N ILE B 60 -1.26 -52.45 25.93
CA ILE B 60 -1.95 -53.63 25.41
C ILE B 60 -3.38 -53.64 25.91
N THR B 61 -4.31 -53.76 24.98
CA THR B 61 -5.73 -53.65 25.28
C THR B 61 -6.56 -54.49 24.33
N ASP B 62 -7.88 -54.43 24.49
CA ASP B 62 -8.78 -55.05 23.54
C ASP B 62 -8.73 -54.26 22.24
N PRO B 63 -9.00 -54.92 21.12
CA PRO B 63 -9.05 -54.24 19.82
C PRO B 63 -10.09 -53.12 19.79
N LEU B 64 -9.86 -52.10 18.97
CA LEU B 64 -10.78 -50.98 18.85
C LEU B 64 -12.13 -51.45 18.30
N ASP B 65 -13.19 -50.73 18.65
CA ASP B 65 -14.53 -51.16 18.28
C ASP B 65 -14.80 -51.00 16.78
N GLU B 66 -13.99 -50.19 16.11
CA GLU B 66 -14.13 -50.00 14.67
C GLU B 66 -13.81 -51.30 13.93
N PHE B 67 -13.04 -52.17 14.56
CA PHE B 67 -12.78 -53.50 14.03
C PHE B 67 -14.08 -54.33 14.07
N TYR B 68 -14.78 -54.25 15.19
CA TYR B 68 -16.03 -54.99 15.39
C TYR B 68 -17.10 -54.48 14.45
N ASP B 69 -17.07 -53.19 14.17
CA ASP B 69 -17.96 -52.60 13.18
C ASP B 69 -17.54 -53.02 11.79
N SER B 70 -16.25 -53.24 11.61
CA SER B 70 -15.70 -53.67 10.32
C SER B 70 -16.10 -55.10 10.00
N ILE B 71 -16.32 -55.90 11.05
CA ILE B 71 -16.70 -57.30 10.85
C ILE B 71 -18.20 -57.54 11.00
N ARG B 72 -18.92 -56.56 11.56
CA ARG B 72 -20.36 -56.69 11.66
C ARG B 72 -21.00 -56.47 10.29
N GLU B 73 -20.25 -55.83 9.38
CA GLU B 73 -20.63 -55.77 7.99
C GLU B 73 -20.42 -57.14 7.34
N SER B 80 -14.36 -62.77 19.09
CA SER B 80 -14.97 -62.36 20.35
C SER B 80 -15.04 -63.46 21.42
N PRO B 81 -14.29 -63.33 22.55
CA PRO B 81 -12.98 -62.72 22.78
C PRO B 81 -11.83 -63.64 22.35
N ASN B 82 -10.75 -63.75 23.15
CA ASN B 82 -9.42 -64.33 22.80
C ASN B 82 -8.57 -63.19 22.28
N ASP B 83 -9.25 -62.19 21.75
CA ASP B 83 -8.65 -61.17 20.89
C ASP B 83 -7.90 -60.09 21.66
N ILE B 84 -6.85 -59.57 21.05
CA ILE B 84 -5.94 -58.69 21.75
C ILE B 84 -5.28 -57.72 20.76
N GLN B 85 -5.15 -56.46 21.14
CA GLN B 85 -4.40 -55.55 20.31
C GLN B 85 -3.15 -55.05 21.05
N PHE B 86 -2.05 -54.95 20.32
CA PHE B 86 -0.83 -54.39 20.83
C PHE B 86 -0.74 -52.94 20.37
N LEU B 87 -0.26 -52.05 21.24
CA LEU B 87 0.06 -50.68 20.82
C LEU B 87 1.57 -50.45 20.95
N LEU B 88 2.21 -50.24 19.81
CA LEU B 88 3.68 -50.27 19.74
C LEU B 88 4.26 -48.97 19.21
N GLU B 89 5.35 -48.55 19.84
CA GLU B 89 6.17 -47.47 19.33
C GLU B 89 7.29 -48.06 18.47
N VAL B 90 7.14 -47.93 17.15
CA VAL B 90 8.07 -48.52 16.20
C VAL B 90 9.04 -47.48 15.66
N GLU B 91 10.34 -47.77 15.77
CA GLU B 91 11.37 -46.90 15.22
C GLU B 91 12.24 -47.65 14.21
N TYR B 92 11.98 -47.40 12.93
CA TYR B 92 12.74 -48.04 11.86
C TYR B 92 13.77 -47.10 11.23
N LYS B 93 15.02 -47.55 11.23
CA LYS B 93 16.12 -46.84 10.57
C LYS B 93 16.93 -47.87 9.76
N GLY B 94 16.23 -48.79 9.11
CA GLY B 94 16.87 -49.96 8.55
C GLY B 94 17.16 -49.95 7.06
N ASP B 95 17.45 -51.15 6.54
CA ASP B 95 17.97 -51.31 5.19
C ASP B 95 16.94 -51.84 4.19
N LEU B 96 15.71 -51.37 4.29
CA LEU B 96 14.70 -51.68 3.29
C LEU B 96 15.17 -51.10 1.96
N LEU B 97 15.04 -51.87 0.89
CA LEU B 97 15.49 -51.40 -0.43
C LEU B 97 14.51 -51.75 -1.55
N VAL B 98 14.03 -50.71 -2.23
CA VAL B 98 13.15 -50.89 -3.38
C VAL B 98 13.84 -50.44 -4.66
N THR B 99 14.12 -51.41 -5.52
CA THR B 99 14.71 -51.15 -6.83
C THR B 99 13.62 -51.08 -7.89
N ILE B 100 13.40 -49.86 -8.39
CA ILE B 100 12.34 -49.55 -9.34
C ILE B 100 12.90 -49.22 -10.72
N GLY B 101 12.32 -49.79 -11.77
CA GLY B 101 12.77 -49.46 -13.10
C GLY B 101 11.76 -48.61 -13.82
N ALA B 102 12.26 -47.77 -14.73
CA ALA B 102 11.35 -46.93 -15.46
C ALA B 102 11.86 -46.62 -16.87
N ASP B 103 10.95 -46.15 -17.71
CA ASP B 103 11.29 -45.72 -19.06
C ASP B 103 10.92 -44.26 -19.26
N LEU B 104 11.92 -43.39 -19.23
CA LEU B 104 11.66 -41.96 -19.33
C LEU B 104 11.56 -41.53 -20.80
N VAL B 105 10.57 -40.69 -21.09
CA VAL B 105 10.36 -40.14 -22.43
C VAL B 105 11.06 -38.79 -22.56
N LEU B 106 12.05 -38.75 -23.46
CA LEU B 106 13.06 -37.68 -23.53
C LEU B 106 12.79 -36.21 -23.94
N ASN B 107 12.06 -36.01 -25.05
CA ASN B 107 11.98 -34.67 -25.63
C ASN B 107 10.57 -34.13 -25.90
N TYR B 108 10.34 -32.89 -25.48
CA TYR B 108 9.14 -32.14 -25.83
C TYR B 108 9.07 -31.90 -27.34
N PRO B 109 10.21 -31.56 -27.92
CA PRO B 109 10.28 -31.21 -29.34
C PRO B 109 9.86 -32.38 -30.22
N VAL B 110 9.10 -32.10 -31.26
CA VAL B 110 8.54 -33.15 -32.09
C VAL B 110 7.73 -34.06 -31.17
N GLU B 111 7.94 -35.36 -31.28
CA GLU B 111 7.32 -36.30 -30.35
C GLU B 111 8.23 -37.48 -30.05
N LYS B 112 8.11 -38.04 -28.85
CA LYS B 112 8.74 -39.32 -28.53
C LYS B 112 10.20 -39.50 -28.98
N PHE B 113 10.99 -38.42 -28.98
CA PHE B 113 12.35 -38.43 -29.56
C PHE B 113 13.17 -39.60 -29.06
N MET B 114 13.32 -39.76 -27.74
CA MET B 114 13.97 -41.00 -27.30
C MET B 114 13.45 -41.56 -25.98
N THR B 115 13.43 -42.89 -25.90
CA THR B 115 13.14 -43.60 -24.67
C THR B 115 14.43 -43.90 -23.92
N LEU B 116 14.37 -43.87 -22.59
CA LEU B 116 15.56 -44.29 -21.83
C LEU B 116 15.19 -45.25 -20.71
N PRO B 117 15.97 -46.33 -20.60
CA PRO B 117 15.96 -47.18 -19.41
C PRO B 117 16.60 -46.47 -18.23
N VAL B 118 15.88 -46.39 -17.12
CA VAL B 118 16.37 -45.70 -15.94
C VAL B 118 16.14 -46.52 -14.67
N LYS B 119 17.06 -46.35 -13.72
CA LYS B 119 17.08 -47.12 -12.49
C LYS B 119 16.86 -46.20 -11.29
N LEU B 120 15.89 -46.52 -10.45
CA LEU B 120 15.68 -45.75 -9.23
C LEU B 120 15.80 -46.65 -8.01
N SER B 121 16.35 -46.09 -6.93
CA SER B 121 16.54 -46.86 -5.71
C SER B 121 15.99 -46.09 -4.52
N ILE B 122 14.89 -46.61 -3.97
CA ILE B 122 14.33 -46.09 -2.73
C ILE B 122 14.98 -46.83 -1.56
N SER B 123 15.52 -46.08 -0.62
CA SER B 123 16.33 -46.65 0.45
C SER B 123 16.37 -45.77 1.69
N ASP B 124 16.94 -46.32 2.76
CA ASP B 124 17.18 -45.59 4.00
C ASP B 124 15.92 -44.92 4.52
N ILE B 125 14.87 -45.72 4.71
CA ILE B 125 13.59 -45.19 5.14
C ILE B 125 13.57 -44.92 6.64
N GLY B 126 13.50 -43.65 7.01
CA GLY B 126 13.43 -43.25 8.41
C GLY B 126 12.01 -43.28 8.92
N LEU B 127 11.84 -43.64 10.19
CA LEU B 127 10.51 -43.87 10.73
C LEU B 127 10.45 -43.89 12.24
N HIS B 128 9.63 -43.01 12.81
CA HIS B 128 9.21 -43.12 14.19
C HIS B 128 7.70 -43.01 14.18
N SER B 129 7.02 -44.04 14.67
CA SER B 129 5.56 -44.05 14.55
C SER B 129 4.88 -44.91 15.61
N LEU B 130 3.57 -44.73 15.73
CA LEU B 130 2.75 -45.56 16.58
C LEU B 130 1.89 -46.47 15.73
N CYS B 131 2.06 -47.77 15.94
CA CYS B 131 1.31 -48.79 15.23
C CYS B 131 0.44 -49.59 16.20
N ILE B 132 -0.66 -50.13 15.71
CA ILE B 132 -1.41 -51.11 16.49
C ILE B 132 -1.46 -52.42 15.73
N VAL B 133 -1.16 -53.52 16.42
CA VAL B 133 -1.29 -54.84 15.82
C VAL B 133 -2.37 -55.61 16.55
N ALA B 134 -3.54 -55.69 15.94
CA ALA B 134 -4.68 -56.36 16.56
C ALA B 134 -4.85 -57.77 16.00
N CYS B 135 -5.31 -58.68 16.85
CA CYS B 135 -5.59 -60.04 16.44
C CYS B 135 -6.91 -60.52 17.02
N LEU B 136 -7.72 -61.04 16.10
CA LEU B 136 -9.07 -61.51 16.32
C LEU B 136 -9.36 -62.63 15.38
N SER B 137 -9.74 -63.79 15.91
CA SER B 137 -10.12 -64.95 15.12
C SER B 137 -10.84 -64.62 13.80
N LYS B 138 -10.25 -64.99 12.66
CA LYS B 138 -8.91 -65.57 12.57
C LYS B 138 -7.86 -64.48 12.34
N GLN B 139 -8.32 -63.38 11.75
CA GLN B 139 -7.42 -62.47 11.05
C GLN B 139 -6.57 -61.56 11.93
N LEU B 140 -5.35 -61.32 11.45
CA LEU B 140 -4.36 -60.49 12.11
C LEU B 140 -4.26 -59.13 11.39
N PHE B 141 -4.18 -58.08 12.20
CA PHE B 141 -4.41 -56.70 11.76
C PHE B 141 -3.24 -55.78 12.04
N LEU B 142 -2.45 -55.40 11.03
CA LEU B 142 -1.41 -54.41 11.32
C LEU B 142 -1.74 -53.04 10.71
N SER B 143 -1.42 -52.01 11.51
CA SER B 143 -1.63 -50.62 11.16
C SER B 143 -0.67 -49.60 11.74
N PHE B 144 -0.29 -48.65 10.90
CA PHE B 144 0.39 -47.45 11.35
C PHE B 144 -0.57 -46.31 11.71
N LEU B 145 -0.75 -46.09 13.01
CA LEU B 145 -1.64 -45.04 13.50
C LEU B 145 -1.08 -43.65 13.28
N CYS B 146 0.08 -43.39 13.88
CA CYS B 146 0.49 -42.01 14.05
C CYS B 146 2.00 -41.82 13.92
N ASP B 147 2.44 -40.57 13.88
CA ASP B 147 3.86 -40.29 14.10
C ASP B 147 4.01 -39.92 15.56
N VAL B 148 5.09 -40.37 16.17
CA VAL B 148 5.28 -40.19 17.61
C VAL B 148 5.26 -38.71 18.02
N SER B 149 5.81 -37.84 17.18
CA SER B 149 5.85 -36.41 17.49
C SER B 149 4.73 -35.63 16.81
N ASP B 150 3.60 -36.28 16.56
CA ASP B 150 2.44 -35.58 15.99
C ASP B 150 1.79 -34.68 17.04
N PRO B 151 1.42 -33.45 16.65
CA PRO B 151 0.96 -32.42 17.59
C PRO B 151 -0.31 -32.70 18.39
N ALA B 152 -1.10 -33.71 18.02
CA ALA B 152 -2.34 -33.97 18.75
C ALA B 152 -2.17 -35.07 19.79
N LEU B 153 -0.92 -35.30 20.21
CA LEU B 153 -0.62 -36.19 21.32
C LEU B 153 -0.17 -35.36 22.51
N ASP B 154 0.09 -34.08 22.22
CA ASP B 154 0.43 -33.09 23.25
C ASP B 154 -0.57 -33.15 24.39
N ASP B 155 -0.10 -32.78 25.58
CA ASP B 155 -0.89 -32.92 26.81
C ASP B 155 -1.23 -34.38 27.07
N ASN B 156 -0.41 -35.29 26.55
CA ASN B 156 -0.50 -36.72 26.85
C ASN B 156 -1.85 -37.35 26.56
N GLN B 157 -2.55 -36.89 25.53
CA GLN B 157 -3.82 -37.53 25.22
C GLN B 157 -3.57 -38.84 24.52
N THR B 158 -4.10 -39.92 25.10
CA THR B 158 -3.89 -41.26 24.61
C THR B 158 -4.42 -41.42 23.18
N VAL B 159 -3.62 -42.11 22.36
CA VAL B 159 -3.90 -42.28 20.95
C VAL B 159 -5.17 -43.10 20.69
N LEU B 160 -5.47 -44.01 21.61
CA LEU B 160 -6.56 -44.96 21.43
C LEU B 160 -7.96 -44.34 21.66
N ASP B 161 -8.00 -43.03 21.88
CA ASP B 161 -9.26 -42.33 22.00
C ASP B 161 -9.92 -42.21 20.62
N PRO B 162 -11.09 -42.84 20.44
CA PRO B 162 -11.77 -42.90 19.15
C PRO B 162 -12.33 -41.55 18.70
N LYS B 163 -12.65 -40.69 19.66
CA LYS B 163 -13.13 -39.35 19.34
C LYS B 163 -11.94 -38.43 19.08
N GLY B 164 -10.74 -38.88 19.47
CA GLY B 164 -9.52 -38.18 19.15
C GLY B 164 -9.33 -38.05 17.65
N PRO B 165 -8.53 -37.05 17.21
CA PRO B 165 -8.36 -36.75 15.79
C PRO B 165 -7.62 -37.86 15.04
N ILE B 166 -6.64 -38.49 15.69
CA ILE B 166 -5.95 -39.68 15.17
C ILE B 166 -6.91 -40.67 14.53
N LEU B 167 -7.66 -41.31 15.41
CA LEU B 167 -8.45 -42.48 15.10
C LEU B 167 -9.68 -42.12 14.28
N ALA B 168 -10.16 -40.90 14.48
CA ALA B 168 -11.27 -40.41 13.69
C ALA B 168 -10.82 -40.19 12.25
N ALA B 169 -9.57 -39.74 12.11
CA ALA B 169 -8.99 -39.40 10.82
C ALA B 169 -9.85 -38.36 10.11
N THR B 170 -10.41 -37.45 10.89
CA THR B 170 -11.33 -36.44 10.36
C THR B 170 -10.55 -35.32 9.68
N LYS B 171 -9.28 -35.18 10.06
CA LYS B 171 -8.47 -34.08 9.56
C LYS B 171 -7.07 -34.53 9.18
N PRO B 172 -6.97 -35.23 8.03
CA PRO B 172 -5.73 -35.86 7.53
C PRO B 172 -4.66 -34.85 7.21
N LEU B 173 -5.11 -33.67 6.78
CA LEU B 173 -4.22 -32.58 6.40
C LEU B 173 -3.27 -32.16 7.50
N GLU B 174 -3.74 -32.23 8.75
CA GLU B 174 -2.96 -31.68 9.85
C GLU B 174 -2.00 -32.67 10.48
N ARG B 175 -2.09 -33.94 10.08
CA ARG B 175 -1.26 -34.94 10.71
C ARG B 175 0.07 -35.18 9.97
N ILE B 176 1.16 -35.12 10.73
CA ILE B 176 2.51 -35.35 10.21
C ILE B 176 2.65 -36.71 9.54
N SER B 177 3.35 -36.75 8.40
CA SER B 177 3.53 -37.99 7.64
C SER B 177 4.25 -39.06 8.46
N ILE B 178 3.74 -40.29 8.36
CA ILE B 178 4.31 -41.43 9.07
C ILE B 178 5.80 -41.61 8.78
N VAL B 179 6.16 -41.50 7.51
CA VAL B 179 7.57 -41.60 7.11
C VAL B 179 8.27 -40.26 7.25
N ARG B 180 9.38 -40.26 7.99
CA ARG B 180 10.09 -39.02 8.28
C ARG B 180 11.27 -38.81 7.32
N SER B 181 11.88 -39.91 6.88
CA SER B 181 13.03 -39.82 5.97
C SER B 181 12.98 -40.83 4.83
N MET B 182 13.69 -40.50 3.74
CA MET B 182 13.73 -41.36 2.56
C MET B 182 14.83 -40.93 1.60
N LYS B 183 15.37 -41.87 0.86
CA LYS B 183 16.41 -41.57 -0.12
C LYS B 183 16.12 -42.20 -1.47
N ILE B 184 15.92 -41.38 -2.49
CA ILE B 184 15.71 -41.87 -3.84
C ILE B 184 16.89 -41.52 -4.73
N GLU B 185 17.63 -42.53 -5.18
CA GLU B 185 18.74 -42.29 -6.08
C GLU B 185 18.40 -42.76 -7.49
N THR B 186 19.15 -42.29 -8.47
CA THR B 186 18.83 -42.61 -9.85
C THR B 186 20.06 -42.78 -10.72
N GLU B 187 20.11 -43.91 -11.40
CA GLU B 187 21.19 -44.21 -12.31
C GLU B 187 20.65 -44.24 -13.74
N ILE B 188 21.33 -43.50 -14.60
CA ILE B 188 21.09 -43.51 -16.03
C ILE B 188 22.40 -43.86 -16.70
N GLY B 189 22.33 -44.19 -17.98
CA GLY B 189 23.54 -44.47 -18.73
C GLY B 189 24.41 -43.23 -18.77
N GLU B 190 25.72 -43.43 -18.70
CA GLU B 190 26.67 -42.32 -18.72
C GLU B 190 26.57 -41.52 -20.01
N GLN B 191 25.91 -42.10 -21.02
CA GLN B 191 25.58 -41.41 -22.26
C GLN B 191 24.99 -40.03 -21.98
N TYR B 192 24.03 -39.99 -21.06
CA TYR B 192 23.09 -38.88 -20.98
C TYR B 192 23.28 -37.96 -19.78
N GLN B 193 24.30 -38.23 -18.96
CA GLN B 193 24.59 -37.38 -17.81
C GLN B 193 25.06 -36.00 -18.25
N GLY B 194 25.39 -35.87 -19.54
CA GLY B 194 25.86 -34.62 -20.09
C GLY B 194 24.81 -33.52 -20.15
N GLN B 195 23.65 -33.80 -20.74
CA GLN B 195 22.68 -32.73 -20.98
C GLN B 195 21.58 -32.67 -19.93
N GLY B 196 21.30 -31.44 -19.48
CA GLY B 196 20.36 -31.17 -18.43
C GLY B 196 18.88 -31.47 -18.67
N SER B 197 18.45 -31.55 -19.93
CA SER B 197 17.06 -31.94 -20.20
C SER B 197 16.77 -33.29 -19.56
N VAL B 198 17.68 -34.23 -19.80
CA VAL B 198 17.61 -35.55 -19.23
C VAL B 198 17.60 -35.50 -17.70
N LEU B 199 18.50 -34.70 -17.13
CA LEU B 199 18.62 -34.56 -15.67
C LEU B 199 17.35 -33.98 -15.04
N ARG B 200 16.67 -33.10 -15.78
CA ARG B 200 15.46 -32.46 -15.30
C ARG B 200 14.30 -33.47 -15.29
N SER B 201 14.15 -34.17 -16.42
CA SER B 201 13.16 -35.23 -16.51
C SER B 201 13.37 -36.27 -15.41
N VAL B 202 14.62 -36.66 -15.21
CA VAL B 202 14.99 -37.54 -14.09
C VAL B 202 14.53 -36.94 -12.77
N GLY B 203 14.80 -35.65 -12.61
CA GLY B 203 14.47 -34.93 -11.39
C GLY B 203 13.02 -35.07 -10.98
N GLU B 204 12.11 -34.63 -11.85
CA GLU B 204 10.70 -34.69 -11.46
C GLU B 204 10.18 -36.13 -11.61
N LEU B 205 10.94 -37.02 -12.25
CA LEU B 205 10.60 -38.44 -12.16
C LEU B 205 10.75 -38.90 -10.71
N GLU B 206 11.85 -38.52 -10.07
CA GLU B 206 12.06 -38.88 -8.67
C GLU B 206 11.08 -38.14 -7.75
N GLN B 207 10.70 -36.92 -8.12
CA GLN B 207 9.65 -36.23 -7.36
C GLN B 207 8.34 -37.03 -7.41
N PHE B 208 7.93 -37.38 -8.63
CA PHE B 208 6.72 -38.15 -8.88
C PHE B 208 6.75 -39.49 -8.15
N LEU B 209 7.92 -40.13 -8.13
CA LEU B 209 8.09 -41.40 -7.46
C LEU B 209 7.96 -41.24 -5.95
N PHE B 210 8.54 -40.16 -5.43
CA PHE B 210 8.43 -39.82 -4.02
C PHE B 210 6.96 -39.68 -3.62
N THR B 211 6.23 -38.87 -4.36
CA THR B 211 4.81 -38.66 -4.11
C THR B 211 4.00 -39.95 -4.22
N ILE B 212 4.33 -40.76 -5.24
CA ILE B 212 3.66 -42.02 -5.49
C ILE B 212 3.82 -42.97 -4.29
N PHE B 213 5.05 -43.07 -3.79
CA PHE B 213 5.34 -43.92 -2.64
C PHE B 213 4.61 -43.40 -1.40
N LYS B 214 4.69 -42.08 -1.19
CA LYS B 214 3.95 -41.36 -0.15
C LYS B 214 2.49 -41.82 -0.11
N ASP B 215 1.88 -41.79 -1.29
CA ASP B 215 0.48 -42.17 -1.44
C ASP B 215 0.28 -43.66 -1.19
N PHE B 216 1.23 -44.48 -1.62
CA PHE B 216 1.16 -45.93 -1.42
C PHE B 216 1.08 -46.26 0.07
N LEU B 217 2.02 -45.72 0.84
CA LEU B 217 2.03 -45.99 2.28
C LEU B 217 0.79 -45.38 2.93
N ARG B 218 0.32 -44.25 2.40
CA ARG B 218 -0.88 -43.64 2.96
C ARG B 218 -2.10 -44.55 2.80
N LYS B 219 -2.22 -45.18 1.63
CA LYS B 219 -3.39 -45.98 1.33
C LYS B 219 -3.26 -47.44 1.75
N GLU B 220 -2.07 -47.83 2.18
CA GLU B 220 -1.86 -49.22 2.59
C GLU B 220 -1.62 -49.36 4.09
N LEU B 221 -0.85 -48.44 4.66
CA LEU B 221 -0.38 -48.59 6.04
C LEU B 221 -0.97 -47.56 7.03
N ALA B 222 -1.24 -46.35 6.57
CA ALA B 222 -1.66 -45.23 7.43
C ALA B 222 -3.10 -45.30 7.93
N TRP B 223 -3.35 -44.97 9.20
CA TRP B 223 -4.74 -45.07 9.71
C TRP B 223 -5.50 -43.94 9.05
N PRO B 224 -6.64 -44.26 8.39
CA PRO B 224 -7.48 -45.46 8.25
C PRO B 224 -7.22 -46.46 7.06
N SER B 225 -6.01 -46.96 6.82
CA SER B 225 -5.76 -47.93 5.75
C SER B 225 -4.96 -49.18 6.28
N TRP B 226 -5.58 -50.37 6.24
CA TRP B 226 -5.11 -51.62 6.97
C TRP B 226 -4.40 -52.72 6.20
N ILE B 227 -3.31 -53.24 6.78
CA ILE B 227 -2.73 -54.41 6.14
C ILE B 227 -3.15 -55.65 6.95
N ASN B 228 -3.78 -56.56 6.21
CA ASN B 228 -4.56 -57.69 6.71
C ASN B 228 -3.96 -59.04 6.39
N LEU B 229 -3.78 -59.89 7.39
CA LEU B 229 -3.24 -61.22 7.16
C LEU B 229 -4.15 -62.32 7.72
N GLY C 1 8.96 0.02 2.15
CA GLY C 1 8.86 0.37 0.74
C GLY C 1 8.10 1.67 0.53
N MET C 2 7.16 1.65 -0.42
CA MET C 2 6.28 2.79 -0.66
C MET C 2 4.92 2.29 -1.13
N SER C 3 3.86 2.81 -0.51
CA SER C 3 2.52 2.25 -0.71
C SER C 3 1.83 2.73 -1.98
N PHE C 4 1.57 1.80 -2.90
CA PHE C 4 0.86 2.11 -4.14
C PHE C 4 -0.54 1.50 -4.17
N ASP C 5 -1.46 2.21 -4.79
CA ASP C 5 -2.78 1.66 -5.12
C ASP C 5 -2.93 1.63 -6.64
N ILE C 6 -2.99 0.44 -7.20
CA ILE C 6 -3.07 0.30 -8.65
C ILE C 6 -4.45 -0.16 -9.13
N ASN C 7 -5.02 0.58 -10.07
CA ASN C 7 -6.33 0.27 -10.61
C ASN C 7 -6.28 0.11 -12.13
N TRP C 8 -6.75 -1.02 -12.62
CA TRP C 8 -6.75 -1.32 -14.05
C TRP C 8 -8.15 -1.59 -14.57
N SER C 9 -9.10 -0.81 -14.10
CA SER C 9 -10.51 -1.02 -14.44
C SER C 9 -10.77 -1.01 -15.94
N THR C 10 -10.05 -0.15 -16.66
CA THR C 10 -10.30 0.04 -18.08
C THR C 10 -9.51 -0.92 -18.97
N LEU C 11 -8.51 -1.59 -18.41
CA LEU C 11 -7.80 -2.63 -19.15
C LEU C 11 -8.71 -3.86 -19.22
N GLU C 12 -9.01 -4.42 -18.05
CA GLU C 12 -10.15 -5.33 -17.91
C GLU C 12 -10.58 -5.37 -16.45
N SER C 13 -11.88 -5.25 -16.22
CA SER C 13 -12.44 -5.18 -14.88
C SER C 13 -12.15 -6.44 -14.07
N ASP C 14 -12.21 -6.29 -12.74
CA ASP C 14 -11.80 -7.33 -11.77
C ASP C 14 -12.59 -8.60 -11.94
N ASN C 15 -13.84 -8.40 -12.31
CA ASN C 15 -14.84 -9.39 -12.63
C ASN C 15 -14.50 -10.38 -13.78
N ARG C 16 -14.06 -9.87 -14.93
CA ARG C 16 -13.65 -10.77 -16.01
C ARG C 16 -12.20 -11.24 -15.89
N LEU C 17 -11.38 -10.52 -15.13
CA LEU C 17 -10.04 -11.01 -14.81
C LEU C 17 -10.18 -12.23 -13.90
N ASN C 18 -11.00 -12.05 -12.85
CA ASN C 18 -11.37 -13.11 -11.93
C ASN C 18 -11.95 -14.30 -12.66
N ASP C 19 -12.81 -14.04 -13.64
CA ASP C 19 -13.39 -15.15 -14.39
C ASP C 19 -12.39 -15.84 -15.32
N LEU C 20 -11.45 -15.07 -15.88
CA LEU C 20 -10.37 -15.65 -16.68
C LEU C 20 -9.56 -16.63 -15.84
N ILE C 21 -9.11 -16.14 -14.69
CA ILE C 21 -8.39 -16.98 -13.74
C ILE C 21 -9.23 -18.18 -13.33
N ARG C 22 -10.53 -17.93 -13.13
CA ARG C 22 -11.46 -18.96 -12.69
C ARG C 22 -11.55 -20.12 -13.67
N LYS C 23 -11.68 -19.82 -14.95
CA LYS C 23 -11.83 -20.90 -15.92
C LYS C 23 -10.49 -21.44 -16.41
N HIS C 24 -9.41 -20.73 -16.10
CA HIS C 24 -8.09 -21.33 -16.29
C HIS C 24 -7.89 -22.42 -15.24
N LEU C 25 -8.22 -22.07 -14.00
CA LEU C 25 -8.15 -23.01 -12.89
C LEU C 25 -9.09 -24.19 -13.12
N ASN C 26 -10.30 -23.87 -13.59
CA ASN C 26 -11.26 -24.89 -13.98
C ASN C 26 -10.73 -25.74 -15.13
N SER C 27 -9.93 -25.13 -15.99
CA SER C 27 -9.31 -25.87 -17.09
C SER C 27 -8.29 -26.87 -16.54
N TYR C 28 -7.59 -26.50 -15.47
CA TYR C 28 -6.71 -27.47 -14.83
C TYR C 28 -7.53 -28.60 -14.19
N LEU C 29 -8.59 -28.23 -13.47
CA LEU C 29 -9.40 -29.21 -12.76
C LEU C 29 -10.08 -30.23 -13.68
N GLN C 30 -10.69 -29.74 -14.76
CA GLN C 30 -11.42 -30.59 -15.69
C GLN C 30 -10.47 -31.52 -16.46
N ASN C 31 -9.18 -31.30 -16.30
CA ASN C 31 -8.18 -32.10 -17.02
C ASN C 31 -7.34 -32.96 -16.09
N THR C 32 -7.74 -33.04 -14.82
CA THR C 32 -7.10 -33.95 -13.87
C THR C 32 -8.08 -35.08 -13.53
N GLN C 33 -7.56 -36.29 -13.33
CA GLN C 33 -8.42 -37.42 -13.01
C GLN C 33 -8.98 -37.30 -11.60
N LEU C 34 -10.20 -37.77 -11.43
CA LEU C 34 -10.89 -37.69 -10.15
C LEU C 34 -11.03 -39.05 -9.49
N PRO C 35 -10.94 -39.09 -8.15
CA PRO C 35 -11.19 -40.29 -7.37
C PRO C 35 -12.62 -40.81 -7.61
N SER C 36 -12.90 -42.01 -7.13
CA SER C 36 -14.23 -42.57 -7.28
C SER C 36 -15.22 -41.91 -6.32
N TYR C 37 -14.72 -41.48 -5.16
CA TYR C 37 -15.59 -40.90 -4.15
C TYR C 37 -15.97 -39.45 -4.48
N VAL C 38 -15.23 -38.84 -5.39
CA VAL C 38 -15.54 -37.48 -5.82
C VAL C 38 -16.08 -37.50 -7.26
N SER C 39 -17.27 -36.95 -7.43
CA SER C 39 -17.96 -37.01 -8.71
C SER C 39 -17.62 -35.83 -9.60
N ASN C 40 -17.47 -34.66 -8.99
CA ASN C 40 -17.29 -33.42 -9.75
C ASN C 40 -16.55 -32.35 -8.93
N LEU C 41 -15.47 -31.83 -9.50
CA LEU C 41 -14.74 -30.72 -8.90
C LEU C 41 -14.83 -29.49 -9.79
N ARG C 42 -15.25 -28.37 -9.22
CA ARG C 42 -15.37 -27.13 -10.00
C ARG C 42 -15.06 -25.90 -9.16
N VAL C 43 -14.49 -24.89 -9.80
CA VAL C 43 -14.23 -23.62 -9.15
C VAL C 43 -15.45 -22.72 -9.25
N LEU C 44 -16.18 -22.61 -8.14
CA LEU C 44 -17.41 -21.83 -8.11
C LEU C 44 -17.11 -20.36 -8.35
N ASP C 45 -16.19 -19.80 -7.56
CA ASP C 45 -15.87 -18.38 -7.71
C ASP C 45 -14.41 -18.09 -7.37
N PHE C 46 -13.82 -17.13 -8.08
CA PHE C 46 -12.46 -16.71 -7.79
C PHE C 46 -12.41 -15.22 -7.49
N ASP C 47 -11.58 -14.84 -6.52
CA ASP C 47 -11.42 -13.43 -6.19
C ASP C 47 -9.97 -13.11 -5.85
N LEU C 48 -9.33 -12.30 -6.71
CA LEU C 48 -7.93 -11.94 -6.54
C LEU C 48 -7.74 -11.04 -5.32
N GLY C 49 -8.75 -10.24 -5.00
CA GLY C 49 -8.74 -9.43 -3.79
C GLY C 49 -8.33 -7.99 -3.98
N LYS C 50 -8.42 -7.22 -2.91
CA LYS C 50 -8.04 -5.80 -2.93
C LYS C 50 -6.66 -5.58 -2.32
N VAL C 51 -6.04 -6.66 -1.85
CA VAL C 51 -4.72 -6.58 -1.23
C VAL C 51 -3.66 -7.32 -2.05
N GLY C 52 -2.64 -6.58 -2.47
CA GLY C 52 -1.58 -7.16 -3.29
C GLY C 52 -0.33 -7.51 -2.51
N PRO C 53 0.76 -7.81 -3.23
CA PRO C 53 2.02 -8.26 -2.64
C PRO C 53 2.96 -7.11 -2.29
N ALA C 54 4.00 -7.43 -1.53
CA ALA C 54 5.11 -6.52 -1.34
C ALA C 54 6.22 -6.92 -2.30
N ILE C 55 6.50 -6.06 -3.27
CA ILE C 55 7.49 -6.37 -4.30
C ILE C 55 8.78 -5.59 -4.06
N THR C 56 9.91 -6.29 -4.15
CA THR C 56 11.21 -5.67 -3.95
C THR C 56 12.15 -6.00 -5.11
N LEU C 57 12.37 -5.03 -5.99
CA LEU C 57 13.25 -5.23 -7.14
C LEU C 57 14.67 -5.51 -6.67
N LYS C 58 15.12 -6.74 -6.94
CA LYS C 58 16.41 -7.21 -6.45
C LYS C 58 17.53 -7.02 -7.46
N GLU C 59 17.24 -7.37 -8.71
CA GLU C 59 18.19 -7.21 -9.81
C GLU C 59 17.45 -6.91 -11.10
N ILE C 60 18.18 -6.46 -12.11
CA ILE C 60 17.60 -6.31 -13.44
C ILE C 60 18.65 -6.65 -14.51
N THR C 61 18.33 -7.65 -15.33
CA THR C 61 19.24 -8.14 -16.34
C THR C 61 18.50 -8.35 -17.65
N ASP C 62 19.21 -8.85 -18.65
CA ASP C 62 18.56 -9.31 -19.87
C ASP C 62 18.09 -10.75 -19.63
N PRO C 63 17.00 -11.15 -20.29
CA PRO C 63 16.35 -12.46 -20.07
C PRO C 63 17.29 -13.65 -20.20
N LEU C 64 16.94 -14.73 -19.51
CA LEU C 64 17.74 -15.96 -19.54
C LEU C 64 17.71 -16.57 -20.94
N ASP C 65 18.81 -17.22 -21.32
CA ASP C 65 18.97 -17.70 -22.69
C ASP C 65 17.95 -18.76 -23.10
N GLU C 66 17.37 -19.46 -22.13
CA GLU C 66 16.47 -20.58 -22.43
C GLU C 66 15.09 -20.09 -22.85
N PHE C 67 14.84 -18.80 -22.69
CA PHE C 67 13.65 -18.16 -23.24
C PHE C 67 13.74 -18.14 -24.78
N TYR C 68 14.85 -17.57 -25.26
CA TYR C 68 15.15 -17.54 -26.68
C TYR C 68 15.43 -18.97 -27.16
N ASP C 69 15.73 -19.85 -26.22
CA ASP C 69 15.77 -21.30 -26.48
C ASP C 69 14.39 -21.91 -26.35
N SER C 70 13.38 -21.09 -26.13
CA SER C 70 12.04 -21.63 -26.01
C SER C 70 11.21 -21.27 -27.24
N ILE C 71 11.46 -20.11 -27.85
CA ILE C 71 10.85 -19.88 -29.19
C ILE C 71 11.99 -19.88 -30.25
N ARG C 72 13.13 -20.39 -29.79
CA ARG C 72 13.83 -21.47 -30.49
C ARG C 72 13.11 -22.01 -31.73
N GLU C 73 11.87 -22.43 -31.47
CA GLU C 73 11.20 -23.49 -32.19
C GLU C 73 9.80 -23.10 -32.67
N SER C 80 15.20 -7.21 -29.42
CA SER C 80 16.05 -6.60 -30.44
C SER C 80 17.56 -6.88 -30.26
N PRO C 81 18.11 -6.84 -29.02
CA PRO C 81 17.59 -6.74 -27.64
C PRO C 81 16.90 -5.42 -27.29
N ASN C 82 15.59 -5.49 -27.07
CA ASN C 82 14.89 -4.51 -26.26
C ASN C 82 14.16 -5.31 -25.19
N ASP C 83 14.46 -6.59 -25.15
CA ASP C 83 13.89 -7.40 -24.11
C ASP C 83 14.61 -7.14 -22.80
N ILE C 84 13.92 -7.38 -21.69
CA ILE C 84 14.51 -7.16 -20.37
C ILE C 84 13.76 -8.04 -19.38
N GLN C 85 14.42 -8.45 -18.31
CA GLN C 85 13.70 -9.21 -17.29
C GLN C 85 14.07 -8.72 -15.90
N PHE C 86 13.07 -8.69 -15.03
CA PHE C 86 13.25 -8.21 -13.68
C PHE C 86 13.32 -9.39 -12.71
N LEU C 87 14.22 -9.32 -11.74
CA LEU C 87 14.29 -10.31 -10.67
C LEU C 87 13.72 -9.72 -9.38
N LEU C 88 12.57 -10.25 -8.96
CA LEU C 88 11.79 -9.66 -7.87
C LEU C 88 11.75 -10.54 -6.63
N GLU C 89 11.86 -9.90 -5.47
CA GLU C 89 11.54 -10.55 -4.21
C GLU C 89 10.10 -10.23 -3.86
N VAL C 90 9.23 -11.23 -4.00
CA VAL C 90 7.80 -11.04 -3.79
C VAL C 90 7.34 -11.62 -2.46
N GLU C 91 6.57 -10.84 -1.70
CA GLU C 91 6.04 -11.28 -0.42
C GLU C 91 4.53 -11.05 -0.36
N TYR C 92 3.77 -12.12 -0.61
CA TYR C 92 2.32 -12.05 -0.59
C TYR C 92 1.73 -12.66 0.67
N LYS C 93 0.94 -11.87 1.39
CA LYS C 93 0.12 -12.36 2.48
C LYS C 93 -1.25 -11.71 2.37
N GLY C 94 -1.80 -11.75 1.17
CA GLY C 94 -3.03 -11.03 0.86
C GLY C 94 -4.29 -11.85 0.92
N ASP C 95 -5.35 -11.31 0.33
CA ASP C 95 -6.70 -11.84 0.49
C ASP C 95 -7.21 -12.59 -0.74
N LEU C 96 -6.34 -13.38 -1.36
CA LEU C 96 -6.78 -14.21 -2.48
C LEU C 96 -7.77 -15.25 -1.97
N LEU C 97 -8.89 -15.41 -2.67
CA LEU C 97 -9.90 -16.35 -2.23
C LEU C 97 -10.43 -17.21 -3.37
N VAL C 98 -10.30 -18.53 -3.21
CA VAL C 98 -10.85 -19.47 -4.16
C VAL C 98 -11.98 -20.28 -3.55
N THR C 99 -13.16 -20.18 -4.14
CA THR C 99 -14.33 -20.93 -3.69
C THR C 99 -14.60 -22.09 -4.65
N ILE C 100 -14.44 -23.30 -4.13
CA ILE C 100 -14.46 -24.53 -4.92
C ILE C 100 -15.64 -25.41 -4.52
N GLY C 101 -16.36 -25.93 -5.50
CA GLY C 101 -17.47 -26.84 -5.24
C GLY C 101 -17.09 -28.28 -5.52
N ALA C 102 -17.69 -29.21 -4.78
CA ALA C 102 -17.43 -30.62 -4.98
C ALA C 102 -18.64 -31.48 -4.59
N ASP C 103 -18.92 -32.51 -5.38
CA ASP C 103 -19.95 -33.48 -5.02
C ASP C 103 -19.32 -34.79 -4.57
N LEU C 104 -19.51 -35.12 -3.30
CA LEU C 104 -18.96 -36.37 -2.76
C LEU C 104 -19.95 -37.52 -2.95
N VAL C 105 -19.44 -38.72 -3.21
CA VAL C 105 -20.30 -39.89 -3.36
C VAL C 105 -20.17 -40.81 -2.14
N LEU C 106 -21.30 -41.18 -1.53
CA LEU C 106 -21.26 -41.96 -0.27
C LEU C 106 -22.24 -43.14 -0.31
N ASN C 107 -21.99 -44.18 0.49
CA ASN C 107 -22.71 -45.42 0.26
C ASN C 107 -22.68 -46.21 1.58
N TYR C 108 -23.85 -46.23 2.22
CA TYR C 108 -24.06 -46.17 3.68
C TYR C 108 -24.75 -47.48 4.05
N PRO C 109 -25.88 -47.83 3.38
CA PRO C 109 -26.04 -49.26 3.60
C PRO C 109 -25.41 -49.97 2.40
N VAL C 110 -25.35 -51.30 2.43
CA VAL C 110 -24.78 -52.01 1.28
C VAL C 110 -25.62 -51.77 0.02
N GLU C 111 -24.95 -51.27 -1.02
CA GLU C 111 -25.60 -50.98 -2.31
C GLU C 111 -26.76 -49.98 -2.24
N LYS C 112 -26.47 -48.74 -1.86
CA LYS C 112 -27.39 -47.60 -2.11
C LYS C 112 -26.51 -46.37 -1.91
N PHE C 113 -26.60 -45.40 -2.81
CA PHE C 113 -25.65 -44.27 -2.87
C PHE C 113 -26.35 -42.88 -2.65
N MET C 114 -25.84 -41.96 -1.82
CA MET C 114 -26.18 -40.52 -1.96
C MET C 114 -25.03 -39.63 -2.44
N THR C 115 -25.38 -38.38 -2.72
CA THR C 115 -24.43 -37.31 -3.02
C THR C 115 -24.36 -36.28 -1.90
N LEU C 116 -23.19 -35.65 -1.80
CA LEU C 116 -22.93 -34.64 -0.78
C LEU C 116 -22.43 -33.36 -1.43
N PRO C 117 -23.30 -32.35 -1.53
CA PRO C 117 -22.80 -31.02 -1.85
C PRO C 117 -21.80 -30.59 -0.80
N VAL C 118 -20.59 -30.26 -1.23
CA VAL C 118 -19.50 -29.88 -0.35
C VAL C 118 -18.84 -28.61 -0.88
N LYS C 119 -18.64 -27.63 -0.02
CA LYS C 119 -18.06 -26.36 -0.45
C LYS C 119 -16.74 -26.10 0.27
N LEU C 120 -15.67 -25.83 -0.48
CA LEU C 120 -14.38 -25.58 0.13
C LEU C 120 -13.85 -24.19 -0.21
N SER C 121 -13.12 -23.60 0.73
CA SER C 121 -12.56 -22.27 0.53
C SER C 121 -11.05 -22.27 0.77
N ILE C 122 -10.31 -22.03 -0.30
CA ILE C 122 -8.87 -21.80 -0.25
C ILE C 122 -8.60 -20.33 0.00
N SER C 123 -7.85 -20.02 1.05
CA SER C 123 -7.63 -18.64 1.45
C SER C 123 -6.34 -18.46 2.24
N ASP C 124 -6.02 -17.21 2.54
CA ASP C 124 -4.87 -16.87 3.36
C ASP C 124 -3.59 -17.52 2.85
N ILE C 125 -3.26 -17.24 1.59
CA ILE C 125 -2.09 -17.82 0.97
C ILE C 125 -0.83 -17.04 1.35
N GLY C 126 0.03 -17.68 2.14
CA GLY C 126 1.31 -17.10 2.51
C GLY C 126 2.34 -17.40 1.45
N LEU C 127 3.21 -16.43 1.20
CA LEU C 127 4.16 -16.53 0.10
C LEU C 127 5.29 -15.51 0.29
N HIS C 128 6.52 -15.97 0.07
CA HIS C 128 7.66 -15.06 0.07
C HIS C 128 8.77 -15.76 -0.70
N SER C 129 9.05 -15.24 -1.88
CA SER C 129 9.71 -16.01 -2.93
C SER C 129 10.42 -15.13 -3.95
N LEU C 130 11.18 -15.75 -4.85
CA LEU C 130 11.86 -15.00 -5.90
C LEU C 130 11.30 -15.33 -7.28
N CYS C 131 10.82 -14.28 -7.96
CA CYS C 131 10.22 -14.42 -9.28
C CYS C 131 11.06 -13.70 -10.33
N ILE C 132 10.89 -14.09 -11.59
CA ILE C 132 11.42 -13.28 -12.69
C ILE C 132 10.31 -12.94 -13.66
N VAL C 133 10.24 -11.68 -14.05
CA VAL C 133 9.28 -11.26 -15.06
C VAL C 133 10.04 -10.82 -16.30
N ALA C 134 9.96 -11.64 -17.35
CA ALA C 134 10.68 -11.37 -18.58
C ALA C 134 9.76 -10.83 -19.66
N CYS C 135 10.17 -9.74 -20.30
CA CYS C 135 9.45 -9.23 -21.46
C CYS C 135 10.34 -9.28 -22.71
N LEU C 136 9.78 -9.93 -23.73
CA LEU C 136 10.45 -10.30 -24.98
C LEU C 136 9.50 -10.12 -26.15
N SER C 137 9.91 -9.36 -27.17
CA SER C 137 9.20 -9.17 -28.46
C SER C 137 7.92 -9.97 -28.81
N LYS C 138 6.76 -9.52 -28.36
CA LYS C 138 6.67 -8.72 -27.15
C LYS C 138 5.81 -9.47 -26.17
N GLN C 139 6.29 -10.65 -25.81
CA GLN C 139 5.56 -11.49 -24.89
C GLN C 139 6.02 -11.16 -23.47
N LEU C 140 5.13 -11.43 -22.52
CA LEU C 140 5.43 -11.20 -21.14
C LEU C 140 5.43 -12.53 -20.43
N PHE C 141 6.58 -12.82 -19.81
CA PHE C 141 6.79 -14.12 -19.17
C PHE C 141 6.88 -13.92 -17.64
N LEU C 142 5.93 -14.48 -16.88
CA LEU C 142 6.11 -14.44 -15.42
C LEU C 142 6.37 -15.83 -14.85
N SER C 143 7.34 -15.95 -13.96
CA SER C 143 7.63 -17.24 -13.34
C SER C 143 8.16 -17.12 -11.92
N PHE C 144 7.72 -18.02 -11.04
CA PHE C 144 8.24 -18.10 -9.70
C PHE C 144 9.45 -19.04 -9.66
N LEU C 145 10.63 -18.46 -9.50
CA LEU C 145 11.85 -19.26 -9.46
C LEU C 145 11.97 -20.02 -8.15
N CYS C 146 12.01 -19.29 -7.05
CA CYS C 146 12.49 -19.89 -5.81
C CYS C 146 11.69 -19.46 -4.58
N ASP C 147 11.99 -20.07 -3.44
CA ASP C 147 11.57 -19.51 -2.15
C ASP C 147 12.78 -18.82 -1.55
N VAL C 148 12.55 -17.67 -0.93
CA VAL C 148 13.67 -16.86 -0.46
C VAL C 148 14.55 -17.58 0.57
N SER C 149 13.96 -18.48 1.37
CA SER C 149 14.74 -19.22 2.35
C SER C 149 15.10 -20.62 1.86
N ASP C 150 15.22 -20.79 0.55
CA ASP C 150 15.62 -22.09 0.01
C ASP C 150 17.10 -22.34 0.28
N PRO C 151 17.45 -23.58 0.68
CA PRO C 151 18.80 -23.88 1.15
C PRO C 151 19.96 -23.79 0.15
N ALA C 152 19.72 -23.67 -1.16
CA ALA C 152 20.86 -23.48 -2.06
C ALA C 152 20.92 -22.03 -2.55
N LEU C 153 20.43 -21.13 -1.70
CA LEU C 153 20.71 -19.70 -1.81
C LEU C 153 21.69 -19.28 -0.72
N ASP C 154 22.11 -20.25 0.10
CA ASP C 154 23.21 -20.03 1.02
C ASP C 154 24.45 -19.74 0.19
N ASP C 155 25.52 -19.26 0.82
CA ASP C 155 26.77 -18.97 0.13
C ASP C 155 26.56 -17.69 -0.70
N ASN C 156 25.36 -17.13 -0.64
CA ASN C 156 24.96 -15.98 -1.45
C ASN C 156 25.12 -16.26 -2.94
N GLN C 157 24.85 -17.49 -3.33
CA GLN C 157 24.87 -17.87 -4.74
C GLN C 157 23.68 -17.23 -5.45
N THR C 158 23.98 -16.45 -6.49
CA THR C 158 22.93 -15.73 -7.22
C THR C 158 21.98 -16.70 -7.93
N VAL C 159 20.70 -16.34 -7.95
CA VAL C 159 19.66 -17.23 -8.47
C VAL C 159 19.67 -17.34 -9.99
N LEU C 160 19.99 -16.23 -10.66
CA LEU C 160 20.00 -16.18 -12.11
C LEU C 160 21.08 -17.06 -12.71
N ASP C 161 21.74 -17.83 -11.83
CA ASP C 161 22.80 -18.73 -12.19
C ASP C 161 22.23 -19.96 -12.89
N PRO C 162 22.54 -20.11 -14.19
CA PRO C 162 22.09 -21.31 -14.89
C PRO C 162 22.91 -22.52 -14.46
N LYS C 163 24.16 -22.29 -14.05
CA LYS C 163 24.99 -23.31 -13.43
C LYS C 163 24.19 -23.93 -12.28
N GLY C 164 23.57 -23.05 -11.51
CA GLY C 164 22.92 -23.41 -10.25
C GLY C 164 21.75 -24.35 -10.37
N PRO C 165 21.34 -24.95 -9.23
CA PRO C 165 20.30 -25.98 -9.20
C PRO C 165 18.89 -25.43 -9.40
N ILE C 166 18.63 -24.18 -8.96
CA ILE C 166 17.34 -23.54 -9.17
C ILE C 166 16.89 -23.57 -10.63
N LEU C 167 17.67 -22.89 -11.44
CA LEU C 167 17.34 -22.65 -12.84
C LEU C 167 17.46 -23.92 -13.65
N ALA C 168 18.38 -24.79 -13.23
CA ALA C 168 18.54 -26.08 -13.88
C ALA C 168 17.35 -26.98 -13.55
N ALA C 169 16.82 -26.81 -12.35
CA ALA C 169 15.69 -27.59 -11.85
C ALA C 169 15.97 -29.09 -11.95
N THR C 170 17.22 -29.46 -11.71
CA THR C 170 17.64 -30.85 -11.80
C THR C 170 17.17 -31.64 -10.57
N LYS C 171 17.16 -30.96 -9.41
CA LYS C 171 16.79 -31.60 -8.15
C LYS C 171 15.60 -30.91 -7.51
N PRO C 172 14.39 -31.19 -8.01
CA PRO C 172 13.15 -30.52 -7.58
C PRO C 172 12.71 -30.97 -6.20
N LEU C 173 13.04 -32.20 -5.85
CA LEU C 173 12.57 -32.81 -4.61
C LEU C 173 13.01 -32.08 -3.33
N GLU C 174 14.21 -31.51 -3.34
CA GLU C 174 14.75 -30.91 -2.12
C GLU C 174 14.58 -29.39 -2.06
N ARG C 175 13.90 -28.83 -3.05
CA ARG C 175 13.59 -27.41 -3.02
C ARG C 175 12.28 -27.07 -2.33
N ILE C 176 12.38 -26.15 -1.37
CA ILE C 176 11.26 -25.73 -0.54
C ILE C 176 10.09 -25.19 -1.37
N SER C 177 8.89 -25.57 -0.96
CA SER C 177 7.65 -25.10 -1.58
C SER C 177 7.60 -23.58 -1.71
N ILE C 178 7.26 -23.12 -2.91
CA ILE C 178 7.02 -21.70 -3.17
C ILE C 178 6.02 -21.12 -2.18
N VAL C 179 4.90 -21.82 -2.03
CA VAL C 179 3.85 -21.41 -1.12
C VAL C 179 4.16 -21.86 0.30
N ARG C 180 4.22 -20.91 1.22
CA ARG C 180 4.55 -21.19 2.60
C ARG C 180 3.33 -21.57 3.41
N SER C 181 2.24 -20.84 3.20
CA SER C 181 1.03 -21.07 3.97
C SER C 181 -0.23 -21.09 3.11
N MET C 182 -1.24 -21.80 3.59
CA MET C 182 -2.54 -21.84 2.95
C MET C 182 -3.59 -22.29 3.96
N LYS C 183 -4.84 -21.99 3.66
CA LYS C 183 -5.95 -22.37 4.53
C LYS C 183 -7.09 -22.95 3.71
N ILE C 184 -7.44 -24.20 4.01
CA ILE C 184 -8.58 -24.84 3.37
C ILE C 184 -9.69 -25.02 4.38
N GLU C 185 -10.82 -24.37 4.15
CA GLU C 185 -11.99 -24.59 5.00
C GLU C 185 -13.03 -25.39 4.24
N THR C 186 -13.89 -26.10 4.97
CA THR C 186 -14.90 -26.92 4.32
C THR C 186 -16.24 -26.81 5.02
N GLU C 187 -17.27 -26.52 4.22
CA GLU C 187 -18.63 -26.44 4.69
C GLU C 187 -19.47 -27.52 4.01
N ILE C 188 -20.14 -28.32 4.84
CA ILE C 188 -21.14 -29.24 4.36
C ILE C 188 -22.43 -28.88 5.10
N GLY C 189 -23.58 -29.21 4.53
CA GLY C 189 -24.82 -29.10 5.28
C GLY C 189 -24.66 -29.92 6.55
N GLU C 190 -25.22 -29.46 7.67
CA GLU C 190 -24.90 -30.05 8.99
C GLU C 190 -25.84 -31.23 9.27
N GLN C 191 -26.72 -31.52 8.32
CA GLN C 191 -27.52 -32.75 8.38
C GLN C 191 -26.55 -33.91 8.60
N TYR C 192 -25.35 -33.76 8.05
CA TYR C 192 -24.32 -34.79 8.02
C TYR C 192 -23.10 -34.58 8.95
N GLN C 193 -23.01 -33.47 9.68
CA GLN C 193 -21.81 -33.20 10.50
C GLN C 193 -21.77 -34.05 11.77
N GLY C 194 -22.77 -34.91 11.95
CA GLY C 194 -22.80 -35.84 13.06
C GLY C 194 -22.07 -37.12 12.74
N GLN C 195 -22.29 -37.62 11.52
CA GLN C 195 -21.68 -38.86 11.06
C GLN C 195 -20.18 -38.70 10.82
N GLY C 196 -19.40 -39.62 11.37
CA GLY C 196 -17.94 -39.57 11.23
C GLY C 196 -17.46 -39.92 9.84
N SER C 197 -18.12 -40.88 9.22
CA SER C 197 -17.79 -41.32 7.86
C SER C 197 -17.77 -40.14 6.88
N VAL C 198 -18.82 -39.33 6.97
CA VAL C 198 -18.92 -38.10 6.20
C VAL C 198 -17.70 -37.22 6.42
N LEU C 199 -17.33 -37.05 7.69
CA LEU C 199 -16.23 -36.17 8.06
C LEU C 199 -14.88 -36.66 7.55
N ARG C 200 -14.68 -37.98 7.50
CA ARG C 200 -13.40 -38.49 7.01
C ARG C 200 -13.34 -38.47 5.49
N SER C 201 -14.49 -38.65 4.83
CA SER C 201 -14.53 -38.46 3.38
C SER C 201 -14.24 -36.99 3.04
N VAL C 202 -14.76 -36.09 3.86
CA VAL C 202 -14.48 -34.66 3.75
C VAL C 202 -13.00 -34.39 3.97
N GLY C 203 -12.40 -35.12 4.90
CA GLY C 203 -10.98 -34.98 5.18
C GLY C 203 -10.12 -35.39 4.00
N GLU C 204 -10.41 -36.55 3.43
CA GLU C 204 -9.68 -37.04 2.27
C GLU C 204 -9.88 -36.10 1.09
N LEU C 205 -11.06 -35.49 1.01
CA LEU C 205 -11.31 -34.47 -0.01
C LEU C 205 -10.43 -33.25 0.20
N GLU C 206 -10.31 -32.80 1.46
CA GLU C 206 -9.47 -31.66 1.80
C GLU C 206 -8.03 -31.93 1.38
N GLN C 207 -7.54 -33.12 1.72
CA GLN C 207 -6.17 -33.51 1.36
C GLN C 207 -5.99 -33.53 -0.15
N PHE C 208 -6.93 -34.15 -0.85
CA PHE C 208 -6.86 -34.25 -2.31
C PHE C 208 -6.85 -32.86 -2.96
N LEU C 209 -7.61 -31.93 -2.39
CA LEU C 209 -7.66 -30.57 -2.88
C LEU C 209 -6.32 -29.89 -2.70
N PHE C 210 -5.79 -30.06 -1.49
CA PHE C 210 -4.45 -29.62 -1.09
C PHE C 210 -3.37 -30.02 -2.10
N THR C 211 -3.27 -31.32 -2.37
CA THR C 211 -2.25 -31.82 -3.30
C THR C 211 -2.52 -31.37 -4.75
N ILE C 212 -3.79 -31.30 -5.13
CA ILE C 212 -4.17 -30.79 -6.45
C ILE C 212 -3.67 -29.35 -6.61
N PHE C 213 -3.83 -28.58 -5.55
CA PHE C 213 -3.47 -27.17 -5.50
C PHE C 213 -1.97 -27.01 -5.68
N LYS C 214 -1.20 -27.79 -4.92
CA LYS C 214 0.24 -27.76 -5.10
C LYS C 214 0.67 -28.10 -6.52
N ASP C 215 0.16 -29.22 -7.02
CA ASP C 215 0.46 -29.67 -8.36
C ASP C 215 0.15 -28.56 -9.37
N PHE C 216 -0.93 -27.83 -9.13
CA PHE C 216 -1.27 -26.69 -9.98
C PHE C 216 -0.19 -25.62 -9.94
N LEU C 217 0.22 -25.25 -8.72
CA LEU C 217 1.30 -24.28 -8.55
C LEU C 217 2.53 -24.66 -9.35
N ARG C 218 2.95 -25.91 -9.21
CA ARG C 218 4.19 -26.34 -9.85
C ARG C 218 4.06 -26.50 -11.37
N LYS C 219 2.86 -26.85 -11.85
CA LYS C 219 2.67 -27.03 -13.28
C LYS C 219 2.47 -25.69 -14.00
N GLU C 220 2.12 -24.66 -13.24
CA GLU C 220 1.80 -23.37 -13.84
C GLU C 220 2.75 -22.23 -13.46
N LEU C 221 3.21 -22.21 -12.21
CA LEU C 221 3.96 -21.04 -11.72
C LEU C 221 5.43 -21.32 -11.45
N ALA C 222 5.71 -22.46 -10.81
CA ALA C 222 7.08 -22.82 -10.44
C ALA C 222 7.96 -23.04 -11.67
N TRP C 223 9.09 -22.33 -11.72
CA TRP C 223 10.10 -22.55 -12.74
C TRP C 223 10.46 -24.03 -12.77
N PRO C 224 10.64 -24.61 -13.98
CA PRO C 224 10.68 -23.95 -15.28
C PRO C 224 9.34 -23.73 -15.95
N SER C 225 8.25 -23.96 -15.23
CA SER C 225 6.93 -23.59 -15.73
C SER C 225 6.73 -22.10 -15.56
N TRP C 226 6.13 -21.47 -16.56
CA TRP C 226 5.96 -20.02 -16.51
C TRP C 226 4.55 -19.64 -17.03
N ILE C 227 4.19 -18.35 -17.02
CA ILE C 227 2.81 -17.88 -17.32
C ILE C 227 2.73 -16.73 -18.34
N ASN C 228 1.93 -16.91 -19.40
CA ASN C 228 2.03 -16.04 -20.58
C ASN C 228 0.98 -14.96 -20.73
N LEU C 229 1.45 -13.76 -21.06
CA LEU C 229 0.54 -12.69 -21.47
C LEU C 229 1.04 -12.07 -22.78
N ASP C 230 0.11 -11.90 -23.74
CA ASP C 230 0.45 -11.68 -25.14
C ASP C 230 -0.22 -10.46 -25.80
N PHE C 231 0.53 -9.80 -26.69
CA PHE C 231 -0.03 -8.88 -27.68
C PHE C 231 0.22 -9.43 -29.08
N ASN C 232 -0.67 -10.29 -29.55
CA ASN C 232 -0.53 -10.90 -30.87
C ASN C 232 -1.88 -11.00 -31.59
N GLY D 1 -9.06 -0.95 -6.93
CA GLY D 1 -7.61 -0.94 -7.01
C GLY D 1 -6.99 -2.22 -6.45
N MET D 2 -5.84 -2.07 -5.82
CA MET D 2 -5.13 -3.15 -5.13
C MET D 2 -3.86 -2.60 -4.50
N SER D 3 -3.63 -2.94 -3.23
CA SER D 3 -2.55 -2.34 -2.46
C SER D 3 -1.18 -2.99 -2.70
N PHE D 4 -0.23 -2.18 -3.15
CA PHE D 4 1.15 -2.65 -3.37
C PHE D 4 2.15 -1.94 -2.46
N ASP D 5 3.19 -2.67 -2.08
CA ASP D 5 4.37 -2.06 -1.46
C ASP D 5 5.58 -2.32 -2.35
N ILE D 6 6.11 -1.26 -2.95
CA ILE D 6 7.27 -1.40 -3.81
C ILE D 6 8.53 -0.83 -3.15
N ASN D 7 9.61 -1.60 -3.20
CA ASN D 7 10.90 -1.11 -2.72
C ASN D 7 11.97 -1.43 -3.75
N TRP D 8 12.77 -0.42 -4.06
CA TRP D 8 13.83 -0.55 -5.06
C TRP D 8 15.20 -0.40 -4.41
N SER D 9 15.39 -1.06 -3.27
CA SER D 9 16.51 -0.77 -2.37
C SER D 9 17.91 -0.65 -3.00
N THR D 10 18.27 -1.49 -3.95
CA THR D 10 19.62 -1.41 -4.50
C THR D 10 19.55 -1.38 -6.05
N LEU D 11 18.44 -0.88 -6.58
CA LEU D 11 18.49 -0.22 -7.87
C LEU D 11 19.08 1.12 -7.51
N GLU D 12 18.36 1.87 -6.68
CA GLU D 12 18.80 3.20 -6.27
C GLU D 12 19.13 3.29 -4.78
N SER D 13 18.64 2.34 -4.00
CA SER D 13 18.85 2.33 -2.55
C SER D 13 17.96 3.36 -1.87
N ASP D 14 18.28 3.68 -0.61
CA ASP D 14 17.56 4.69 0.16
C ASP D 14 18.50 5.82 0.56
N ASN D 15 18.08 7.06 0.35
CA ASN D 15 18.96 8.19 0.58
C ASN D 15 19.98 8.52 -0.51
N ARG D 16 19.99 7.80 -1.64
CA ARG D 16 20.86 8.30 -2.71
C ARG D 16 19.89 8.76 -3.80
N LEU D 17 18.70 8.18 -3.85
CA LEU D 17 17.62 8.74 -4.68
C LEU D 17 17.20 10.08 -4.06
N ASN D 18 16.91 10.06 -2.76
CA ASN D 18 16.53 11.30 -2.06
C ASN D 18 17.53 12.45 -2.24
N ASP D 19 18.82 12.08 -2.32
CA ASP D 19 19.95 12.99 -2.42
C ASP D 19 20.02 13.52 -3.85
N LEU D 20 19.93 12.60 -4.80
CA LEU D 20 19.89 12.99 -6.21
C LEU D 20 18.87 14.12 -6.39
N ILE D 21 17.64 13.83 -5.96
CA ILE D 21 16.59 14.83 -6.03
C ILE D 21 16.99 16.10 -5.25
N ARG D 22 17.61 15.89 -4.10
CA ARG D 22 17.93 16.99 -3.18
C ARG D 22 18.91 18.01 -3.77
N LYS D 23 19.92 17.53 -4.49
CA LYS D 23 20.92 18.44 -5.04
C LYS D 23 20.67 18.82 -6.49
N HIS D 24 19.70 18.19 -7.15
CA HIS D 24 19.23 18.82 -8.39
C HIS D 24 18.24 19.94 -8.04
N LEU D 25 17.50 19.77 -6.96
CA LEU D 25 16.68 20.86 -6.42
C LEU D 25 17.58 21.99 -5.92
N ASN D 26 18.66 21.61 -5.23
CA ASN D 26 19.67 22.58 -4.82
C ASN D 26 20.30 23.27 -6.02
N SER D 27 20.52 22.49 -7.08
CA SER D 27 21.07 23.04 -8.32
C SER D 27 20.13 24.08 -8.92
N TYR D 28 18.83 23.85 -8.80
CA TYR D 28 17.86 24.85 -9.26
C TYR D 28 17.90 26.09 -8.37
N LEU D 29 17.92 25.88 -7.05
CA LEU D 29 17.88 26.98 -6.10
C LEU D 29 19.09 27.92 -6.17
N GLN D 30 20.29 27.36 -6.19
CA GLN D 30 21.50 28.17 -6.21
C GLN D 30 21.68 28.86 -7.56
N ASN D 31 20.88 28.46 -8.54
CA ASN D 31 20.98 29.02 -9.88
C ASN D 31 19.80 29.94 -10.22
N THR D 32 18.99 30.26 -9.21
CA THR D 32 17.94 31.26 -9.36
C THR D 32 18.29 32.51 -8.56
N GLN D 33 17.88 33.66 -9.06
CA GLN D 33 18.15 34.92 -8.36
C GLN D 33 17.34 34.99 -7.07
N LEU D 34 17.91 35.63 -6.05
CA LEU D 34 17.23 35.75 -4.77
C LEU D 34 16.86 37.17 -4.44
N PRO D 35 15.74 37.34 -3.72
CA PRO D 35 15.36 38.62 -3.10
C PRO D 35 16.47 39.18 -2.22
N SER D 36 16.38 40.47 -1.93
CA SER D 36 17.39 41.14 -1.11
C SER D 36 17.35 40.64 0.33
N TYR D 37 16.13 40.44 0.85
CA TYR D 37 15.96 40.07 2.25
C TYR D 37 16.39 38.62 2.53
N VAL D 38 16.54 37.82 1.48
CA VAL D 38 16.99 36.44 1.69
C VAL D 38 18.38 36.23 1.10
N SER D 39 19.27 35.78 1.97
CA SER D 39 20.70 35.67 1.70
C SER D 39 21.07 34.52 0.79
N ASN D 40 20.47 33.38 1.11
CA ASN D 40 21.07 32.10 0.84
C ASN D 40 20.03 31.00 1.02
N LEU D 41 19.67 30.34 -0.08
CA LEU D 41 18.64 29.31 -0.07
C LEU D 41 19.22 27.94 -0.42
N ARG D 42 18.69 26.91 0.24
CA ARG D 42 19.16 25.55 -0.01
C ARG D 42 18.35 24.46 0.70
N VAL D 43 18.42 23.27 0.13
CA VAL D 43 17.66 22.12 0.57
C VAL D 43 18.38 21.39 1.70
N LEU D 44 17.85 21.49 2.92
CA LEU D 44 18.43 20.80 4.06
C LEU D 44 18.39 19.31 3.79
N ASP D 45 17.19 18.76 3.61
CA ASP D 45 17.11 17.42 3.01
C ASP D 45 15.73 17.09 2.46
N PHE D 46 15.71 16.09 1.59
CA PHE D 46 14.53 15.73 0.82
C PHE D 46 14.11 14.30 1.14
N ASP D 47 12.81 14.07 1.25
CA ASP D 47 12.30 12.76 1.58
C ASP D 47 11.06 12.43 0.75
N LEU D 48 11.22 11.50 -0.20
CA LEU D 48 10.14 11.11 -1.10
C LEU D 48 8.98 10.47 -0.33
N GLY D 49 9.30 9.89 0.82
CA GLY D 49 8.29 9.33 1.70
C GLY D 49 8.10 7.83 1.53
N LYS D 50 7.26 7.25 2.38
CA LYS D 50 6.92 5.83 2.27
C LYS D 50 5.48 5.66 1.82
N VAL D 51 4.82 6.77 1.49
CA VAL D 51 3.46 6.74 0.96
C VAL D 51 3.44 7.20 -0.50
N GLY D 52 3.00 6.32 -1.39
CA GLY D 52 2.96 6.63 -2.81
C GLY D 52 1.58 7.01 -3.30
N PRO D 53 1.44 7.16 -4.62
CA PRO D 53 0.20 7.62 -5.26
C PRO D 53 -0.79 6.51 -5.55
N ALA D 54 -2.01 6.89 -5.87
CA ALA D 54 -2.99 5.95 -6.40
C ALA D 54 -2.99 6.06 -7.92
N ILE D 55 -2.53 5.00 -8.57
CA ILE D 55 -2.38 5.00 -10.03
C ILE D 55 -3.50 4.22 -10.70
N THR D 56 -4.06 4.80 -11.75
CA THR D 56 -5.17 4.18 -12.47
C THR D 56 -4.90 4.17 -13.97
N LEU D 57 -4.52 3.01 -14.50
CA LEU D 57 -4.27 2.87 -15.93
C LEU D 57 -5.52 3.22 -16.73
N LYS D 58 -5.43 4.29 -17.51
CA LYS D 58 -6.58 4.84 -18.22
C LYS D 58 -6.63 4.35 -19.66
N GLU D 59 -5.46 4.25 -20.29
CA GLU D 59 -5.36 3.84 -21.68
C GLU D 59 -3.94 3.39 -21.96
N ILE D 60 -3.77 2.56 -22.99
CA ILE D 60 -2.43 2.12 -23.38
C ILE D 60 -2.25 2.16 -24.90
N THR D 61 -1.26 2.92 -25.34
CA THR D 61 -0.97 3.10 -26.75
C THR D 61 0.54 2.96 -26.99
N ASP D 62 0.98 3.08 -28.23
CA ASP D 62 2.40 3.16 -28.51
C ASP D 62 2.81 4.64 -28.43
N PRO D 63 4.08 4.91 -28.06
CA PRO D 63 4.57 6.27 -27.77
C PRO D 63 4.23 7.31 -28.85
N LEU D 64 4.07 8.55 -28.40
CA LEU D 64 3.78 9.67 -29.30
C LEU D 64 4.91 9.86 -30.32
N ASP D 65 4.59 10.49 -31.44
CA ASP D 65 5.53 10.61 -32.54
C ASP D 65 6.73 11.50 -32.22
N GLU D 66 6.52 12.55 -31.44
CA GLU D 66 7.62 13.46 -31.15
C GLU D 66 8.62 12.84 -30.19
N PHE D 67 8.29 11.69 -29.62
CA PHE D 67 9.31 10.86 -29.00
C PHE D 67 10.29 10.56 -30.12
N TYR D 68 9.82 9.78 -31.09
CA TYR D 68 10.62 9.38 -32.23
C TYR D 68 11.26 10.57 -32.94
N ASP D 69 10.70 11.77 -32.78
CA ASP D 69 11.31 12.99 -33.34
C ASP D 69 12.43 13.56 -32.45
N SER D 70 12.31 13.35 -31.15
CA SER D 70 13.34 13.73 -30.20
C SER D 70 14.44 12.70 -30.23
N ILE D 71 14.14 11.61 -30.91
CA ILE D 71 15.03 10.48 -30.97
C ILE D 71 15.46 10.35 -32.45
N ARG D 72 14.96 11.27 -33.28
CA ARG D 72 15.50 11.53 -34.60
C ARG D 72 16.66 12.52 -34.41
N GLU D 73 16.51 13.35 -33.38
CA GLU D 73 17.56 14.23 -32.89
C GLU D 73 18.87 13.49 -32.78
N GLU D 74 18.79 12.25 -32.31
CA GLU D 74 19.92 11.36 -32.05
C GLU D 74 21.21 11.67 -32.81
N SER D 80 10.81 -1.20 -29.75
CA SER D 80 11.65 -1.29 -30.94
C SER D 80 10.92 -1.08 -32.28
N PRO D 81 9.68 -1.61 -32.44
CA PRO D 81 8.69 -2.36 -31.64
C PRO D 81 9.20 -3.63 -30.95
N ASN D 82 8.72 -3.85 -29.73
CA ASN D 82 7.61 -3.08 -29.18
C ASN D 82 8.07 -2.02 -28.20
N ASP D 83 7.83 -0.77 -28.58
CA ASP D 83 7.85 0.36 -27.65
C ASP D 83 6.41 0.53 -27.16
N ILE D 84 6.22 0.98 -25.93
CA ILE D 84 4.84 1.12 -25.46
C ILE D 84 4.72 2.26 -24.46
N GLN D 85 3.57 2.92 -24.45
CA GLN D 85 3.37 4.01 -23.50
C GLN D 85 2.08 3.82 -22.70
N PHE D 86 2.14 4.16 -21.43
CA PHE D 86 0.99 4.06 -20.54
C PHE D 86 0.42 5.44 -20.28
N LEU D 87 -0.90 5.57 -20.36
CA LEU D 87 -1.57 6.80 -19.95
C LEU D 87 -2.23 6.58 -18.60
N LEU D 88 -1.66 7.19 -17.57
CA LEU D 88 -2.08 6.92 -16.19
C LEU D 88 -2.75 8.11 -15.52
N GLU D 89 -3.83 7.82 -14.80
CA GLU D 89 -4.42 8.80 -13.90
C GLU D 89 -3.78 8.66 -12.53
N VAL D 90 -2.91 9.62 -12.20
CA VAL D 90 -2.17 9.58 -10.94
C VAL D 90 -2.80 10.50 -9.90
N GLU D 91 -3.02 9.96 -8.70
CA GLU D 91 -3.56 10.75 -7.61
C GLU D 91 -2.67 10.65 -6.37
N TYR D 92 -1.84 11.67 -6.18
CA TYR D 92 -0.92 11.71 -5.05
C TYR D 92 -1.45 12.59 -3.92
N LYS D 93 -1.59 11.98 -2.74
CA LYS D 93 -1.83 12.71 -1.50
C LYS D 93 -0.89 12.09 -0.47
N GLY D 94 0.39 12.07 -0.81
CA GLY D 94 1.37 11.37 0.00
C GLY D 94 2.23 12.27 0.86
N ASP D 95 3.26 11.68 1.46
CA ASP D 95 4.05 12.34 2.48
C ASP D 95 5.40 12.86 1.98
N LEU D 96 5.43 13.38 0.76
CA LEU D 96 6.64 14.01 0.24
C LEU D 96 6.99 15.15 1.17
N LEU D 97 8.28 15.28 1.50
CA LEU D 97 8.71 16.30 2.45
C LEU D 97 10.01 16.97 2.02
N VAL D 98 9.96 18.27 1.80
CA VAL D 98 11.16 19.04 1.49
C VAL D 98 11.51 19.98 2.64
N THR D 99 12.67 19.77 3.24
CA THR D 99 13.14 20.65 4.30
C THR D 99 14.22 21.57 3.76
N ILE D 100 13.88 22.87 3.76
CA ILE D 100 14.66 23.92 3.10
C ILE D 100 15.17 24.97 4.08
N GLY D 101 16.45 25.33 3.97
CA GLY D 101 17.04 26.33 4.83
C GLY D 101 17.25 27.66 4.16
N ALA D 102 17.05 28.73 4.93
CA ALA D 102 17.22 30.09 4.42
C ALA D 102 17.73 31.01 5.52
N ASP D 103 18.64 31.91 5.18
CA ASP D 103 19.03 32.95 6.12
C ASP D 103 18.35 34.24 5.70
N LEU D 104 17.56 34.81 6.60
CA LEU D 104 16.91 36.09 6.34
C LEU D 104 17.75 37.25 6.85
N VAL D 105 17.90 38.28 6.03
CA VAL D 105 18.70 39.45 6.40
C VAL D 105 17.87 40.39 7.27
N LEU D 106 18.41 40.73 8.45
CA LEU D 106 17.64 41.47 9.46
C LEU D 106 18.36 42.74 9.94
N ASN D 107 17.55 43.77 10.22
CA ASN D 107 18.01 45.07 10.67
C ASN D 107 17.56 45.44 12.09
N TYR D 108 18.50 45.45 13.02
CA TYR D 108 18.28 46.01 14.35
C TYR D 108 18.65 47.48 14.16
N PRO D 109 18.24 48.39 15.08
CA PRO D 109 18.59 49.80 14.90
C PRO D 109 20.08 50.13 14.73
N VAL D 110 20.40 51.42 14.88
CA VAL D 110 21.69 52.02 14.48
C VAL D 110 22.29 51.35 13.28
N GLU D 111 21.43 50.75 12.45
CA GLU D 111 21.86 50.25 11.17
C GLU D 111 22.69 48.95 11.42
N LYS D 112 22.28 48.13 12.39
CA LYS D 112 23.02 46.88 12.56
C LYS D 112 22.37 45.78 11.73
N PHE D 113 23.14 45.21 10.81
CA PHE D 113 22.71 44.05 10.03
C PHE D 113 23.16 42.75 10.63
N MET D 114 22.30 41.75 10.55
CA MET D 114 22.68 40.40 10.91
C MET D 114 21.80 39.39 10.18
N THR D 115 22.00 38.12 10.49
CA THR D 115 21.32 37.06 9.76
C THR D 115 20.43 36.21 10.65
N LEU D 116 19.45 35.58 10.02
CA LEU D 116 18.50 34.74 10.74
C LEU D 116 18.40 33.38 10.10
N PRO D 117 19.01 32.37 10.74
CA PRO D 117 18.74 31.00 10.36
C PRO D 117 17.24 30.74 10.45
N VAL D 118 16.67 30.20 9.39
CA VAL D 118 15.23 30.06 9.22
C VAL D 118 14.94 28.79 8.44
N LYS D 119 14.06 27.93 8.94
CA LYS D 119 13.87 26.69 8.21
C LYS D 119 12.40 26.40 7.87
N LEU D 120 12.17 26.08 6.61
CA LEU D 120 10.84 25.90 6.06
C LEU D 120 10.60 24.46 5.64
N SER D 121 9.36 24.02 5.78
CA SER D 121 8.96 22.67 5.44
C SER D 121 7.83 22.69 4.43
N ILE D 122 8.15 22.21 3.22
CA ILE D 122 7.15 21.98 2.18
C ILE D 122 6.64 20.56 2.32
N SER D 123 5.31 20.41 2.40
CA SER D 123 4.70 19.11 2.62
C SER D 123 3.27 19.05 2.12
N ASP D 124 2.69 17.86 2.23
CA ASP D 124 1.28 17.62 1.91
C ASP D 124 0.94 18.08 0.49
N ILE D 125 1.75 17.65 -0.47
CA ILE D 125 1.55 18.03 -1.86
C ILE D 125 0.38 17.26 -2.48
N GLY D 126 -0.69 17.99 -2.77
CA GLY D 126 -1.85 17.41 -3.41
C GLY D 126 -1.67 17.33 -4.92
N LEU D 127 -2.18 16.26 -5.52
CA LEU D 127 -1.97 16.04 -6.94
C LEU D 127 -3.01 15.09 -7.54
N HIS D 128 -3.61 15.51 -8.64
CA HIS D 128 -4.50 14.65 -9.41
C HIS D 128 -4.31 15.01 -10.88
N SER D 129 -3.71 14.10 -11.63
CA SER D 129 -3.22 14.45 -12.95
C SER D 129 -3.14 13.28 -13.91
N LEU D 130 -2.85 13.59 -15.18
CA LEU D 130 -2.63 12.58 -16.19
C LEU D 130 -1.17 12.59 -16.63
N CYS D 131 -0.52 11.44 -16.46
CA CYS D 131 0.86 11.26 -16.85
C CYS D 131 0.97 10.23 -17.95
N ILE D 132 2.05 10.28 -18.72
CA ILE D 132 2.37 9.17 -19.61
C ILE D 132 3.74 8.61 -19.28
N VAL D 133 3.81 7.28 -19.23
CA VAL D 133 5.08 6.61 -19.06
C VAL D 133 5.40 5.80 -20.31
N ALA D 134 6.28 6.33 -21.14
CA ALA D 134 6.66 5.66 -22.38
C ALA D 134 7.99 4.93 -22.23
N CYS D 135 8.07 3.72 -22.79
CA CYS D 135 9.33 3.03 -22.87
C CYS D 135 9.66 2.75 -24.34
N LEU D 136 10.82 3.27 -24.75
CA LEU D 136 11.31 3.22 -26.14
C LEU D 136 12.81 2.89 -26.21
N SER D 137 13.11 1.70 -26.72
CA SER D 137 14.43 1.31 -27.22
C SER D 137 15.70 1.47 -26.36
N LYS D 138 15.70 1.22 -25.04
CA LYS D 138 14.53 1.15 -24.15
C LYS D 138 14.80 1.96 -22.89
N GLN D 139 15.32 3.15 -23.08
CA GLN D 139 15.19 4.20 -22.10
C GLN D 139 13.70 4.31 -21.72
N LEU D 140 13.43 4.50 -20.44
CA LEU D 140 12.07 4.64 -19.93
C LEU D 140 11.69 6.08 -19.69
N PHE D 141 10.47 6.42 -20.11
CA PHE D 141 10.04 7.81 -20.14
C PHE D 141 8.84 8.23 -19.24
N LEU D 142 9.09 8.90 -18.10
CA LEU D 142 7.96 9.49 -17.34
C LEU D 142 7.82 11.05 -17.40
N SER D 143 6.65 11.50 -17.88
CA SER D 143 6.20 12.92 -17.91
C SER D 143 4.76 13.16 -17.39
N PHE D 144 4.53 14.33 -16.78
CA PHE D 144 3.20 14.76 -16.35
C PHE D 144 2.53 15.64 -17.41
N LEU D 145 1.54 15.07 -18.10
CA LEU D 145 0.83 15.79 -19.14
C LEU D 145 -0.06 16.88 -18.56
N CYS D 146 -1.10 16.44 -17.89
CA CYS D 146 -2.25 17.31 -17.63
C CYS D 146 -2.75 17.22 -16.21
N ASP D 147 -3.70 18.07 -15.85
CA ASP D 147 -4.46 17.86 -14.62
C ASP D 147 -5.79 17.23 -15.00
N VAL D 148 -6.30 16.36 -14.16
CA VAL D 148 -7.53 15.62 -14.47
C VAL D 148 -8.68 16.55 -14.85
N SER D 149 -8.80 17.68 -14.14
CA SER D 149 -9.92 18.59 -14.34
C SER D 149 -9.58 19.79 -15.23
N ASP D 150 -8.60 19.64 -16.11
CA ASP D 150 -8.25 20.71 -17.03
C ASP D 150 -9.37 20.92 -18.05
N PRO D 151 -9.73 22.18 -18.30
CA PRO D 151 -10.85 22.54 -19.18
C PRO D 151 -10.71 22.08 -20.62
N ALA D 152 -9.51 21.71 -21.06
CA ALA D 152 -9.35 21.28 -22.44
C ALA D 152 -9.57 19.78 -22.58
N LEU D 153 -10.14 19.17 -21.55
CA LEU D 153 -10.49 17.77 -21.60
C LEU D 153 -12.00 17.60 -21.67
N ASP D 154 -12.71 18.72 -21.71
CA ASP D 154 -14.16 18.70 -21.86
C ASP D 154 -14.52 18.12 -23.22
N ASP D 155 -15.75 17.66 -23.36
CA ASP D 155 -16.22 17.01 -24.58
C ASP D 155 -15.36 15.76 -24.85
N ASN D 156 -14.90 15.14 -23.76
CA ASN D 156 -14.10 13.91 -23.80
C ASN D 156 -13.03 13.88 -24.90
N GLN D 157 -12.36 15.00 -25.10
CA GLN D 157 -11.26 15.06 -26.06
C GLN D 157 -10.06 14.30 -25.50
N THR D 158 -9.58 13.30 -26.23
CA THR D 158 -8.49 12.46 -25.76
C THR D 158 -7.19 13.25 -25.63
N VAL D 159 -6.53 13.07 -24.50
CA VAL D 159 -5.32 13.81 -24.16
C VAL D 159 -4.19 13.57 -25.16
N LEU D 160 -4.19 12.39 -25.78
CA LEU D 160 -3.08 11.98 -26.63
C LEU D 160 -3.12 12.60 -28.03
N ASP D 161 -4.11 13.43 -28.29
CA ASP D 161 -4.18 14.17 -29.55
C ASP D 161 -3.03 15.17 -29.63
N PRO D 162 -2.11 14.96 -30.58
CA PRO D 162 -0.87 15.74 -30.69
C PRO D 162 -1.08 17.23 -30.97
N LYS D 163 -2.08 17.57 -31.76
CA LYS D 163 -2.38 18.97 -32.03
C LYS D 163 -3.47 19.46 -31.10
N GLY D 164 -3.91 18.56 -30.21
CA GLY D 164 -4.68 18.95 -29.05
C GLY D 164 -3.76 19.85 -28.25
N PRO D 165 -4.31 20.77 -27.46
CA PRO D 165 -3.39 21.82 -27.04
C PRO D 165 -2.60 21.46 -25.77
N ILE D 166 -3.03 20.42 -25.05
CA ILE D 166 -2.22 19.83 -23.97
C ILE D 166 -0.85 19.42 -24.49
N LEU D 167 -0.85 18.59 -25.52
CA LEU D 167 0.36 17.99 -26.05
C LEU D 167 1.17 18.98 -26.89
N ALA D 168 0.47 19.93 -27.49
CA ALA D 168 1.13 20.97 -28.26
C ALA D 168 1.86 21.92 -27.32
N ALA D 169 1.29 22.12 -26.14
CA ALA D 169 1.82 23.04 -25.13
C ALA D 169 2.03 24.43 -25.72
N THR D 170 1.10 24.84 -26.57
CA THR D 170 1.18 26.14 -27.22
C THR D 170 0.69 27.24 -26.29
N LYS D 171 -0.14 26.85 -25.32
CA LYS D 171 -0.73 27.82 -24.39
C LYS D 171 -0.63 27.34 -22.95
N PRO D 172 0.58 27.39 -22.38
CA PRO D 172 0.86 26.90 -21.03
C PRO D 172 0.14 27.71 -19.97
N LEU D 173 -0.06 29.00 -20.25
CA LEU D 173 -0.72 29.91 -19.32
C LEU D 173 -2.14 29.47 -19.00
N GLU D 174 -2.81 28.88 -19.97
CA GLU D 174 -4.22 28.55 -19.83
C GLU D 174 -4.46 27.30 -18.98
N ARG D 175 -3.43 26.48 -18.83
CA ARG D 175 -3.66 25.16 -18.23
C ARG D 175 -3.56 25.23 -16.74
N ILE D 176 -4.52 24.58 -16.07
CA ILE D 176 -4.54 24.60 -14.62
C ILE D 176 -3.34 23.81 -14.13
N SER D 177 -2.79 24.22 -12.99
CA SER D 177 -1.50 23.71 -12.56
C SER D 177 -1.58 22.29 -12.01
N ILE D 178 -0.68 21.45 -12.51
CA ILE D 178 -0.52 20.06 -12.09
C ILE D 178 -0.59 19.87 -10.58
N VAL D 179 0.13 20.72 -9.85
CA VAL D 179 0.09 20.70 -8.39
C VAL D 179 -1.14 21.43 -7.88
N ARG D 180 -2.02 20.71 -7.18
CA ARG D 180 -3.25 21.28 -6.67
C ARG D 180 -3.04 21.95 -5.31
N SER D 181 -2.40 21.23 -4.40
CA SER D 181 -2.21 21.75 -3.05
C SER D 181 -0.75 21.61 -2.60
N MET D 182 -0.44 22.30 -1.51
CA MET D 182 0.92 22.39 -0.99
C MET D 182 0.88 23.18 0.30
N LYS D 183 1.65 22.76 1.29
CA LYS D 183 1.69 23.51 2.53
C LYS D 183 3.12 23.79 2.96
N ILE D 184 3.38 25.06 3.25
CA ILE D 184 4.70 25.52 3.67
C ILE D 184 4.62 26.07 5.08
N GLU D 185 5.37 25.48 6.01
CA GLU D 185 5.43 26.09 7.33
C GLU D 185 6.85 26.54 7.65
N THR D 186 6.98 27.50 8.56
CA THR D 186 8.28 28.11 8.79
C THR D 186 8.60 28.23 10.27
N GLU D 187 9.74 27.66 10.66
CA GLU D 187 10.21 27.75 12.03
C GLU D 187 11.40 28.71 12.10
N ILE D 188 11.31 29.64 13.05
CA ILE D 188 12.35 30.61 13.32
C ILE D 188 12.50 30.74 14.83
N GLY D 189 13.64 31.26 15.29
CA GLY D 189 13.89 31.42 16.72
C GLY D 189 12.75 32.14 17.44
N GLU D 190 12.36 31.60 18.59
CA GLU D 190 11.19 32.09 19.36
C GLU D 190 11.34 33.53 19.80
N GLN D 191 12.58 34.03 19.73
CA GLN D 191 12.93 35.41 19.95
C GLN D 191 12.18 36.37 19.01
N TYR D 192 11.84 35.90 17.80
CA TYR D 192 11.45 36.81 16.73
C TYR D 192 10.01 36.70 16.23
N GLN D 193 9.20 35.83 16.85
CA GLN D 193 7.78 35.79 16.50
C GLN D 193 7.09 37.01 17.09
N GLY D 194 7.82 37.71 17.97
CA GLY D 194 7.36 38.93 18.59
C GLY D 194 6.94 40.01 17.62
N GLN D 195 7.86 40.49 16.78
CA GLN D 195 7.56 41.63 15.91
C GLN D 195 7.29 41.20 14.46
N GLY D 196 6.21 41.73 13.90
CA GLY D 196 5.75 41.39 12.57
C GLY D 196 6.61 41.70 11.34
N SER D 197 7.63 42.55 11.43
CA SER D 197 8.49 42.76 10.26
C SER D 197 9.09 41.41 9.86
N VAL D 198 9.54 40.69 10.88
CA VAL D 198 10.07 39.34 10.70
C VAL D 198 9.02 38.41 10.12
N LEU D 199 7.81 38.44 10.68
CA LEU D 199 6.72 37.58 10.22
C LEU D 199 6.35 37.84 8.75
N ARG D 200 6.40 39.11 8.37
CA ARG D 200 6.10 39.53 7.00
C ARG D 200 7.17 39.05 6.05
N SER D 201 8.43 39.24 6.44
CA SER D 201 9.55 38.72 5.66
C SER D 201 9.40 37.21 5.47
N VAL D 202 8.97 36.55 6.54
CA VAL D 202 8.74 35.10 6.52
C VAL D 202 7.63 34.73 5.55
N GLY D 203 6.56 35.53 5.54
CA GLY D 203 5.45 35.29 4.63
C GLY D 203 5.86 35.44 3.18
N GLU D 204 6.54 36.54 2.90
CA GLU D 204 7.06 36.82 1.56
C GLU D 204 7.96 35.68 1.11
N LEU D 205 8.79 35.20 2.03
CA LEU D 205 9.69 34.10 1.75
C LEU D 205 8.91 32.83 1.44
N GLU D 206 7.86 32.57 2.21
CA GLU D 206 7.02 31.39 2.01
C GLU D 206 6.39 31.43 0.62
N GLN D 207 5.89 32.59 0.23
CA GLN D 207 5.32 32.78 -1.11
C GLN D 207 6.35 32.51 -2.19
N PHE D 208 7.48 33.21 -2.10
CA PHE D 208 8.58 33.08 -3.05
C PHE D 208 9.01 31.62 -3.22
N LEU D 209 9.14 30.94 -2.09
CA LEU D 209 9.53 29.53 -2.06
C LEU D 209 8.50 28.66 -2.76
N PHE D 210 7.23 28.92 -2.46
CA PHE D 210 6.11 28.23 -3.10
C PHE D 210 6.23 28.32 -4.61
N THR D 211 6.27 29.55 -5.12
CA THR D 211 6.37 29.80 -6.56
C THR D 211 7.60 29.11 -7.17
N ILE D 212 8.74 29.26 -6.50
CA ILE D 212 9.99 28.64 -6.95
C ILE D 212 9.84 27.12 -7.10
N PHE D 213 9.27 26.49 -6.08
CA PHE D 213 9.16 25.04 -6.04
C PHE D 213 8.23 24.54 -7.14
N LYS D 214 7.08 25.19 -7.29
CA LYS D 214 6.19 24.87 -8.39
C LYS D 214 7.00 24.93 -9.68
N ASP D 215 7.52 26.12 -10.00
CA ASP D 215 8.33 26.30 -11.21
C ASP D 215 9.36 25.20 -11.45
N PHE D 216 10.00 24.73 -10.38
CA PHE D 216 10.92 23.59 -10.46
C PHE D 216 10.20 22.36 -10.99
N LEU D 217 9.09 22.02 -10.33
CA LEU D 217 8.31 20.84 -10.72
C LEU D 217 7.79 20.95 -12.16
N ARG D 218 7.58 22.16 -12.64
CA ARG D 218 7.03 22.32 -14.00
C ARG D 218 8.15 22.21 -15.02
N LYS D 219 9.34 22.67 -14.65
CA LYS D 219 10.48 22.56 -15.54
C LYS D 219 11.05 21.14 -15.56
N GLU D 220 10.66 20.33 -14.59
CA GLU D 220 11.19 18.96 -14.51
C GLU D 220 10.19 17.87 -14.91
N LEU D 221 8.92 18.05 -14.56
CA LEU D 221 7.92 17.00 -14.73
C LEU D 221 6.87 17.31 -15.79
N ALA D 222 6.41 18.56 -15.82
CA ALA D 222 5.32 18.97 -16.69
C ALA D 222 5.69 18.91 -18.17
N TRP D 223 4.90 18.16 -18.94
CA TRP D 223 5.05 18.11 -20.38
C TRP D 223 5.15 19.53 -20.97
N PRO D 224 6.08 19.74 -21.90
CA PRO D 224 6.97 18.72 -22.49
C PRO D 224 8.27 18.50 -21.72
N SER D 225 8.40 19.07 -20.52
CA SER D 225 9.52 18.75 -19.64
C SER D 225 9.28 17.37 -19.05
N TRP D 226 10.30 16.77 -18.43
CA TRP D 226 10.38 15.32 -18.57
C TRP D 226 11.55 14.54 -17.80
N ILE D 227 11.24 13.41 -17.12
CA ILE D 227 12.26 12.57 -16.39
C ILE D 227 12.54 11.13 -16.93
N ASN D 228 13.78 10.86 -17.39
CA ASN D 228 14.17 9.52 -17.93
C ASN D 228 15.09 8.64 -17.12
N LEU D 229 14.87 7.34 -17.29
CA LEU D 229 15.67 6.33 -16.62
C LEU D 229 16.16 5.36 -17.68
N ASP D 230 17.45 5.03 -17.72
CA ASP D 230 17.94 4.28 -18.86
C ASP D 230 18.47 2.89 -18.49
N PHE D 231 18.31 1.95 -19.42
CA PHE D 231 18.87 0.60 -19.26
C PHE D 231 19.94 0.37 -20.34
N ASN D 232 21.20 0.39 -19.93
CA ASN D 232 22.30 0.26 -20.87
C ASN D 232 23.42 -0.62 -20.31
N GLY E 1 -24.05 54.35 -8.74
CA GLY E 1 -22.94 55.01 -9.37
C GLY E 1 -23.40 56.32 -9.94
N MET E 2 -22.46 57.10 -10.43
CA MET E 2 -22.75 58.29 -11.23
C MET E 2 -21.56 58.55 -12.15
N SER E 3 -21.83 58.68 -13.45
CA SER E 3 -20.77 58.75 -14.44
C SER E 3 -20.10 60.12 -14.40
N PHE E 4 -18.85 60.12 -13.94
CA PHE E 4 -18.03 61.33 -13.93
C PHE E 4 -16.92 61.25 -14.97
N ASP E 5 -16.55 62.41 -15.51
CA ASP E 5 -15.37 62.53 -16.35
C ASP E 5 -14.36 63.44 -15.69
N ILE E 6 -13.29 62.86 -15.17
CA ILE E 6 -12.29 63.63 -14.45
C ILE E 6 -11.04 63.87 -15.30
N ASN E 7 -10.57 65.11 -15.31
CA ASN E 7 -9.35 65.47 -16.04
C ASN E 7 -8.36 66.18 -15.12
N TRP E 8 -7.14 65.67 -15.08
CA TRP E 8 -6.10 66.21 -14.20
C TRP E 8 -4.88 66.67 -14.98
N SER E 9 -5.08 67.16 -16.19
CA SER E 9 -4.00 67.65 -17.03
C SER E 9 -3.14 68.69 -16.30
N THR E 10 -3.77 69.47 -15.45
CA THR E 10 -3.11 70.50 -14.65
C THR E 10 -2.05 69.94 -13.72
N LEU E 11 -2.41 68.87 -13.01
CA LEU E 11 -1.55 68.28 -12.00
C LEU E 11 -0.50 67.39 -12.62
N GLU E 12 -0.98 66.41 -13.39
CA GLU E 12 -0.10 65.44 -14.02
C GLU E 12 -0.59 65.12 -15.43
N SER E 13 0.26 65.35 -16.42
CA SER E 13 -0.12 65.09 -17.80
C SER E 13 -0.32 63.60 -17.98
N ASP E 14 -1.15 63.23 -18.95
CA ASP E 14 -1.38 61.83 -19.26
C ASP E 14 -0.07 61.20 -19.69
N ASN E 15 0.64 61.90 -20.56
CA ASN E 15 1.95 61.49 -21.03
C ASN E 15 2.93 61.26 -19.87
N ARG E 16 2.96 62.19 -18.93
CA ARG E 16 3.97 62.14 -17.88
C ARG E 16 3.68 61.02 -16.88
N LEU E 17 2.42 60.82 -16.53
CA LEU E 17 2.04 59.72 -15.64
C LEU E 17 2.31 58.36 -16.31
N ASN E 18 1.85 58.24 -17.55
CA ASN E 18 2.11 57.05 -18.35
C ASN E 18 3.58 56.70 -18.41
N ASP E 19 4.43 57.72 -18.57
CA ASP E 19 5.87 57.49 -18.66
C ASP E 19 6.49 57.18 -17.30
N LEU E 20 5.91 57.73 -16.23
CA LEU E 20 6.33 57.39 -14.87
C LEU E 20 6.15 55.89 -14.65
N ILE E 21 4.91 55.45 -14.82
CA ILE E 21 4.59 54.03 -14.67
C ILE E 21 5.43 53.17 -15.62
N ARG E 22 5.65 53.69 -16.83
CA ARG E 22 6.45 52.99 -17.83
C ARG E 22 7.89 52.74 -17.37
N LYS E 23 8.53 53.78 -16.86
CA LYS E 23 9.88 53.75 -16.31
C LYS E 23 9.98 52.90 -15.04
N HIS E 24 8.91 52.86 -14.25
CA HIS E 24 8.95 52.08 -13.01
C HIS E 24 8.77 50.59 -13.31
N LEU E 25 7.96 50.31 -14.32
CA LEU E 25 7.76 48.95 -14.80
C LEU E 25 9.02 48.44 -15.51
N ASN E 26 9.65 49.32 -16.29
CA ASN E 26 10.94 49.00 -16.88
C ASN E 26 11.95 48.71 -15.78
N SER E 27 11.90 49.53 -14.73
CA SER E 27 12.75 49.33 -13.56
C SER E 27 12.54 47.95 -12.97
N TYR E 28 11.29 47.51 -12.92
CA TYR E 28 10.99 46.17 -12.43
C TYR E 28 11.55 45.09 -13.36
N LEU E 29 11.33 45.26 -14.67
CA LEU E 29 11.71 44.25 -15.64
C LEU E 29 13.22 44.05 -15.75
N GLN E 30 13.95 45.15 -15.87
CA GLN E 30 15.39 45.10 -16.02
C GLN E 30 16.06 44.54 -14.77
N ASN E 31 15.33 44.53 -13.66
CA ASN E 31 15.88 44.03 -12.40
C ASN E 31 15.28 42.70 -11.96
N THR E 32 14.65 41.99 -12.90
CA THR E 32 14.24 40.60 -12.66
C THR E 32 15.08 39.69 -13.55
N GLN E 33 15.45 38.52 -13.03
CA GLN E 33 16.25 37.59 -13.80
C GLN E 33 15.41 36.97 -14.92
N LEU E 34 16.05 36.68 -16.06
CA LEU E 34 15.33 36.20 -17.24
C LEU E 34 15.63 34.76 -17.58
N PRO E 35 14.62 34.04 -18.07
CA PRO E 35 14.70 32.64 -18.52
C PRO E 35 15.58 32.36 -19.73
N SER E 36 15.65 31.07 -20.05
CA SER E 36 16.40 30.54 -21.18
C SER E 36 16.00 31.24 -22.47
N TYR E 37 14.69 31.43 -22.64
CA TYR E 37 14.10 31.72 -23.93
C TYR E 37 13.84 33.20 -24.21
N VAL E 38 14.03 34.04 -23.20
CA VAL E 38 13.89 35.47 -23.39
C VAL E 38 15.17 36.19 -22.99
N SER E 39 15.74 36.86 -23.98
CA SER E 39 17.01 37.56 -23.87
C SER E 39 16.85 38.96 -23.30
N ASN E 40 15.74 39.61 -23.61
CA ASN E 40 15.57 41.03 -23.30
C ASN E 40 14.11 41.41 -23.13
N LEU E 41 13.79 42.08 -22.03
CA LEU E 41 12.44 42.57 -21.78
C LEU E 41 12.40 44.09 -21.64
N ARG E 42 11.53 44.71 -22.42
CA ARG E 42 11.43 46.17 -22.48
C ARG E 42 9.98 46.58 -22.30
N VAL E 43 9.76 47.82 -21.89
CA VAL E 43 8.41 48.38 -21.92
C VAL E 43 8.34 49.38 -23.08
N LEU E 44 7.65 48.98 -24.14
CA LEU E 44 7.54 49.82 -25.33
C LEU E 44 6.63 51.00 -25.08
N ASP E 45 5.45 50.73 -24.53
CA ASP E 45 4.52 51.80 -24.20
C ASP E 45 3.60 51.40 -23.06
N PHE E 46 3.16 52.40 -22.29
CA PHE E 46 2.16 52.17 -21.27
C PHE E 46 1.05 53.20 -21.44
N ASP E 47 -0.19 52.75 -21.31
CA ASP E 47 -1.33 53.66 -21.44
C ASP E 47 -2.38 53.32 -20.39
N LEU E 48 -2.55 54.21 -19.42
CA LEU E 48 -3.50 53.98 -18.34
C LEU E 48 -4.93 53.92 -18.89
N GLY E 49 -5.15 54.57 -20.02
CA GLY E 49 -6.43 54.51 -20.70
C GLY E 49 -7.34 55.68 -20.37
N LYS E 50 -8.46 55.76 -21.08
CA LYS E 50 -9.43 56.82 -20.83
C LYS E 50 -10.63 56.27 -20.07
N VAL E 51 -10.56 55.01 -19.68
CA VAL E 51 -11.65 54.37 -18.93
C VAL E 51 -11.19 53.97 -17.53
N GLY E 52 -11.88 54.51 -16.52
CA GLY E 52 -11.54 54.25 -15.13
C GLY E 52 -12.44 53.22 -14.48
N PRO E 53 -12.30 53.06 -13.15
CA PRO E 53 -12.99 52.03 -12.36
C PRO E 53 -14.35 52.49 -11.82
N ALA E 54 -15.13 51.53 -11.35
CA ALA E 54 -16.36 51.82 -10.62
C ALA E 54 -16.05 51.81 -9.13
N ILE E 55 -16.17 52.97 -8.50
CA ILE E 55 -15.79 53.13 -7.10
C ILE E 55 -17.01 53.23 -6.19
N THR E 56 -16.98 52.49 -5.09
CA THR E 56 -18.09 52.46 -4.16
C THR E 56 -17.61 52.68 -2.73
N LEU E 57 -17.84 53.86 -2.18
CA LEU E 57 -17.39 54.19 -0.83
C LEU E 57 -18.08 53.29 0.19
N LYS E 58 -17.31 52.34 0.71
CA LYS E 58 -17.79 51.37 1.67
C LYS E 58 -17.92 51.94 3.08
N GLU E 59 -16.79 52.39 3.63
CA GLU E 59 -16.75 52.95 4.98
C GLU E 59 -15.81 54.16 5.01
N ILE E 60 -15.90 54.95 6.07
CA ILE E 60 -14.96 56.07 6.24
C ILE E 60 -14.49 56.20 7.70
N THR E 61 -13.18 56.05 7.89
CA THR E 61 -12.59 56.04 9.23
C THR E 61 -11.34 56.91 9.30
N ASP E 62 -10.75 56.96 10.49
CA ASP E 62 -9.45 57.55 10.68
C ASP E 62 -8.39 56.57 10.19
N PRO E 63 -7.24 57.08 9.75
CA PRO E 63 -6.18 56.22 9.23
C PRO E 63 -5.73 55.16 10.23
N LEU E 64 -5.33 54.01 9.71
CA LEU E 64 -4.81 52.92 10.53
C LEU E 64 -3.60 53.37 11.35
N ASP E 65 -3.31 52.64 12.41
CA ASP E 65 -2.22 52.99 13.32
C ASP E 65 -0.85 52.81 12.68
N GLU E 66 -0.75 51.84 11.77
CA GLU E 66 0.52 51.53 11.11
C GLU E 66 1.02 52.72 10.31
N PHE E 67 0.08 53.56 9.85
CA PHE E 67 0.43 54.87 9.32
C PHE E 67 1.30 55.61 10.31
N TYR E 68 0.71 55.83 11.48
CA TYR E 68 1.30 56.62 12.55
C TYR E 68 2.61 56.03 13.03
N ASP E 69 2.77 54.73 12.85
CA ASP E 69 4.04 54.09 13.19
C ASP E 69 5.06 54.32 12.08
N SER E 70 4.58 54.42 10.84
CA SER E 70 5.46 54.75 9.73
C SER E 70 5.91 56.20 9.76
N ILE E 71 5.14 57.04 10.45
CA ILE E 71 5.51 58.46 10.58
C ILE E 71 6.42 58.66 11.81
N ARG E 72 6.11 57.96 12.90
CA ARG E 72 6.77 58.22 14.18
C ARG E 72 8.20 57.67 14.29
N GLU E 73 8.47 56.50 13.73
CA GLU E 73 9.78 55.85 13.91
C GLU E 73 10.89 56.49 13.06
N GLU E 74 10.60 56.74 11.79
CA GLU E 74 11.60 57.33 10.90
C GLU E 74 11.49 58.84 10.86
N SER E 80 -2.49 64.44 14.04
CA SER E 80 -3.45 65.17 13.24
C SER E 80 -4.88 64.72 13.50
N PRO E 81 -5.73 65.66 13.95
CA PRO E 81 -7.17 65.41 14.01
C PRO E 81 -7.84 65.75 12.67
N ASN E 82 -7.05 65.88 11.61
CA ASN E 82 -7.52 66.44 10.35
C ASN E 82 -7.46 65.47 9.18
N ASP E 83 -6.91 64.30 9.46
CA ASP E 83 -6.61 63.29 8.47
C ASP E 83 -7.61 62.16 8.49
N ILE E 84 -7.79 61.55 7.33
CA ILE E 84 -8.94 60.66 7.17
C ILE E 84 -8.62 59.59 6.15
N GLN E 85 -9.27 58.44 6.27
CA GLN E 85 -9.08 57.39 5.28
C GLN E 85 -10.43 56.95 4.74
N PHE E 86 -10.48 56.72 3.44
CA PHE E 86 -11.66 56.13 2.82
C PHE E 86 -11.41 54.65 2.62
N LEU E 87 -12.44 53.84 2.85
CA LEU E 87 -12.41 52.44 2.46
C LEU E 87 -13.31 52.26 1.24
N LEU E 88 -12.73 51.81 0.14
CA LEU E 88 -13.42 51.81 -1.15
C LEU E 88 -13.50 50.43 -1.78
N GLU E 89 -14.66 50.10 -2.31
CA GLU E 89 -14.82 48.93 -3.16
C GLU E 89 -14.59 49.34 -4.61
N VAL E 90 -13.46 48.92 -5.16
CA VAL E 90 -13.08 49.32 -6.52
C VAL E 90 -13.25 48.17 -7.51
N GLU E 91 -13.92 48.46 -8.62
CA GLU E 91 -14.11 47.46 -9.67
C GLU E 91 -13.63 47.98 -11.02
N TYR E 92 -12.45 47.53 -11.42
CA TYR E 92 -11.84 47.94 -12.68
C TYR E 92 -12.04 46.89 -13.78
N LYS E 93 -12.64 47.34 -14.88
CA LYS E 93 -12.77 46.55 -16.09
C LYS E 93 -12.42 47.46 -17.27
N GLY E 94 -11.35 48.23 -17.10
CA GLY E 94 -11.01 49.29 -18.04
C GLY E 94 -9.99 48.94 -19.09
N ASP E 95 -9.46 49.97 -19.75
CA ASP E 95 -8.64 49.81 -20.94
C ASP E 95 -7.15 50.08 -20.71
N LEU E 96 -6.64 49.66 -19.55
CA LEU E 96 -5.21 49.73 -19.29
C LEU E 96 -4.49 48.89 -20.34
N LEU E 97 -3.45 49.45 -20.95
CA LEU E 97 -2.74 48.74 -22.01
C LEU E 97 -1.22 48.85 -21.88
N VAL E 98 -0.58 47.70 -21.71
CA VAL E 98 0.87 47.63 -21.64
C VAL E 98 1.44 46.95 -22.88
N THR E 99 2.27 47.67 -23.63
CA THR E 99 2.95 47.11 -24.79
C THR E 99 4.41 46.86 -24.45
N ILE E 100 4.77 45.58 -24.43
CA ILE E 100 6.09 45.12 -23.97
C ILE E 100 6.88 44.48 -25.11
N GLY E 101 8.13 44.88 -25.26
CA GLY E 101 9.00 44.27 -26.26
C GLY E 101 9.79 43.13 -25.65
N ALA E 102 10.08 42.12 -26.47
CA ALA E 102 10.83 40.96 -25.99
C ALA E 102 11.72 40.37 -27.07
N ASP E 103 12.84 39.80 -26.66
CA ASP E 103 13.71 39.09 -27.58
C ASP E 103 13.62 37.60 -27.31
N LEU E 104 13.00 36.86 -28.22
CA LEU E 104 12.80 35.42 -28.06
C LEU E 104 14.06 34.66 -28.42
N VAL E 105 14.48 33.72 -27.56
CA VAL E 105 15.62 32.88 -27.90
C VAL E 105 15.13 31.50 -28.34
N LEU E 106 15.58 31.06 -29.51
CA LEU E 106 15.03 29.86 -30.14
C LEU E 106 16.10 28.79 -30.34
N ASN E 107 15.88 27.59 -29.80
CA ASN E 107 16.81 26.48 -30.02
C ASN E 107 16.14 25.25 -30.62
N TYR E 108 16.70 24.77 -31.73
CA TYR E 108 16.27 23.51 -32.33
C TYR E 108 17.49 22.70 -32.75
N PRO E 109 18.21 23.21 -33.74
CA PRO E 109 19.49 22.65 -34.13
C PRO E 109 20.60 23.67 -33.86
N VAL E 110 21.65 23.25 -33.17
CA VAL E 110 22.76 24.14 -32.84
C VAL E 110 22.52 24.95 -31.56
N GLU E 111 23.45 25.86 -31.29
CA GLU E 111 23.50 26.65 -30.07
C GLU E 111 22.63 27.89 -30.20
N LYS E 112 21.66 28.07 -29.29
CA LYS E 112 20.83 29.28 -29.20
C LYS E 112 20.58 29.94 -30.56
N PHE E 113 20.04 29.18 -31.51
CA PHE E 113 20.15 29.54 -32.93
C PHE E 113 19.59 30.93 -33.21
N MET E 114 18.35 31.21 -32.85
CA MET E 114 17.83 32.49 -33.35
C MET E 114 17.33 33.41 -32.26
N THR E 115 17.44 34.72 -32.47
CA THR E 115 16.77 35.67 -31.59
C THR E 115 15.71 36.44 -32.38
N LEU E 116 14.54 36.57 -31.75
CA LEU E 116 13.33 37.01 -32.42
C LEU E 116 12.75 38.24 -31.74
N PRO E 117 12.93 39.42 -32.36
CA PRO E 117 12.15 40.57 -31.92
C PRO E 117 10.66 40.21 -31.92
N VAL E 118 10.02 40.43 -30.78
CA VAL E 118 8.66 39.96 -30.51
C VAL E 118 7.94 41.05 -29.72
N LYS E 119 6.64 41.24 -29.93
CA LYS E 119 5.97 42.25 -29.11
C LYS E 119 4.66 41.74 -28.50
N LEU E 120 4.55 41.90 -27.20
CA LEU E 120 3.39 41.42 -26.46
C LEU E 120 2.52 42.57 -25.98
N SER E 121 1.22 42.32 -25.87
CA SER E 121 0.28 43.30 -25.36
C SER E 121 -0.54 42.72 -24.22
N ILE E 122 -0.36 43.33 -23.05
CA ILE E 122 -1.16 43.05 -21.86
C ILE E 122 -2.33 44.02 -21.81
N SER E 123 -3.54 43.50 -21.69
CA SER E 123 -4.74 44.30 -21.78
C SER E 123 -5.90 43.68 -21.00
N ASP E 124 -7.01 44.42 -20.93
CA ASP E 124 -8.24 43.95 -20.31
C ASP E 124 -8.00 43.38 -18.92
N ILE E 125 -7.46 44.22 -18.04
CA ILE E 125 -7.15 43.79 -16.68
C ILE E 125 -8.38 43.83 -15.79
N GLY E 126 -8.83 42.66 -15.36
CA GLY E 126 -9.99 42.55 -14.49
C GLY E 126 -9.62 42.78 -13.03
N LEU E 127 -10.53 43.38 -12.27
CA LEU E 127 -10.23 43.71 -10.89
C LEU E 127 -11.46 44.01 -10.05
N HIS E 128 -11.63 43.24 -8.98
CA HIS E 128 -12.55 43.60 -7.92
C HIS E 128 -11.75 43.58 -6.64
N SER E 129 -11.73 44.69 -5.91
CA SER E 129 -10.86 44.76 -4.74
C SER E 129 -11.34 45.77 -3.70
N LEU E 130 -10.75 45.67 -2.52
CA LEU E 130 -10.93 46.67 -1.48
C LEU E 130 -9.64 47.46 -1.32
N CYS E 131 -9.76 48.77 -1.50
CA CYS E 131 -8.62 49.68 -1.39
C CYS E 131 -8.86 50.65 -0.25
N ILE E 132 -7.80 51.18 0.34
CA ILE E 132 -7.95 52.30 1.26
C ILE E 132 -7.17 53.49 0.75
N VAL E 133 -7.79 54.65 0.78
CA VAL E 133 -7.09 55.88 0.42
C VAL E 133 -7.05 56.79 1.62
N ALA E 134 -5.88 56.90 2.23
CA ALA E 134 -5.74 57.73 3.42
C ALA E 134 -4.95 58.99 3.11
N CYS E 135 -5.45 60.11 3.60
CA CYS E 135 -4.77 61.38 3.48
C CYS E 135 -4.35 61.91 4.85
N LEU E 136 -3.07 62.26 4.92
CA LEU E 136 -2.44 62.87 6.08
C LEU E 136 -1.33 63.83 5.67
N SER E 137 -1.42 65.07 6.14
CA SER E 137 -0.28 65.99 6.26
C SER E 137 1.08 65.37 5.96
N LYS E 138 1.70 65.61 4.80
CA LYS E 138 1.19 66.37 3.66
C LYS E 138 0.30 65.45 2.87
N GLN E 139 0.53 64.16 3.11
CA GLN E 139 0.58 63.14 2.06
C GLN E 139 -0.66 62.27 1.87
N LEU E 140 -0.81 61.78 0.65
CA LEU E 140 -1.94 60.92 0.31
C LEU E 140 -1.42 59.52 -0.02
N PHE E 141 -2.03 58.53 0.62
CA PHE E 141 -1.64 57.14 0.48
C PHE E 141 -2.76 56.31 -0.17
N LEU E 142 -2.47 55.69 -1.31
CA LEU E 142 -3.39 54.71 -1.88
C LEU E 142 -2.80 53.32 -1.82
N SER E 143 -3.60 52.36 -1.38
CA SER E 143 -3.19 50.96 -1.32
C SER E 143 -4.34 50.00 -1.58
N PHE E 144 -4.04 48.92 -2.28
CA PHE E 144 -5.00 47.86 -2.51
C PHE E 144 -4.93 46.83 -1.39
N LEU E 145 -5.93 46.84 -0.51
CA LEU E 145 -5.95 45.93 0.63
C LEU E 145 -6.19 44.50 0.19
N CYS E 146 -7.31 44.28 -0.45
CA CYS E 146 -7.86 42.94 -0.53
C CYS E 146 -8.61 42.67 -1.83
N ASP E 147 -8.99 41.42 -2.05
CA ASP E 147 -9.96 41.10 -3.09
C ASP E 147 -11.30 40.89 -2.40
N VAL E 148 -12.34 41.46 -3.00
CA VAL E 148 -13.68 41.44 -2.40
C VAL E 148 -14.17 40.04 -2.00
N SER E 149 -13.84 39.04 -2.80
CA SER E 149 -14.28 37.68 -2.51
C SER E 149 -13.22 36.85 -1.78
N ASP E 150 -12.39 37.49 -0.96
CA ASP E 150 -11.32 36.77 -0.29
C ASP E 150 -11.89 36.00 0.90
N PRO E 151 -11.42 34.76 1.12
CA PRO E 151 -11.96 33.85 2.15
C PRO E 151 -11.95 34.31 3.60
N ALA E 152 -11.09 35.24 4.01
CA ALA E 152 -11.22 35.72 5.39
C ALA E 152 -11.83 37.11 5.39
N LEU E 153 -12.94 37.22 4.67
CA LEU E 153 -13.90 38.30 4.87
C LEU E 153 -15.23 37.65 5.19
N ASP E 154 -15.23 36.32 5.15
CA ASP E 154 -16.39 35.52 5.56
C ASP E 154 -16.70 35.83 7.00
N ASP E 155 -17.87 35.42 7.47
CA ASP E 155 -18.24 35.71 8.84
C ASP E 155 -18.20 37.20 9.16
N ASN E 156 -18.18 38.05 8.13
CA ASN E 156 -18.46 39.46 8.37
C ASN E 156 -17.37 40.17 9.17
N GLN E 157 -16.15 39.62 9.04
CA GLN E 157 -14.95 40.22 9.61
C GLN E 157 -14.55 41.46 8.84
N THR E 158 -14.54 42.59 9.53
CA THR E 158 -14.18 43.87 8.93
C THR E 158 -12.71 43.86 8.53
N VAL E 159 -12.45 44.36 7.33
CA VAL E 159 -11.11 44.36 6.75
C VAL E 159 -10.13 45.18 7.57
N LEU E 160 -10.64 46.24 8.20
CA LEU E 160 -9.79 47.20 8.88
C LEU E 160 -9.25 46.72 10.22
N ASP E 161 -9.55 45.47 10.58
CA ASP E 161 -8.98 44.87 11.77
C ASP E 161 -7.49 44.62 11.54
N PRO E 162 -6.63 45.32 12.32
CA PRO E 162 -5.18 45.15 12.16
C PRO E 162 -4.76 43.76 12.63
N LYS E 163 -5.51 43.21 13.57
CA LYS E 163 -5.29 41.86 14.06
C LYS E 163 -5.52 40.85 12.94
N GLY E 164 -6.44 41.18 12.04
CA GLY E 164 -6.81 40.30 10.94
C GLY E 164 -5.68 40.02 9.97
N PRO E 165 -5.84 38.97 9.15
CA PRO E 165 -4.80 38.48 8.23
C PRO E 165 -4.49 39.44 7.08
N ILE E 166 -5.50 40.16 6.59
CA ILE E 166 -5.32 41.20 5.56
C ILE E 166 -4.17 42.13 5.88
N LEU E 167 -4.44 42.88 6.95
CA LEU E 167 -3.67 44.06 7.29
C LEU E 167 -2.35 43.65 7.90
N ALA E 168 -2.35 42.49 8.55
CA ALA E 168 -1.13 41.92 9.08
C ALA E 168 -0.24 41.46 7.93
N ALA E 169 -0.87 40.88 6.91
CA ALA E 169 -0.16 40.37 5.73
C ALA E 169 0.91 39.36 6.09
N THR E 170 0.63 38.55 7.12
CA THR E 170 1.60 37.56 7.60
C THR E 170 1.67 36.34 6.69
N LYS E 171 0.62 36.14 5.90
CA LYS E 171 0.51 34.97 5.03
C LYS E 171 0.01 35.35 3.62
N PRO E 172 0.88 35.99 2.82
CA PRO E 172 0.51 36.46 1.47
C PRO E 172 0.06 35.32 0.57
N LEU E 173 0.53 34.12 0.87
CA LEU E 173 0.22 32.93 0.09
C LEU E 173 -1.28 32.62 0.00
N GLU E 174 -1.96 32.65 1.14
CA GLU E 174 -3.32 32.13 1.23
C GLU E 174 -4.38 33.06 0.66
N ARG E 175 -4.00 34.31 0.41
CA ARG E 175 -4.97 35.30 -0.03
C ARG E 175 -5.12 35.35 -1.56
N ILE E 176 -6.34 35.60 -2.01
CA ILE E 176 -6.67 35.61 -3.44
C ILE E 176 -6.03 36.79 -4.18
N SER E 177 -5.48 36.49 -5.36
CA SER E 177 -5.04 37.49 -6.33
C SER E 177 -5.89 38.74 -6.37
N ILE E 178 -5.25 39.90 -6.29
CA ILE E 178 -5.95 41.17 -6.45
C ILE E 178 -6.41 41.29 -7.90
N VAL E 179 -5.50 40.96 -8.82
CA VAL E 179 -5.81 40.92 -10.25
C VAL E 179 -6.58 39.66 -10.61
N ARG E 180 -7.82 39.81 -11.05
CA ARG E 180 -8.65 38.65 -11.35
C ARG E 180 -8.48 38.16 -12.79
N SER E 181 -8.41 39.08 -13.74
CA SER E 181 -8.26 38.69 -15.14
C SER E 181 -7.21 39.53 -15.86
N MET E 182 -6.70 38.98 -16.96
CA MET E 182 -5.67 39.63 -17.76
C MET E 182 -5.56 38.95 -19.12
N LYS E 183 -5.26 39.73 -20.16
CA LYS E 183 -5.16 39.21 -21.51
C LYS E 183 -3.81 39.52 -22.14
N ILE E 184 -3.10 38.48 -22.54
CA ILE E 184 -1.81 38.67 -23.21
C ILE E 184 -1.84 38.14 -24.62
N GLU E 185 -1.61 39.02 -25.59
CA GLU E 185 -1.46 38.56 -26.95
C GLU E 185 -0.05 38.86 -27.46
N THR E 186 0.38 38.14 -28.48
CA THR E 186 1.75 38.25 -28.94
C THR E 186 1.86 38.31 -30.45
N GLU E 187 2.50 39.37 -30.93
CA GLU E 187 2.72 39.54 -32.34
C GLU E 187 4.18 39.24 -32.70
N ILE E 188 4.30 38.35 -33.68
CA ILE E 188 5.56 37.92 -34.28
C ILE E 188 5.38 37.91 -35.79
N GLY E 189 6.48 37.85 -36.53
CA GLY E 189 6.42 37.79 -37.98
C GLY E 189 5.64 36.59 -38.46
N GLU E 190 4.79 36.78 -39.46
CA GLU E 190 3.93 35.70 -39.95
C GLU E 190 4.72 34.52 -40.52
N GLN E 191 6.00 34.75 -40.81
CA GLN E 191 6.85 33.68 -41.34
C GLN E 191 7.15 32.63 -40.27
N TYR E 192 6.93 32.98 -39.01
CA TYR E 192 7.27 32.09 -37.91
C TYR E 192 6.07 31.41 -37.27
N GLN E 193 4.87 31.77 -37.68
CA GLN E 193 3.68 31.19 -37.08
C GLN E 193 3.41 29.78 -37.60
N GLY E 194 4.27 29.30 -38.50
CA GLY E 194 4.19 27.95 -38.98
C GLY E 194 4.86 26.97 -38.03
N GLN E 195 6.04 27.35 -37.54
CA GLN E 195 6.80 26.53 -36.62
C GLN E 195 6.12 26.47 -35.26
N GLY E 196 5.73 25.27 -34.84
CA GLY E 196 5.02 25.08 -33.58
C GLY E 196 5.88 25.35 -32.37
N SER E 197 7.17 25.13 -32.52
CA SER E 197 8.13 25.35 -31.44
C SER E 197 8.25 26.83 -31.09
N VAL E 198 8.23 27.67 -32.12
CA VAL E 198 8.17 29.12 -31.92
C VAL E 198 6.96 29.46 -31.07
N LEU E 199 5.83 28.86 -31.41
CA LEU E 199 4.57 29.06 -30.69
C LEU E 199 4.67 28.61 -29.23
N ARG E 200 5.41 27.53 -29.00
CA ARG E 200 5.64 27.05 -27.64
C ARG E 200 6.43 28.08 -26.84
N SER E 201 7.54 28.54 -27.41
CA SER E 201 8.36 29.58 -26.78
C SER E 201 7.53 30.81 -26.46
N VAL E 202 6.74 31.25 -27.43
CA VAL E 202 5.81 32.35 -27.26
C VAL E 202 4.87 32.09 -26.08
N GLY E 203 4.42 30.84 -25.96
CA GLY E 203 3.54 30.45 -24.89
C GLY E 203 4.15 30.62 -23.51
N GLU E 204 5.31 30.02 -23.29
CA GLU E 204 5.95 30.13 -21.99
C GLU E 204 6.35 31.58 -21.71
N LEU E 205 6.62 32.34 -22.77
CA LEU E 205 6.90 33.77 -22.62
C LEU E 205 5.67 34.51 -22.10
N GLU E 206 4.53 34.26 -22.73
CA GLU E 206 3.27 34.87 -22.31
C GLU E 206 2.98 34.55 -20.84
N GLN E 207 3.20 33.30 -20.47
CA GLN E 207 2.99 32.89 -19.07
C GLN E 207 3.91 33.67 -18.13
N PHE E 208 5.21 33.60 -18.40
CA PHE E 208 6.22 34.29 -17.60
C PHE E 208 5.89 35.77 -17.42
N LEU E 209 5.53 36.42 -18.53
CA LEU E 209 5.19 37.84 -18.53
C LEU E 209 3.97 38.12 -17.67
N PHE E 210 2.93 37.31 -17.85
CA PHE E 210 1.73 37.38 -17.04
C PHE E 210 2.08 37.39 -15.55
N THR E 211 2.84 36.39 -15.14
CA THR E 211 3.23 36.23 -13.74
C THR E 211 4.04 37.41 -13.22
N ILE E 212 5.08 37.81 -13.94
CA ILE E 212 5.94 38.89 -13.48
C ILE E 212 5.18 40.22 -13.43
N PHE E 213 4.17 40.37 -14.29
CA PHE E 213 3.40 41.60 -14.29
C PHE E 213 2.47 41.67 -13.09
N LYS E 214 1.74 40.59 -12.80
CA LYS E 214 0.85 40.65 -11.64
C LYS E 214 1.67 40.69 -10.35
N ASP E 215 2.89 40.14 -10.38
CA ASP E 215 3.80 40.29 -9.26
C ASP E 215 4.19 41.76 -9.08
N PHE E 216 4.49 42.42 -10.20
CA PHE E 216 4.78 43.86 -10.20
C PHE E 216 3.67 44.65 -9.54
N LEU E 217 2.45 44.42 -10.02
CA LEU E 217 1.28 45.09 -9.45
C LEU E 217 1.12 44.79 -7.97
N ARG E 218 1.52 43.59 -7.56
CA ARG E 218 1.41 43.20 -6.16
C ARG E 218 2.42 43.95 -5.29
N LYS E 219 3.65 44.08 -5.77
CA LYS E 219 4.69 44.75 -5.00
C LYS E 219 4.53 46.27 -5.04
N GLU E 220 3.74 46.75 -6.00
CA GLU E 220 3.52 48.20 -6.12
C GLU E 220 2.23 48.69 -5.44
N LEU E 221 1.16 47.91 -5.53
CA LEU E 221 -0.16 48.36 -5.10
C LEU E 221 -0.73 47.59 -3.91
N ALA E 222 -0.42 46.30 -3.83
CA ALA E 222 -1.00 45.43 -2.82
C ALA E 222 -0.43 45.71 -1.44
N TRP E 223 -1.31 45.97 -0.48
CA TRP E 223 -0.94 46.10 0.92
C TRP E 223 -0.04 44.94 1.34
N PRO E 224 1.03 45.22 2.10
CA PRO E 224 1.38 46.55 2.62
C PRO E 224 2.35 47.31 1.72
N SER E 225 2.16 47.20 0.41
CA SER E 225 2.88 48.06 -0.52
C SER E 225 1.98 49.23 -0.86
N TRP E 226 2.60 50.38 -1.14
CA TRP E 226 1.86 51.62 -1.22
C TRP E 226 2.18 52.44 -2.46
N ILE E 227 1.24 53.30 -2.84
CA ILE E 227 1.54 54.41 -3.74
C ILE E 227 1.27 55.70 -2.98
N ASN E 228 2.26 56.58 -2.87
CA ASN E 228 2.00 57.82 -2.16
C ASN E 228 2.31 59.02 -3.03
N LEU E 229 1.51 60.05 -2.86
CA LEU E 229 1.56 61.23 -3.69
C LEU E 229 1.31 62.45 -2.83
N ASP E 230 1.68 63.62 -3.33
CA ASP E 230 1.14 64.84 -2.75
C ASP E 230 0.91 65.89 -3.81
N PHE E 231 -0.17 66.62 -3.59
CA PHE E 231 -0.60 67.78 -4.34
C PHE E 231 0.53 68.79 -4.55
N GLY F 1 -9.84 63.36 -20.29
CA GLY F 1 -10.73 62.85 -19.27
C GLY F 1 -10.60 61.36 -19.05
N MET F 2 -11.21 60.88 -17.98
CA MET F 2 -11.27 59.46 -17.68
C MET F 2 -12.58 59.15 -16.96
N SER F 3 -13.24 58.07 -17.35
CA SER F 3 -14.59 57.76 -16.88
C SER F 3 -14.64 57.04 -15.54
N PHE F 4 -15.26 57.68 -14.54
CA PHE F 4 -15.44 57.08 -13.23
C PHE F 4 -16.92 56.85 -12.91
N ASP F 5 -17.21 55.78 -12.18
CA ASP F 5 -18.55 55.55 -11.64
C ASP F 5 -18.48 55.57 -10.11
N ILE F 6 -19.07 56.58 -9.50
CA ILE F 6 -18.99 56.75 -8.06
C ILE F 6 -20.31 56.44 -7.35
N ASN F 7 -20.24 55.58 -6.34
CA ASN F 7 -21.43 55.21 -5.57
C ASN F 7 -21.31 55.63 -4.10
N TRP F 8 -22.33 56.30 -3.60
CA TRP F 8 -22.34 56.86 -2.25
C TRP F 8 -23.45 56.28 -1.39
N SER F 9 -23.79 55.02 -1.63
CA SER F 9 -24.95 54.38 -1.00
C SER F 9 -24.96 54.51 0.52
N THR F 10 -23.79 54.34 1.14
CA THR F 10 -23.70 54.36 2.59
C THR F 10 -23.63 55.77 3.17
N LEU F 11 -23.31 56.76 2.34
CA LEU F 11 -23.35 58.15 2.79
C LEU F 11 -24.82 58.55 2.94
N GLU F 12 -25.55 58.56 1.83
CA GLU F 12 -27.01 58.43 1.92
C GLU F 12 -27.67 58.05 0.59
N SER F 13 -28.83 57.42 0.76
CA SER F 13 -29.56 56.64 -0.22
C SER F 13 -29.55 56.97 -1.72
N ASP F 14 -29.53 58.26 -2.08
CA ASP F 14 -29.88 58.76 -3.43
C ASP F 14 -31.41 58.82 -3.49
N ASN F 15 -32.07 58.01 -2.67
CA ASN F 15 -33.45 58.20 -2.27
C ASN F 15 -33.50 59.53 -1.52
N ARG F 16 -32.83 59.50 -0.37
CA ARG F 16 -32.81 60.54 0.65
C ARG F 16 -32.27 61.85 0.10
N LEU F 17 -31.20 61.75 -0.68
CA LEU F 17 -30.59 62.92 -1.31
C LEU F 17 -31.60 63.60 -2.23
N ASN F 18 -32.15 62.83 -3.17
CA ASN F 18 -33.18 63.32 -4.06
C ASN F 18 -34.33 63.98 -3.31
N ASP F 19 -34.74 63.39 -2.19
CA ASP F 19 -35.89 63.91 -1.47
C ASP F 19 -35.56 65.23 -0.74
N LEU F 20 -34.34 65.30 -0.18
CA LEU F 20 -33.89 66.50 0.52
C LEU F 20 -33.80 67.67 -0.47
N ILE F 21 -33.17 67.42 -1.62
CA ILE F 21 -33.14 68.41 -2.69
C ILE F 21 -34.57 68.80 -3.05
N ARG F 22 -35.43 67.80 -3.12
CA ARG F 22 -36.81 67.98 -3.59
C ARG F 22 -37.60 68.95 -2.73
N LYS F 23 -37.53 68.80 -1.41
CA LYS F 23 -38.31 69.68 -0.55
C LYS F 23 -37.54 70.89 -0.01
N HIS F 24 -36.25 70.99 -0.34
CA HIS F 24 -35.60 72.30 -0.26
C HIS F 24 -36.04 73.16 -1.44
N LEU F 25 -36.17 72.53 -2.60
CA LEU F 25 -36.70 73.18 -3.79
C LEU F 25 -38.17 73.56 -3.59
N ASN F 26 -38.93 72.64 -3.01
CA ASN F 26 -40.30 72.92 -2.61
C ASN F 26 -40.33 74.08 -1.62
N SER F 27 -39.39 74.08 -0.70
CA SER F 27 -39.27 75.16 0.28
C SER F 27 -39.03 76.51 -0.40
N TYR F 28 -38.31 76.49 -1.51
CA TYR F 28 -38.09 77.71 -2.28
C TYR F 28 -39.37 78.14 -2.99
N LEU F 29 -40.06 77.18 -3.60
CA LEU F 29 -41.28 77.46 -4.36
C LEU F 29 -42.40 78.02 -3.50
N GLN F 30 -42.67 77.36 -2.38
CA GLN F 30 -43.76 77.76 -1.49
C GLN F 30 -43.45 79.08 -0.77
N ASN F 31 -42.21 79.52 -0.88
CA ASN F 31 -41.80 80.78 -0.27
C ASN F 31 -41.58 81.87 -1.30
N THR F 32 -41.99 81.61 -2.54
CA THR F 32 -41.96 82.66 -3.55
C THR F 32 -43.37 83.03 -3.97
N GLN F 33 -43.49 84.30 -4.34
CA GLN F 33 -44.55 84.83 -5.16
C GLN F 33 -45.04 83.80 -6.18
N LEU F 34 -46.34 83.75 -6.42
CA LEU F 34 -46.91 83.03 -7.56
C LEU F 34 -47.96 83.86 -8.28
N PRO F 35 -47.89 83.85 -9.62
CA PRO F 35 -48.87 84.47 -10.49
C PRO F 35 -50.28 84.01 -10.15
N SER F 36 -51.27 84.85 -10.45
CA SER F 36 -52.64 84.50 -10.13
C SER F 36 -53.14 83.34 -10.98
N TYR F 37 -52.54 83.15 -12.16
CA TYR F 37 -53.01 82.10 -13.06
C TYR F 37 -52.48 80.72 -12.68
N VAL F 38 -51.52 80.67 -11.76
CA VAL F 38 -51.11 79.39 -11.20
C VAL F 38 -51.36 79.39 -9.69
N SER F 39 -52.14 78.43 -9.23
CA SER F 39 -52.60 78.40 -7.85
C SER F 39 -51.67 77.62 -6.94
N ASN F 40 -51.19 76.48 -7.44
CA ASN F 40 -50.43 75.55 -6.62
C ASN F 40 -49.20 75.00 -7.35
N LEU F 41 -48.01 75.45 -6.94
CA LEU F 41 -46.77 74.87 -7.46
C LEU F 41 -46.10 73.95 -6.45
N ARG F 42 -45.76 72.76 -6.92
CA ARG F 42 -45.16 71.71 -6.09
C ARG F 42 -44.15 70.90 -6.88
N VAL F 43 -43.13 70.39 -6.20
CA VAL F 43 -42.16 69.51 -6.83
C VAL F 43 -42.62 68.06 -6.70
N LEU F 44 -43.07 67.48 -7.81
CA LEU F 44 -43.64 66.13 -7.80
C LEU F 44 -42.59 65.05 -7.60
N ASP F 45 -41.42 65.21 -8.22
CA ASP F 45 -40.26 64.43 -7.82
C ASP F 45 -38.97 65.01 -8.37
N PHE F 46 -37.86 64.69 -7.73
CA PHE F 46 -36.56 65.17 -8.17
C PHE F 46 -35.64 63.97 -8.39
N ASP F 47 -34.86 64.03 -9.46
CA ASP F 47 -33.93 62.94 -9.77
C ASP F 47 -32.60 63.49 -10.25
N LEU F 48 -31.56 63.35 -9.43
CA LEU F 48 -30.24 63.85 -9.76
C LEU F 48 -29.69 63.14 -10.99
N GLY F 49 -30.14 61.92 -11.21
CA GLY F 49 -29.74 61.17 -12.38
C GLY F 49 -28.55 60.24 -12.12
N LYS F 50 -28.15 59.53 -13.17
CA LYS F 50 -27.10 58.54 -13.07
C LYS F 50 -25.95 58.97 -13.99
N VAL F 51 -26.08 60.19 -14.53
CA VAL F 51 -25.03 60.82 -15.34
C VAL F 51 -24.56 62.12 -14.68
N GLY F 52 -23.25 62.24 -14.50
CA GLY F 52 -22.67 63.41 -13.84
C GLY F 52 -21.97 64.35 -14.80
N PRO F 53 -21.23 65.33 -14.25
CA PRO F 53 -20.53 66.36 -15.01
C PRO F 53 -19.13 65.97 -15.46
N ALA F 54 -18.59 66.70 -16.43
CA ALA F 54 -17.21 66.55 -16.84
C ALA F 54 -16.34 67.53 -16.08
N ILE F 55 -15.54 67.01 -15.16
CA ILE F 55 -14.74 67.85 -14.27
C ILE F 55 -13.30 67.95 -14.76
N THR F 56 -12.77 69.17 -14.81
CA THR F 56 -11.40 69.40 -15.21
C THR F 56 -10.66 70.23 -14.18
N LEU F 57 -9.81 69.58 -13.40
CA LEU F 57 -9.03 70.26 -12.37
C LEU F 57 -8.14 71.32 -12.99
N LYS F 58 -8.36 72.57 -12.61
CA LYS F 58 -7.70 73.73 -13.20
C LYS F 58 -6.54 74.22 -12.35
N GLU F 59 -6.79 74.37 -11.06
CA GLU F 59 -5.76 74.79 -10.11
C GLU F 59 -5.97 74.12 -8.76
N ILE F 60 -4.96 74.17 -7.90
CA ILE F 60 -5.10 73.69 -6.53
C ILE F 60 -4.35 74.60 -5.57
N THR F 61 -5.09 75.18 -4.62
CA THR F 61 -4.52 76.10 -3.65
C THR F 61 -5.02 75.80 -2.26
N ASP F 62 -4.60 76.61 -1.29
CA ASP F 62 -5.16 76.59 0.04
C ASP F 62 -6.49 77.33 0.01
N PRO F 63 -7.43 76.96 0.89
CA PRO F 63 -8.76 77.57 0.93
C PRO F 63 -8.72 79.10 1.06
N LEU F 64 -9.74 79.77 0.50
CA LEU F 64 -9.85 81.21 0.63
C LEU F 64 -10.06 81.58 2.09
N ASP F 65 -9.50 82.72 2.50
CA ASP F 65 -9.52 83.10 3.92
C ASP F 65 -10.91 83.51 4.38
N GLU F 66 -11.83 83.68 3.44
CA GLU F 66 -13.22 83.99 3.78
C GLU F 66 -13.91 82.79 4.42
N PHE F 67 -13.43 81.60 4.06
CA PHE F 67 -13.90 80.37 4.69
C PHE F 67 -13.58 80.38 6.16
N TYR F 68 -12.34 80.74 6.44
CA TYR F 68 -11.85 80.70 7.79
C TYR F 68 -12.38 81.91 8.54
N ASP F 69 -12.84 82.91 7.81
CA ASP F 69 -13.54 84.02 8.46
C ASP F 69 -15.01 83.63 8.70
N SER F 70 -15.47 82.57 8.03
CA SER F 70 -16.82 82.06 8.21
C SER F 70 -16.85 81.07 9.36
N ILE F 71 -15.67 80.58 9.72
CA ILE F 71 -15.52 79.69 10.87
C ILE F 71 -14.99 80.50 12.07
N ARG F 72 -14.44 81.68 11.78
CA ARG F 72 -14.08 82.66 12.80
C ARG F 72 -15.25 82.85 13.75
N GLU F 73 -16.41 82.98 13.13
CA GLU F 73 -17.59 83.47 13.80
C GLU F 73 -18.21 82.36 14.63
N GLU F 74 -18.15 81.13 14.13
CA GLU F 74 -18.67 79.98 14.86
C GLU F 74 -17.78 79.66 16.05
N SER F 80 -4.04 72.53 9.51
CA SER F 80 -2.72 72.84 10.04
C SER F 80 -1.98 73.99 9.32
N PRO F 81 -2.15 74.16 8.00
CA PRO F 81 -3.08 73.73 6.93
C PRO F 81 -2.97 72.28 6.45
N ASN F 82 -3.92 71.46 6.87
CA ASN F 82 -4.15 70.15 6.29
C ASN F 82 -5.20 70.36 5.21
N ASP F 83 -5.75 71.56 5.22
CA ASP F 83 -6.91 71.90 4.42
C ASP F 83 -6.51 72.30 3.02
N ILE F 84 -7.34 71.93 2.06
CA ILE F 84 -7.05 72.25 0.66
C ILE F 84 -8.32 72.53 -0.08
N GLN F 85 -8.22 73.24 -1.20
CA GLN F 85 -9.37 73.37 -2.06
C GLN F 85 -8.99 73.35 -3.53
N PHE F 86 -9.89 72.78 -4.32
CA PHE F 86 -9.65 72.58 -5.74
C PHE F 86 -10.40 73.64 -6.53
N LEU F 87 -9.81 74.09 -7.62
CA LEU F 87 -10.50 74.95 -8.57
C LEU F 87 -10.85 74.11 -9.79
N LEU F 88 -12.15 73.92 -10.03
CA LEU F 88 -12.62 72.96 -11.01
C LEU F 88 -13.36 73.62 -12.16
N GLU F 89 -13.06 73.19 -13.38
CA GLU F 89 -13.87 73.55 -14.54
C GLU F 89 -14.91 72.45 -14.76
N VAL F 90 -16.13 72.72 -14.32
CA VAL F 90 -17.19 71.72 -14.37
C VAL F 90 -18.13 71.94 -15.56
N GLU F 91 -18.39 70.87 -16.31
CA GLU F 91 -19.26 70.95 -17.47
C GLU F 91 -20.38 69.92 -17.39
N TYR F 92 -21.54 70.35 -16.92
CA TYR F 92 -22.68 69.44 -16.77
C TYR F 92 -23.62 69.46 -17.97
N LYS F 93 -23.69 68.31 -18.64
CA LYS F 93 -24.70 68.08 -19.68
C LYS F 93 -25.38 66.76 -19.37
N GLY F 94 -25.85 66.62 -18.13
CA GLY F 94 -26.38 65.35 -17.64
C GLY F 94 -27.89 65.26 -17.56
N ASP F 95 -28.35 64.22 -16.87
CA ASP F 95 -29.77 63.85 -16.89
C ASP F 95 -30.53 64.23 -15.62
N LEU F 96 -30.24 65.41 -15.08
CA LEU F 96 -31.01 65.92 -13.94
C LEU F 96 -32.46 66.10 -14.40
N LEU F 97 -33.40 65.66 -13.56
CA LEU F 97 -34.81 65.74 -13.92
C LEU F 97 -35.68 66.24 -12.77
N VAL F 98 -36.36 67.37 -13.01
CA VAL F 98 -37.30 67.91 -12.04
C VAL F 98 -38.72 67.80 -12.56
N THR F 99 -39.55 66.99 -11.90
CA THR F 99 -40.95 66.90 -12.26
C THR F 99 -41.79 67.75 -11.32
N ILE F 100 -42.42 68.78 -11.89
CA ILE F 100 -43.14 69.80 -11.15
C ILE F 100 -44.62 69.82 -11.48
N GLY F 101 -45.47 69.73 -10.47
CA GLY F 101 -46.90 69.80 -10.70
C GLY F 101 -47.44 71.20 -10.50
N ALA F 102 -48.49 71.55 -11.25
CA ALA F 102 -49.09 72.88 -11.15
C ALA F 102 -50.59 72.83 -11.37
N ASP F 103 -51.31 73.68 -10.65
CA ASP F 103 -52.75 73.83 -10.87
C ASP F 103 -53.03 75.15 -11.57
N LEU F 104 -53.36 75.07 -12.85
CA LEU F 104 -53.63 76.22 -13.69
C LEU F 104 -55.05 76.73 -13.46
N VAL F 105 -55.21 78.02 -13.23
CA VAL F 105 -56.57 78.53 -13.07
C VAL F 105 -57.05 79.20 -14.35
N LEU F 106 -58.31 78.90 -14.64
CA LEU F 106 -59.09 79.55 -15.65
C LEU F 106 -60.31 80.08 -14.94
N ASN F 107 -60.61 81.34 -15.25
CA ASN F 107 -61.72 82.09 -14.71
C ASN F 107 -61.58 82.18 -13.19
N TYR F 108 -61.08 83.31 -12.70
CA TYR F 108 -60.93 83.46 -11.26
C TYR F 108 -62.31 83.40 -10.63
N PRO F 109 -62.45 82.59 -9.59
CA PRO F 109 -61.31 81.87 -9.02
C PRO F 109 -60.72 80.88 -10.02
N VAL F 110 -59.41 80.62 -9.89
CA VAL F 110 -58.73 80.95 -8.65
C VAL F 110 -59.49 80.19 -7.58
N GLU F 111 -59.79 78.91 -7.86
CA GLU F 111 -60.45 78.01 -6.89
C GLU F 111 -61.97 77.70 -6.98
N LYS F 112 -62.68 78.29 -7.93
CA LYS F 112 -64.07 77.90 -8.26
C LYS F 112 -64.17 78.06 -9.76
N PHE F 113 -64.92 77.19 -10.43
CA PHE F 113 -64.67 76.91 -11.84
C PHE F 113 -63.65 75.76 -11.97
N MET F 114 -63.31 75.38 -13.19
CA MET F 114 -62.59 74.13 -13.49
C MET F 114 -61.14 73.88 -13.00
N THR F 115 -60.24 74.86 -13.12
CA THR F 115 -58.83 74.63 -12.80
C THR F 115 -58.13 73.81 -13.90
N LEU F 116 -56.93 73.27 -13.62
CA LEU F 116 -56.29 72.40 -14.60
C LEU F 116 -55.07 71.75 -13.99
N PRO F 117 -55.17 70.45 -13.67
CA PRO F 117 -53.94 69.72 -13.37
C PRO F 117 -52.99 69.78 -14.56
N VAL F 118 -51.76 70.24 -14.30
CA VAL F 118 -50.76 70.43 -15.34
C VAL F 118 -49.43 69.87 -14.83
N LYS F 119 -48.66 69.21 -15.69
CA LYS F 119 -47.38 68.70 -15.18
C LYS F 119 -46.21 69.06 -16.09
N LEU F 120 -45.19 69.67 -15.49
CA LEU F 120 -44.02 70.18 -16.20
C LEU F 120 -42.79 69.35 -15.89
N SER F 121 -41.89 69.26 -16.87
CA SER F 121 -40.66 68.52 -16.71
C SER F 121 -39.46 69.36 -17.11
N ILE F 122 -38.63 69.69 -16.12
CA ILE F 122 -37.37 70.38 -16.33
C ILE F 122 -36.26 69.34 -16.50
N SER F 123 -35.47 69.49 -17.55
CA SER F 123 -34.51 68.48 -17.96
C SER F 123 -33.41 69.08 -18.83
N ASP F 124 -32.38 68.29 -19.08
CA ASP F 124 -31.28 68.66 -19.97
C ASP F 124 -30.68 70.01 -19.59
N ILE F 125 -30.33 70.15 -18.32
CA ILE F 125 -29.77 71.39 -17.83
C ILE F 125 -28.31 71.55 -18.28
N GLY F 126 -28.09 72.51 -19.16
CA GLY F 126 -26.74 72.82 -19.62
C GLY F 126 -26.00 73.64 -18.58
N LEU F 127 -24.72 73.34 -18.41
CA LEU F 127 -23.91 74.05 -17.43
C LEU F 127 -22.43 73.96 -17.79
N HIS F 128 -21.75 75.10 -17.68
CA HIS F 128 -20.32 75.15 -17.87
C HIS F 128 -19.80 76.28 -16.99
N SER F 129 -19.03 75.93 -15.97
CA SER F 129 -18.72 76.89 -14.92
C SER F 129 -17.44 76.59 -14.16
N LEU F 130 -17.03 77.54 -13.34
CA LEU F 130 -15.90 77.36 -12.44
C LEU F 130 -16.38 77.26 -11.01
N CYS F 131 -16.00 76.16 -10.37
CA CYS F 131 -16.37 75.87 -9.00
C CYS F 131 -15.14 75.75 -8.13
N ILE F 132 -15.28 75.96 -6.83
CA ILE F 132 -14.20 75.59 -5.92
C ILE F 132 -14.74 74.63 -4.88
N VAL F 133 -13.96 73.60 -4.59
CA VAL F 133 -14.36 72.65 -3.56
C VAL F 133 -13.35 72.68 -2.42
N ALA F 134 -13.80 73.16 -1.26
CA ALA F 134 -12.93 73.35 -0.11
C ALA F 134 -13.14 72.28 0.96
N CYS F 135 -12.04 71.75 1.46
CA CYS F 135 -12.10 70.87 2.62
C CYS F 135 -11.20 71.39 3.73
N LEU F 136 -11.83 71.80 4.83
CA LEU F 136 -11.17 71.93 6.12
C LEU F 136 -11.67 70.71 6.89
N SER F 137 -10.88 70.27 7.86
CA SER F 137 -11.22 69.17 8.76
C SER F 137 -12.49 69.36 9.57
N LYS F 138 -13.56 68.66 9.23
CA LYS F 138 -13.59 67.67 8.16
C LYS F 138 -14.73 68.18 7.22
N GLN F 139 -15.08 69.43 7.47
CA GLN F 139 -16.03 70.17 6.65
C GLN F 139 -15.73 70.02 5.15
N LEU F 140 -16.76 69.92 4.32
CA LEU F 140 -16.56 70.01 2.88
C LEU F 140 -17.40 71.13 2.32
N PHE F 141 -16.74 72.10 1.68
CA PHE F 141 -17.41 73.24 1.07
C PHE F 141 -17.40 73.16 -0.45
N LEU F 142 -18.59 73.17 -1.06
CA LEU F 142 -18.71 73.30 -2.50
C LEU F 142 -19.38 74.63 -2.87
N SER F 143 -18.84 75.25 -3.91
CA SER F 143 -19.37 76.48 -4.46
C SER F 143 -19.17 76.61 -5.95
N PHE F 144 -20.15 77.21 -6.63
CA PHE F 144 -19.99 77.63 -8.02
C PHE F 144 -19.57 79.08 -8.08
N LEU F 145 -18.31 79.33 -8.45
CA LEU F 145 -17.80 80.68 -8.57
C LEU F 145 -18.43 81.41 -9.75
N CYS F 146 -18.13 80.92 -10.94
CA CYS F 146 -18.36 81.71 -12.14
C CYS F 146 -18.86 80.88 -13.31
N ASP F 147 -19.19 81.55 -14.41
CA ASP F 147 -19.43 80.86 -15.67
C ASP F 147 -18.19 81.03 -16.54
N VAL F 148 -17.82 79.97 -17.25
CA VAL F 148 -16.59 79.94 -18.04
C VAL F 148 -16.45 81.14 -18.98
N SER F 149 -17.54 81.53 -19.61
CA SER F 149 -17.49 82.61 -20.60
C SER F 149 -17.98 83.96 -20.06
N ASP F 150 -17.81 84.16 -18.76
CA ASP F 150 -18.19 85.43 -18.12
C ASP F 150 -17.21 86.53 -18.54
N PRO F 151 -17.73 87.72 -18.86
CA PRO F 151 -16.95 88.83 -19.42
C PRO F 151 -15.79 89.31 -18.55
N ALA F 152 -15.82 89.01 -17.26
CA ALA F 152 -14.71 89.37 -16.39
C ALA F 152 -13.84 88.16 -16.10
N LEU F 153 -13.63 87.34 -17.13
CA LEU F 153 -12.61 86.31 -17.11
C LEU F 153 -11.72 86.48 -18.33
N ASP F 154 -12.04 87.52 -19.10
CA ASP F 154 -11.12 88.05 -20.10
C ASP F 154 -9.83 88.48 -19.39
N ASP F 155 -8.92 89.11 -20.13
CA ASP F 155 -7.69 89.65 -19.54
C ASP F 155 -6.85 88.53 -18.88
N ASN F 156 -7.25 87.28 -19.11
CA ASN F 156 -6.90 86.12 -18.27
C ASN F 156 -6.84 86.52 -16.80
N GLN F 157 -7.95 87.10 -16.33
CA GLN F 157 -8.10 87.40 -14.92
C GLN F 157 -8.13 86.09 -14.17
N THR F 158 -7.28 85.94 -13.16
CA THR F 158 -7.33 84.71 -12.39
C THR F 158 -8.50 84.82 -11.43
N VAL F 159 -9.26 83.74 -11.32
CA VAL F 159 -10.54 83.76 -10.63
C VAL F 159 -10.39 83.79 -9.11
N LEU F 160 -9.26 83.29 -8.61
CA LEU F 160 -9.06 83.18 -7.17
C LEU F 160 -8.57 84.48 -6.54
N ASP F 161 -8.41 85.52 -7.34
CA ASP F 161 -8.08 86.85 -6.83
C ASP F 161 -9.24 87.40 -6.01
N PRO F 162 -9.04 87.56 -4.70
CA PRO F 162 -10.13 87.93 -3.79
C PRO F 162 -10.66 89.35 -3.98
N LYS F 163 -9.82 90.27 -4.45
CA LYS F 163 -10.31 91.62 -4.72
C LYS F 163 -10.78 91.69 -6.17
N GLY F 164 -10.58 90.60 -6.90
CA GLY F 164 -11.18 90.42 -8.20
C GLY F 164 -12.69 90.46 -8.05
N PRO F 165 -13.38 90.81 -9.14
CA PRO F 165 -14.83 91.01 -9.25
C PRO F 165 -15.67 89.83 -8.74
N ILE F 166 -15.33 88.63 -9.22
CA ILE F 166 -16.13 87.44 -8.97
C ILE F 166 -16.17 87.04 -7.50
N LEU F 167 -15.00 87.05 -6.86
CA LEU F 167 -14.91 86.65 -5.46
C LEU F 167 -15.44 87.74 -4.54
N ALA F 168 -15.30 88.99 -4.96
CA ALA F 168 -15.80 90.12 -4.20
C ALA F 168 -17.32 90.18 -4.27
N ALA F 169 -17.88 89.70 -5.38
CA ALA F 169 -19.32 89.68 -5.63
C ALA F 169 -19.95 91.04 -5.36
N THR F 170 -19.27 92.10 -5.80
CA THR F 170 -19.75 93.45 -5.60
C THR F 170 -20.79 93.82 -6.66
N LYS F 171 -20.76 93.11 -7.78
CA LYS F 171 -21.74 93.32 -8.85
C LYS F 171 -22.40 92.01 -9.26
N PRO F 172 -23.18 91.41 -8.36
CA PRO F 172 -23.84 90.13 -8.62
C PRO F 172 -24.68 90.23 -9.87
N LEU F 173 -24.99 91.48 -10.20
CA LEU F 173 -26.01 91.79 -11.16
C LEU F 173 -25.51 91.67 -12.60
N GLU F 174 -24.23 91.93 -12.86
CA GLU F 174 -23.69 91.76 -14.21
C GLU F 174 -23.19 90.33 -14.52
N ARG F 175 -23.03 89.49 -13.49
CA ARG F 175 -22.46 88.17 -13.69
C ARG F 175 -23.40 87.26 -14.48
N ILE F 176 -22.87 86.65 -15.54
CA ILE F 176 -23.64 85.71 -16.34
C ILE F 176 -24.14 84.57 -15.46
N SER F 177 -25.30 84.06 -15.82
CA SER F 177 -26.05 83.06 -15.07
C SER F 177 -25.41 81.66 -15.12
N ILE F 178 -25.28 80.97 -13.98
CA ILE F 178 -24.55 79.70 -13.97
C ILE F 178 -25.23 78.68 -14.90
N VAL F 179 -26.55 78.64 -14.91
CA VAL F 179 -27.27 77.82 -15.89
C VAL F 179 -27.25 78.39 -17.31
N ARG F 180 -26.72 77.62 -18.25
CA ARG F 180 -26.72 78.04 -19.64
C ARG F 180 -28.02 77.68 -20.34
N SER F 181 -28.40 76.41 -20.23
CA SER F 181 -29.57 75.92 -20.94
C SER F 181 -30.52 75.14 -20.03
N MET F 182 -31.74 74.93 -20.51
CA MET F 182 -32.78 74.24 -19.77
C MET F 182 -33.93 73.87 -20.70
N LYS F 183 -34.49 72.66 -20.53
CA LYS F 183 -35.65 72.23 -21.32
C LYS F 183 -36.83 71.89 -20.40
N ILE F 184 -37.98 72.52 -20.62
CA ILE F 184 -39.15 72.44 -19.73
C ILE F 184 -40.43 72.14 -20.47
N GLU F 185 -40.86 70.90 -20.61
CA GLU F 185 -42.17 70.83 -21.26
C GLU F 185 -43.32 70.24 -20.46
N THR F 186 -44.51 70.56 -20.95
CA THR F 186 -45.72 70.49 -20.19
C THR F 186 -46.70 69.52 -20.79
N GLU F 187 -47.35 68.74 -19.95
CA GLU F 187 -48.46 67.96 -20.44
C GLU F 187 -49.72 68.34 -19.67
N ILE F 188 -50.79 68.44 -20.45
CA ILE F 188 -52.10 68.89 -20.03
C ILE F 188 -53.14 68.05 -20.74
N GLY F 189 -54.33 67.99 -20.14
CA GLY F 189 -55.21 66.85 -20.26
C GLY F 189 -56.61 67.18 -20.71
N GLU F 190 -57.28 66.17 -21.26
CA GLU F 190 -58.49 66.42 -21.98
C GLU F 190 -57.97 67.01 -23.27
N GLN F 191 -58.82 67.75 -23.97
CA GLN F 191 -58.40 68.35 -25.22
C GLN F 191 -57.73 69.71 -25.02
N TYR F 192 -57.63 70.20 -23.78
CA TYR F 192 -57.31 71.60 -23.61
C TYR F 192 -56.24 71.96 -24.62
N GLN F 193 -55.91 70.95 -25.44
CA GLN F 193 -55.02 71.08 -26.58
C GLN F 193 -55.39 72.24 -27.51
N GLY F 194 -56.68 72.48 -27.66
CA GLY F 194 -57.19 73.36 -28.69
C GLY F 194 -57.23 74.84 -28.36
N GLN F 195 -57.57 75.15 -27.10
CA GLN F 195 -57.69 76.55 -26.69
C GLN F 195 -56.34 77.24 -26.64
N GLY F 196 -56.26 78.40 -27.29
CA GLY F 196 -55.03 79.16 -27.34
C GLY F 196 -54.68 79.80 -26.01
N SER F 197 -55.71 80.23 -25.28
CA SER F 197 -55.53 80.87 -23.98
C SER F 197 -54.82 79.94 -23.00
N VAL F 198 -55.25 78.67 -22.97
CA VAL F 198 -54.65 77.66 -22.12
C VAL F 198 -53.15 77.53 -22.40
N LEU F 199 -52.80 77.45 -23.68
CA LEU F 199 -51.40 77.25 -24.07
C LEU F 199 -50.56 78.50 -23.83
N ARG F 200 -51.18 79.67 -23.88
CA ARG F 200 -50.45 80.90 -23.58
C ARG F 200 -50.17 80.97 -22.08
N SER F 201 -51.14 80.54 -21.27
CA SER F 201 -50.96 80.44 -19.84
C SER F 201 -49.83 79.46 -19.53
N VAL F 202 -49.83 78.35 -20.28
CA VAL F 202 -48.81 77.33 -20.16
C VAL F 202 -47.43 77.87 -20.48
N GLY F 203 -47.34 78.69 -21.54
CA GLY F 203 -46.07 79.29 -21.93
C GLY F 203 -45.53 80.24 -20.88
N GLU F 204 -46.40 81.13 -20.40
CA GLU F 204 -46.01 82.07 -19.36
C GLU F 204 -45.55 81.32 -18.10
N LEU F 205 -46.25 80.23 -17.78
CA LEU F 205 -45.86 79.40 -16.65
C LEU F 205 -44.49 78.76 -16.87
N GLU F 206 -44.25 78.30 -18.09
CA GLU F 206 -42.97 77.68 -18.44
C GLU F 206 -41.82 78.67 -18.22
N GLN F 207 -42.02 79.90 -18.68
CA GLN F 207 -40.98 80.91 -18.53
C GLN F 207 -40.76 81.31 -17.07
N PHE F 208 -41.87 81.56 -16.36
CA PHE F 208 -41.81 81.89 -14.93
C PHE F 208 -41.07 80.80 -14.16
N LEU F 209 -41.34 79.56 -14.52
CA LEU F 209 -40.69 78.41 -13.89
C LEU F 209 -39.20 78.40 -14.19
N PHE F 210 -38.85 78.61 -15.46
CA PHE F 210 -37.46 78.70 -15.90
C PHE F 210 -36.68 79.70 -15.04
N THR F 211 -37.18 80.94 -15.01
CA THR F 211 -36.57 82.00 -14.22
C THR F 211 -36.45 81.62 -12.75
N ILE F 212 -37.54 81.09 -12.19
CA ILE F 212 -37.57 80.66 -10.79
C ILE F 212 -36.47 79.66 -10.46
N PHE F 213 -36.33 78.65 -11.33
CA PHE F 213 -35.35 77.59 -11.13
C PHE F 213 -33.94 78.15 -11.21
N LYS F 214 -33.70 78.99 -12.21
CA LYS F 214 -32.42 79.68 -12.33
C LYS F 214 -32.08 80.40 -11.02
N ASP F 215 -33.00 81.22 -10.54
CA ASP F 215 -32.77 81.98 -9.32
C ASP F 215 -32.51 81.06 -8.11
N PHE F 216 -33.19 79.91 -8.10
CA PHE F 216 -32.97 78.92 -7.06
C PHE F 216 -31.53 78.44 -7.05
N LEU F 217 -31.03 78.08 -8.23
CA LEU F 217 -29.66 77.61 -8.34
C LEU F 217 -28.64 78.74 -8.07
N ARG F 218 -28.99 79.99 -8.37
CA ARG F 218 -28.11 81.11 -7.98
C ARG F 218 -28.01 81.21 -6.48
N LYS F 219 -29.16 81.18 -5.82
CA LYS F 219 -29.21 81.40 -4.38
C LYS F 219 -28.71 80.20 -3.59
N GLU F 220 -28.57 79.05 -4.26
CA GLU F 220 -28.12 77.86 -3.56
C GLU F 220 -26.66 77.49 -3.87
N LEU F 221 -26.16 77.85 -5.05
CA LEU F 221 -24.85 77.37 -5.49
C LEU F 221 -23.84 78.44 -5.92
N ALA F 222 -24.31 79.59 -6.37
CA ALA F 222 -23.43 80.61 -6.94
C ALA F 222 -22.73 81.48 -5.88
N TRP F 223 -21.50 81.93 -6.18
CA TRP F 223 -20.75 82.78 -5.26
C TRP F 223 -21.50 84.12 -5.15
N PRO F 224 -21.90 84.52 -3.93
CA PRO F 224 -21.56 84.07 -2.56
C PRO F 224 -22.47 83.09 -1.76
N SER F 225 -23.03 82.05 -2.36
CA SER F 225 -23.91 81.11 -1.62
C SER F 225 -23.45 79.64 -1.67
N TRP F 226 -23.01 79.07 -0.54
CA TRP F 226 -22.38 77.74 -0.53
C TRP F 226 -23.21 76.57 -0.05
N ILE F 227 -22.82 75.39 -0.51
CA ILE F 227 -23.31 74.17 0.09
C ILE F 227 -22.15 73.57 0.86
N ASN F 228 -22.40 73.13 2.09
CA ASN F 228 -21.35 72.44 2.82
C ASN F 228 -21.90 71.27 3.60
N LEU F 229 -21.22 70.13 3.51
CA LEU F 229 -21.63 68.96 4.27
C LEU F 229 -20.45 68.12 4.74
N ASP F 230 -20.78 67.08 5.51
CA ASP F 230 -19.81 66.19 6.13
C ASP F 230 -20.38 64.77 6.19
C17 PEE G . 14.96 -63.25 26.65
C16 PEE G . 13.79 -63.38 27.62
C15 PEE G . 14.04 -64.55 28.57
C14 PEE G . 12.71 -65.00 29.17
C13 PEE G . 12.93 -65.45 30.61
C12 PEE G . 11.59 -65.47 31.34
C11 PEE G . 11.63 -64.48 32.50
C10 PEE G . 10.43 -64.70 33.41
O4 PEE G . 9.46 -65.27 33.05
O2 PEE G . 10.57 -64.21 34.65
C2 PEE G . 9.91 -65.00 35.68
C1 PEE G . 8.40 -64.93 35.48
O3P PEE G . 7.87 -66.23 35.50
P PEE G . 6.86 -66.65 36.73
O2P PEE G . 5.47 -66.88 36.20
O1P PEE G . 6.82 -65.54 37.76
O4P PEE G . 7.41 -68.04 37.45
C4 PEE G . 7.94 -69.04 36.63
C5 PEE G . 7.45 -70.40 37.12
N PEE G . 6.31 -70.83 36.30
C3 PEE G . 10.37 -66.45 35.58
O3 PEE G . 11.68 -66.50 34.97
C30 PEE G . 12.65 -66.91 35.78
O5 PEE G . 12.44 -67.55 36.75
C31 PEE G . 14.06 -66.49 35.36
C32 PEE G . 14.67 -67.58 34.47
C33 PEE G . 16.05 -67.13 34.01
C34 PEE G . 15.93 -66.40 32.68
C35 PEE G . 16.66 -67.19 31.59
C36 PEE G . 16.85 -66.31 30.36
C37 PEE G . 17.38 -67.16 29.21
C17 PEE H . 7.18 7.75 -6.79
C16 PEE H . 8.33 7.52 -7.76
C15 PEE H . 8.74 8.84 -8.40
C14 PEE H . 10.12 8.69 -9.05
C13 PEE H . 10.68 10.06 -9.37
C12 PEE H . 12.04 9.91 -10.04
C11 PEE H . 12.58 11.29 -10.42
C10 PEE H . 14.01 11.16 -10.93
O4 PEE H . 14.30 11.23 -12.06
O2 PEE H . 14.92 10.96 -9.95
C2 PEE H . 16.09 11.83 -10.06
C1 PEE H . 16.82 11.54 -11.36
O3P PEE H . 16.38 12.41 -12.35
P PEE H . 17.25 12.51 -13.76
O2P PEE H . 16.85 11.37 -14.66
O1P PEE H . 18.72 12.43 -13.45
O4P PEE H . 16.91 13.94 -14.51
C4 PEE H . 15.58 14.24 -14.81
C5 PEE H . 15.54 15.23 -15.98
N PEE H . 15.50 14.51 -17.23
C3 PEE H . 15.66 13.29 -10.03
O3 PEE H . 14.42 13.43 -10.78
C30 PEE H . 13.80 14.59 -10.57
O5 PEE H . 13.83 15.49 -11.35
C31 PEE H . 13.04 14.68 -9.25
C32 PEE H . 11.82 15.57 -9.41
C33 PEE H . 11.06 15.65 -8.09
C34 PEE H . 10.52 14.26 -7.75
C35 PEE H . 9.15 14.07 -8.38
C36 PEE H . 8.62 12.67 -8.06
C37 PEE H . 7.68 12.22 -9.16
#